data_7AV6
# 
_entry.id   7AV6 
# 
_audit_conform.dict_name       mmcif_pdbx.dic 
_audit_conform.dict_version    5.384 
_audit_conform.dict_location   http://mmcif.pdb.org/dictionaries/ascii/mmcif_pdbx.dic 
# 
loop_
_database_2.database_id 
_database_2.database_code 
_database_2.pdbx_database_accession 
_database_2.pdbx_DOI 
PDB   7AV6         pdb_00007av6 10.2210/pdb7av6/pdb 
WWPDB D_1292112082 ?            ?                   
# 
loop_
_pdbx_audit_revision_history.ordinal 
_pdbx_audit_revision_history.data_content_type 
_pdbx_audit_revision_history.major_revision 
_pdbx_audit_revision_history.minor_revision 
_pdbx_audit_revision_history.revision_date 
1 'Structure model' 1 0 2021-06-09 
2 'Structure model' 1 1 2024-01-31 
# 
_pdbx_audit_revision_details.ordinal             1 
_pdbx_audit_revision_details.revision_ordinal    1 
_pdbx_audit_revision_details.data_content_type   'Structure model' 
_pdbx_audit_revision_details.provider            repository 
_pdbx_audit_revision_details.type                'Initial release' 
_pdbx_audit_revision_details.description         ? 
_pdbx_audit_revision_details.details             ? 
# 
loop_
_pdbx_audit_revision_group.ordinal 
_pdbx_audit_revision_group.revision_ordinal 
_pdbx_audit_revision_group.data_content_type 
_pdbx_audit_revision_group.group 
1 2 'Structure model' 'Data collection'        
2 2 'Structure model' 'Database references'    
3 2 'Structure model' 'Refinement description' 
# 
loop_
_pdbx_audit_revision_category.ordinal 
_pdbx_audit_revision_category.revision_ordinal 
_pdbx_audit_revision_category.data_content_type 
_pdbx_audit_revision_category.category 
1 2 'Structure model' chem_comp_atom                
2 2 'Structure model' chem_comp_bond                
3 2 'Structure model' database_2                    
4 2 'Structure model' pdbx_initial_refinement_model 
# 
loop_
_pdbx_audit_revision_item.ordinal 
_pdbx_audit_revision_item.revision_ordinal 
_pdbx_audit_revision_item.data_content_type 
_pdbx_audit_revision_item.item 
1 2 'Structure model' '_database_2.pdbx_DOI'                
2 2 'Structure model' '_database_2.pdbx_database_accession' 
# 
_pdbx_database_status.status_code                     REL 
_pdbx_database_status.status_code_sf                  REL 
_pdbx_database_status.status_code_mr                  ? 
_pdbx_database_status.entry_id                        7AV6 
_pdbx_database_status.recvd_initial_deposition_date   2020-11-04 
_pdbx_database_status.SG_entry                        N 
_pdbx_database_status.deposit_site                    PDBE 
_pdbx_database_status.process_site                    PDBE 
_pdbx_database_status.status_code_cs                  ? 
_pdbx_database_status.status_code_nmr_data            ? 
_pdbx_database_status.methods_development_category    ? 
_pdbx_database_status.pdb_format_compatible           Y 
# 
loop_
_audit_author.name 
_audit_author.pdbx_ordinal 
_audit_author.identifier_ORCID 
'Bukhdruker, S.'    1  0000-0002-0157-532X 
'Remeeva, A.'       2  0000-0003-3977-3679 
'Ruchkin, D.'       3  ?                   
'Gorbachev, D.'     4  ?                   
'Povarova, N.'      5  ?                   
'Mineev, K.'        6  0000-0002-2418-9421 
'Goncharuk, S.'     7  0000-0002-0263-6462 
'Baranov, M.'       8  0000-0002-9339-7603 
'Mishin, A.'        9  0000-0003-3759-380X 
'Borshchevskiy, V.' 10 0000-0003-4398-9712 
# 
_citation.abstract                  ? 
_citation.abstract_id_CAS           ? 
_citation.book_id_ISBN              ? 
_citation.book_publisher            ? 
_citation.book_publisher_city       ? 
_citation.book_title                ? 
_citation.coordinate_linkage        ? 
_citation.country                   UK 
_citation.database_id_Medline       ? 
_citation.details                   ? 
_citation.id                        primary 
_citation.journal_abbrev            'Chem Sci' 
_citation.journal_id_ASTM           ? 
_citation.journal_id_CSD            ? 
_citation.journal_id_ISSN           2041-6520 
_citation.journal_full              ? 
_citation.journal_issue             ? 
_citation.journal_volume            12 
_citation.language                  ? 
_citation.page_first                6719 
_citation.page_last                 6725 
_citation.title                     
'NanoFAST: structure-based design of a small fluorogen-activating protein with only 98 amino acids.' 
_citation.year                      2021 
_citation.database_id_CSD           ? 
_citation.pdbx_database_id_DOI      10.1039/d1sc01454d 
_citation.pdbx_database_id_PubMed   34040747 
_citation.unpublished_flag          ? 
# 
loop_
_citation_author.citation_id 
_citation_author.name 
_citation_author.ordinal 
_citation_author.identifier_ORCID 
primary 'Mineev, K.S.'      1  0000-0002-2418-9421 
primary 'Goncharuk, S.A.'   2  ?                   
primary 'Goncharuk, M.V.'   3  ?                   
primary 'Povarova, N.V.'    4  ?                   
primary 'Sokolov, A.I.'     5  ?                   
primary 'Baleeva, N.S.'     6  ?                   
primary 'Smirnov, A.Y.'     7  0000-0002-1545-6604 
primary 'Myasnyanko, I.N.'  8  0000-0002-2168-3555 
primary 'Ruchkin, D.A.'     9  ?                   
primary 'Bukhdruker, S.'    10 ?                   
primary 'Remeeva, A.'       11 ?                   
primary 'Mishin, A.'        12 0000-0003-3759-380X 
primary 'Borshchevskiy, V.' 13 ?                   
primary 'Gordeliy, V.'      14 ?                   
primary 'Arseniev, A.S.'    15 ?                   
primary 'Gorbachev, D.A.'   16 ?                   
primary 'Gavrikov, A.S.'    17 ?                   
primary 'Mishin, A.S.'      18 0000-0002-4935-7030 
primary 'Baranov, M.S.'     19 0000-0002-9339-7603 
# 
loop_
_entity.id 
_entity.type 
_entity.src_method 
_entity.pdbx_description 
_entity.formula_weight 
_entity.pdbx_number_of_molecules 
_entity.pdbx_ec 
_entity.pdbx_mutation 
_entity.pdbx_fragment 
_entity.details 
1 polymer     man 'Photoactive yellow protein' 15249.174 1  ? ? ? FAST 
2 non-polymer syn 'FORMIC ACID'                46.025    2  ? ? ? ?    
3 water       nat water                        18.015    21 ? ? ? ?    
# 
_entity_name_com.entity_id   1 
_entity_name_com.name        'PYP; FAST' 
# 
_entity_poly.entity_id                      1 
_entity_poly.type                           'polypeptide(L)' 
_entity_poly.nstd_linkage                   no 
_entity_poly.nstd_monomer                   no 
_entity_poly.pdbx_seq_one_letter_code       
;MEHVAFGSEDIENTLAKMDDGQLDGLAFGAIQLDGDGNILQYNAAEGDITGRDPKQVIGKNFFKDVAPGTDSPEFYGKFK
EGVASGNLNTMFEWMIPTSRGPTKVKVHMKKALSGDSYWVFVKRVKLAAALEHHHHHH
;
_entity_poly.pdbx_seq_one_letter_code_can   
;MEHVAFGSEDIENTLAKMDDGQLDGLAFGAIQLDGDGNILQYNAAEGDITGRDPKQVIGKNFFKDVAPGTDSPEFYGKFK
EGVASGNLNTMFEWMIPTSRGPTKVKVHMKKALSGDSYWVFVKRVKLAAALEHHHHHH
;
_entity_poly.pdbx_strand_id                 A 
_entity_poly.pdbx_target_identifier         ? 
# 
loop_
_pdbx_entity_nonpoly.entity_id 
_pdbx_entity_nonpoly.name 
_pdbx_entity_nonpoly.comp_id 
2 'FORMIC ACID' FMT 
3 water         HOH 
# 
loop_
_entity_poly_seq.entity_id 
_entity_poly_seq.num 
_entity_poly_seq.mon_id 
_entity_poly_seq.hetero 
1 1   MET n 
1 2   GLU n 
1 3   HIS n 
1 4   VAL n 
1 5   ALA n 
1 6   PHE n 
1 7   GLY n 
1 8   SER n 
1 9   GLU n 
1 10  ASP n 
1 11  ILE n 
1 12  GLU n 
1 13  ASN n 
1 14  THR n 
1 15  LEU n 
1 16  ALA n 
1 17  LYS n 
1 18  MET n 
1 19  ASP n 
1 20  ASP n 
1 21  GLY n 
1 22  GLN n 
1 23  LEU n 
1 24  ASP n 
1 25  GLY n 
1 26  LEU n 
1 27  ALA n 
1 28  PHE n 
1 29  GLY n 
1 30  ALA n 
1 31  ILE n 
1 32  GLN n 
1 33  LEU n 
1 34  ASP n 
1 35  GLY n 
1 36  ASP n 
1 37  GLY n 
1 38  ASN n 
1 39  ILE n 
1 40  LEU n 
1 41  GLN n 
1 42  TYR n 
1 43  ASN n 
1 44  ALA n 
1 45  ALA n 
1 46  GLU n 
1 47  GLY n 
1 48  ASP n 
1 49  ILE n 
1 50  THR n 
1 51  GLY n 
1 52  ARG n 
1 53  ASP n 
1 54  PRO n 
1 55  LYS n 
1 56  GLN n 
1 57  VAL n 
1 58  ILE n 
1 59  GLY n 
1 60  LYS n 
1 61  ASN n 
1 62  PHE n 
1 63  PHE n 
1 64  LYS n 
1 65  ASP n 
1 66  VAL n 
1 67  ALA n 
1 68  PRO n 
1 69  GLY n 
1 70  THR n 
1 71  ASP n 
1 72  SER n 
1 73  PRO n 
1 74  GLU n 
1 75  PHE n 
1 76  TYR n 
1 77  GLY n 
1 78  LYS n 
1 79  PHE n 
1 80  LYS n 
1 81  GLU n 
1 82  GLY n 
1 83  VAL n 
1 84  ALA n 
1 85  SER n 
1 86  GLY n 
1 87  ASN n 
1 88  LEU n 
1 89  ASN n 
1 90  THR n 
1 91  MET n 
1 92  PHE n 
1 93  GLU n 
1 94  TRP n 
1 95  MET n 
1 96  ILE n 
1 97  PRO n 
1 98  THR n 
1 99  SER n 
1 100 ARG n 
1 101 GLY n 
1 102 PRO n 
1 103 THR n 
1 104 LYS n 
1 105 VAL n 
1 106 LYS n 
1 107 VAL n 
1 108 HIS n 
1 109 MET n 
1 110 LYS n 
1 111 LYS n 
1 112 ALA n 
1 113 LEU n 
1 114 SER n 
1 115 GLY n 
1 116 ASP n 
1 117 SER n 
1 118 TYR n 
1 119 TRP n 
1 120 VAL n 
1 121 PHE n 
1 122 VAL n 
1 123 LYS n 
1 124 ARG n 
1 125 VAL n 
1 126 LYS n 
1 127 LEU n 
1 128 ALA n 
1 129 ALA n 
1 130 ALA n 
1 131 LEU n 
1 132 GLU n 
1 133 HIS n 
1 134 HIS n 
1 135 HIS n 
1 136 HIS n 
1 137 HIS n 
1 138 HIS n 
# 
_entity_src_gen.entity_id                          1 
_entity_src_gen.pdbx_src_id                        1 
_entity_src_gen.pdbx_alt_source_flag               sample 
_entity_src_gen.pdbx_seq_type                      'Biological sequence' 
_entity_src_gen.pdbx_beg_seq_num                   1 
_entity_src_gen.pdbx_end_seq_num                   138 
_entity_src_gen.gene_src_common_name               ? 
_entity_src_gen.gene_src_genus                     ? 
_entity_src_gen.pdbx_gene_src_gene                 pyp 
_entity_src_gen.gene_src_species                   ? 
_entity_src_gen.gene_src_strain                    ? 
_entity_src_gen.gene_src_tissue                    ? 
_entity_src_gen.gene_src_tissue_fraction           ? 
_entity_src_gen.gene_src_details                   ? 
_entity_src_gen.pdbx_gene_src_fragment             ? 
_entity_src_gen.pdbx_gene_src_scientific_name      'Halorhodospira halophila' 
_entity_src_gen.pdbx_gene_src_ncbi_taxonomy_id     1053 
_entity_src_gen.pdbx_gene_src_variant              ? 
_entity_src_gen.pdbx_gene_src_cell_line            ? 
_entity_src_gen.pdbx_gene_src_atcc                 ? 
_entity_src_gen.pdbx_gene_src_organ                ? 
_entity_src_gen.pdbx_gene_src_organelle            ? 
_entity_src_gen.pdbx_gene_src_cell                 ? 
_entity_src_gen.pdbx_gene_src_cellular_location    ? 
_entity_src_gen.host_org_common_name               ? 
_entity_src_gen.pdbx_host_org_scientific_name      'Escherichia coli BL21(DE3)' 
_entity_src_gen.pdbx_host_org_ncbi_taxonomy_id     469008 
_entity_src_gen.host_org_genus                     ? 
_entity_src_gen.pdbx_host_org_gene                 ? 
_entity_src_gen.pdbx_host_org_organ                ? 
_entity_src_gen.host_org_species                   ? 
_entity_src_gen.pdbx_host_org_tissue               ? 
_entity_src_gen.pdbx_host_org_tissue_fraction      ? 
_entity_src_gen.pdbx_host_org_strain               ? 
_entity_src_gen.pdbx_host_org_variant              ? 
_entity_src_gen.pdbx_host_org_cell_line            ? 
_entity_src_gen.pdbx_host_org_atcc                 ? 
_entity_src_gen.pdbx_host_org_culture_collection   ? 
_entity_src_gen.pdbx_host_org_cell                 ? 
_entity_src_gen.pdbx_host_org_organelle            ? 
_entity_src_gen.pdbx_host_org_cellular_location    ? 
_entity_src_gen.pdbx_host_org_vector_type          ? 
_entity_src_gen.pdbx_host_org_vector               ? 
_entity_src_gen.host_org_details                   ? 
_entity_src_gen.expression_system_id               ? 
_entity_src_gen.plasmid_name                       pET-24b 
_entity_src_gen.plasmid_details                    ? 
_entity_src_gen.pdbx_description                   ? 
# 
loop_
_chem_comp.id 
_chem_comp.type 
_chem_comp.mon_nstd_flag 
_chem_comp.name 
_chem_comp.pdbx_synonyms 
_chem_comp.formula 
_chem_comp.formula_weight 
ALA 'L-peptide linking' y ALANINE         ? 'C3 H7 N O2'     89.093  
ARG 'L-peptide linking' y ARGININE        ? 'C6 H15 N4 O2 1' 175.209 
ASN 'L-peptide linking' y ASPARAGINE      ? 'C4 H8 N2 O3'    132.118 
ASP 'L-peptide linking' y 'ASPARTIC ACID' ? 'C4 H7 N O4'     133.103 
CYS 'L-peptide linking' y CYSTEINE        ? 'C3 H7 N O2 S'   121.158 
FMT non-polymer         . 'FORMIC ACID'   ? 'C H2 O2'        46.025  
GLN 'L-peptide linking' y GLUTAMINE       ? 'C5 H10 N2 O3'   146.144 
GLU 'L-peptide linking' y 'GLUTAMIC ACID' ? 'C5 H9 N O4'     147.129 
GLY 'peptide linking'   y GLYCINE         ? 'C2 H5 N O2'     75.067  
HIS 'L-peptide linking' y HISTIDINE       ? 'C6 H10 N3 O2 1' 156.162 
HOH non-polymer         . WATER           ? 'H2 O'           18.015  
ILE 'L-peptide linking' y ISOLEUCINE      ? 'C6 H13 N O2'    131.173 
LEU 'L-peptide linking' y LEUCINE         ? 'C6 H13 N O2'    131.173 
LYS 'L-peptide linking' y LYSINE          ? 'C6 H15 N2 O2 1' 147.195 
MET 'L-peptide linking' y METHIONINE      ? 'C5 H11 N O2 S'  149.211 
PHE 'L-peptide linking' y PHENYLALANINE   ? 'C9 H11 N O2'    165.189 
PRO 'L-peptide linking' y PROLINE         ? 'C5 H9 N O2'     115.130 
SER 'L-peptide linking' y SERINE          ? 'C3 H7 N O3'     105.093 
THR 'L-peptide linking' y THREONINE       ? 'C4 H9 N O3'     119.119 
TRP 'L-peptide linking' y TRYPTOPHAN      ? 'C11 H12 N2 O2'  204.225 
TYR 'L-peptide linking' y TYROSINE        ? 'C9 H11 N O3'    181.189 
VAL 'L-peptide linking' y VALINE          ? 'C5 H11 N O2'    117.146 
# 
loop_
_pdbx_poly_seq_scheme.asym_id 
_pdbx_poly_seq_scheme.entity_id 
_pdbx_poly_seq_scheme.seq_id 
_pdbx_poly_seq_scheme.mon_id 
_pdbx_poly_seq_scheme.ndb_seq_num 
_pdbx_poly_seq_scheme.pdb_seq_num 
_pdbx_poly_seq_scheme.auth_seq_num 
_pdbx_poly_seq_scheme.pdb_mon_id 
_pdbx_poly_seq_scheme.auth_mon_id 
_pdbx_poly_seq_scheme.pdb_strand_id 
_pdbx_poly_seq_scheme.pdb_ins_code 
_pdbx_poly_seq_scheme.hetero 
A 1 1   MET 1   1   ?   ?   ?   A . n 
A 1 2   GLU 2   2   ?   ?   ?   A . n 
A 1 3   HIS 3   3   ?   ?   ?   A . n 
A 1 4   VAL 4   4   ?   ?   ?   A . n 
A 1 5   ALA 5   5   ?   ?   ?   A . n 
A 1 6   PHE 6   6   ?   ?   ?   A . n 
A 1 7   GLY 7   7   ?   ?   ?   A . n 
A 1 8   SER 8   8   ?   ?   ?   A . n 
A 1 9   GLU 9   9   ?   ?   ?   A . n 
A 1 10  ASP 10  10  ?   ?   ?   A . n 
A 1 11  ILE 11  11  ?   ?   ?   A . n 
A 1 12  GLU 12  12  ?   ?   ?   A . n 
A 1 13  ASN 13  13  ?   ?   ?   A . n 
A 1 14  THR 14  14  ?   ?   ?   A . n 
A 1 15  LEU 15  15  ?   ?   ?   A . n 
A 1 16  ALA 16  16  ?   ?   ?   A . n 
A 1 17  LYS 17  17  ?   ?   ?   A . n 
A 1 18  MET 18  18  ?   ?   ?   A . n 
A 1 19  ASP 19  19  ?   ?   ?   A . n 
A 1 20  ASP 20  20  ?   ?   ?   A . n 
A 1 21  GLY 21  21  ?   ?   ?   A . n 
A 1 22  GLN 22  22  ?   ?   ?   A . n 
A 1 23  LEU 23  23  ?   ?   ?   A . n 
A 1 24  ASP 24  24  ?   ?   ?   A . n 
A 1 25  GLY 25  25  25  GLY GLY A . n 
A 1 26  LEU 26  26  26  LEU LEU A . n 
A 1 27  ALA 27  27  27  ALA ALA A . n 
A 1 28  PHE 28  28  28  PHE PHE A . n 
A 1 29  GLY 29  29  29  GLY GLY A . n 
A 1 30  ALA 30  30  30  ALA ALA A . n 
A 1 31  ILE 31  31  31  ILE ILE A . n 
A 1 32  GLN 32  32  32  GLN GLN A . n 
A 1 33  LEU 33  33  33  LEU LEU A . n 
A 1 34  ASP 34  34  34  ASP ASP A . n 
A 1 35  GLY 35  35  35  GLY GLY A . n 
A 1 36  ASP 36  36  36  ASP ASP A . n 
A 1 37  GLY 37  37  37  GLY GLY A . n 
A 1 38  ASN 38  38  38  ASN ASN A . n 
A 1 39  ILE 39  39  39  ILE ILE A . n 
A 1 40  LEU 40  40  40  LEU LEU A . n 
A 1 41  GLN 41  41  41  GLN GLN A . n 
A 1 42  TYR 42  42  42  TYR TYR A . n 
A 1 43  ASN 43  43  43  ASN ASN A . n 
A 1 44  ALA 44  44  44  ALA ALA A . n 
A 1 45  ALA 45  45  ?   ?   ?   A . n 
A 1 46  GLU 46  46  ?   ?   ?   A . n 
A 1 47  GLY 47  47  ?   ?   ?   A . n 
A 1 48  ASP 48  48  48  ASP ASP A . n 
A 1 49  ILE 49  49  49  ILE ILE A . n 
A 1 50  THR 50  50  50  THR THR A . n 
A 1 51  GLY 51  51  51  GLY GLY A . n 
A 1 52  ARG 52  52  52  ARG ARG A . n 
A 1 53  ASP 53  53  53  ASP ASP A . n 
A 1 54  PRO 54  54  54  PRO PRO A . n 
A 1 55  LYS 55  55  55  LYS LYS A . n 
A 1 56  GLN 56  56  56  GLN GLN A . n 
A 1 57  VAL 57  57  57  VAL VAL A . n 
A 1 58  ILE 58  58  58  ILE ILE A . n 
A 1 59  GLY 59  59  59  GLY GLY A . n 
A 1 60  LYS 60  60  60  LYS LYS A . n 
A 1 61  ASN 61  61  61  ASN ASN A . n 
A 1 62  PHE 62  62  62  PHE PHE A . n 
A 1 63  PHE 63  63  63  PHE PHE A . n 
A 1 64  LYS 64  64  64  LYS LYS A . n 
A 1 65  ASP 65  65  65  ASP ASP A . n 
A 1 66  VAL 66  66  66  VAL VAL A . n 
A 1 67  ALA 67  67  67  ALA ALA A . n 
A 1 68  PRO 68  68  68  PRO PRO A . n 
A 1 69  GLY 69  69  69  GLY GLY A . n 
A 1 70  THR 70  70  70  THR THR A . n 
A 1 71  ASP 71  71  71  ASP ASP A . n 
A 1 72  SER 72  72  72  SER SER A . n 
A 1 73  PRO 73  73  73  PRO PRO A . n 
A 1 74  GLU 74  74  74  GLU GLU A . n 
A 1 75  PHE 75  75  75  PHE PHE A . n 
A 1 76  TYR 76  76  76  TYR TYR A . n 
A 1 77  GLY 77  77  77  GLY GLY A . n 
A 1 78  LYS 78  78  78  LYS LYS A . n 
A 1 79  PHE 79  79  79  PHE PHE A . n 
A 1 80  LYS 80  80  80  LYS LYS A . n 
A 1 81  GLU 81  81  81  GLU GLU A . n 
A 1 82  GLY 82  82  82  GLY GLY A . n 
A 1 83  VAL 83  83  83  VAL VAL A . n 
A 1 84  ALA 84  84  84  ALA ALA A . n 
A 1 85  SER 85  85  85  SER SER A . n 
A 1 86  GLY 86  86  86  GLY GLY A . n 
A 1 87  ASN 87  87  87  ASN ASN A . n 
A 1 88  LEU 88  88  88  LEU LEU A . n 
A 1 89  ASN 89  89  89  ASN ASN A . n 
A 1 90  THR 90  90  90  THR THR A . n 
A 1 91  MET 91  91  91  MET MET A . n 
A 1 92  PHE 92  92  92  PHE PHE A . n 
A 1 93  GLU 93  93  93  GLU GLU A . n 
A 1 94  TRP 94  94  94  TRP TRP A . n 
A 1 95  MET 95  95  95  MET MET A . n 
A 1 96  ILE 96  96  96  ILE ILE A . n 
A 1 97  PRO 97  97  97  PRO PRO A . n 
A 1 98  THR 98  98  98  THR THR A . n 
A 1 99  SER 99  99  99  SER SER A . n 
A 1 100 ARG 100 100 100 ARG ARG A . n 
A 1 101 GLY 101 101 101 GLY GLY A . n 
A 1 102 PRO 102 102 102 PRO PRO A . n 
A 1 103 THR 103 103 103 THR THR A . n 
A 1 104 LYS 104 104 104 LYS LYS A . n 
A 1 105 VAL 105 105 105 VAL VAL A . n 
A 1 106 LYS 106 106 106 LYS LYS A . n 
A 1 107 VAL 107 107 107 VAL VAL A . n 
A 1 108 HIS 108 108 108 HIS HIS A . n 
A 1 109 MET 109 109 109 MET MET A . n 
A 1 110 LYS 110 110 110 LYS LYS A . n 
A 1 111 LYS 111 111 111 LYS LYS A . n 
A 1 112 ALA 112 112 112 ALA ALA A . n 
A 1 113 LEU 113 113 113 LEU LEU A . n 
A 1 114 SER 114 114 114 SER SER A . n 
A 1 115 GLY 115 115 115 GLY GLY A . n 
A 1 116 ASP 116 116 116 ASP ASP A . n 
A 1 117 SER 117 117 117 SER SER A . n 
A 1 118 TYR 118 118 118 TYR TYR A . n 
A 1 119 TRP 119 119 119 TRP TRP A . n 
A 1 120 VAL 120 120 120 VAL VAL A . n 
A 1 121 PHE 121 121 121 PHE PHE A . n 
A 1 122 VAL 122 122 122 VAL VAL A . n 
A 1 123 LYS 123 123 123 LYS LYS A . n 
A 1 124 ARG 124 124 124 ARG ARG A . n 
A 1 125 VAL 125 125 125 VAL VAL A . n 
A 1 126 LYS 126 126 126 LYS LYS A . n 
A 1 127 LEU 127 127 ?   ?   ?   A . n 
A 1 128 ALA 128 128 ?   ?   ?   A . n 
A 1 129 ALA 129 129 ?   ?   ?   A . n 
A 1 130 ALA 130 130 ?   ?   ?   A . n 
A 1 131 LEU 131 131 ?   ?   ?   A . n 
A 1 132 GLU 132 132 ?   ?   ?   A . n 
A 1 133 HIS 133 133 ?   ?   ?   A . n 
A 1 134 HIS 134 134 ?   ?   ?   A . n 
A 1 135 HIS 135 135 ?   ?   ?   A . n 
A 1 136 HIS 136 136 ?   ?   ?   A . n 
A 1 137 HIS 137 137 ?   ?   ?   A . n 
A 1 138 HIS 138 138 ?   ?   ?   A . n 
# 
loop_
_pdbx_nonpoly_scheme.asym_id 
_pdbx_nonpoly_scheme.entity_id 
_pdbx_nonpoly_scheme.mon_id 
_pdbx_nonpoly_scheme.ndb_seq_num 
_pdbx_nonpoly_scheme.pdb_seq_num 
_pdbx_nonpoly_scheme.auth_seq_num 
_pdbx_nonpoly_scheme.pdb_mon_id 
_pdbx_nonpoly_scheme.auth_mon_id 
_pdbx_nonpoly_scheme.pdb_strand_id 
_pdbx_nonpoly_scheme.pdb_ins_code 
B 2 FMT 1  201 201 FMT FMT A . 
C 2 FMT 1  202 202 FMT FMT A . 
D 3 HOH 1  301 302 HOH HOH A . 
D 3 HOH 2  302 318 HOH HOH A . 
D 3 HOH 3  303 301 HOH HOH A . 
D 3 HOH 4  304 311 HOH HOH A . 
D 3 HOH 5  305 305 HOH HOH A . 
D 3 HOH 6  306 312 HOH HOH A . 
D 3 HOH 7  307 315 HOH HOH A . 
D 3 HOH 8  308 306 HOH HOH A . 
D 3 HOH 9  309 320 HOH HOH A . 
D 3 HOH 10 310 309 HOH HOH A . 
D 3 HOH 11 311 314 HOH HOH A . 
D 3 HOH 12 312 310 HOH HOH A . 
D 3 HOH 13 313 321 HOH HOH A . 
D 3 HOH 14 314 319 HOH HOH A . 
D 3 HOH 15 315 308 HOH HOH A . 
D 3 HOH 16 316 317 HOH HOH A . 
D 3 HOH 17 317 304 HOH HOH A . 
D 3 HOH 18 318 307 HOH HOH A . 
D 3 HOH 19 319 316 HOH HOH A . 
D 3 HOH 20 320 303 HOH HOH A . 
D 3 HOH 21 321 313 HOH HOH A . 
# 
loop_
_pdbx_unobs_or_zero_occ_atoms.id 
_pdbx_unobs_or_zero_occ_atoms.PDB_model_num 
_pdbx_unobs_or_zero_occ_atoms.polymer_flag 
_pdbx_unobs_or_zero_occ_atoms.occupancy_flag 
_pdbx_unobs_or_zero_occ_atoms.auth_asym_id 
_pdbx_unobs_or_zero_occ_atoms.auth_comp_id 
_pdbx_unobs_or_zero_occ_atoms.auth_seq_id 
_pdbx_unobs_or_zero_occ_atoms.PDB_ins_code 
_pdbx_unobs_or_zero_occ_atoms.auth_atom_id 
_pdbx_unobs_or_zero_occ_atoms.label_alt_id 
_pdbx_unobs_or_zero_occ_atoms.label_asym_id 
_pdbx_unobs_or_zero_occ_atoms.label_comp_id 
_pdbx_unobs_or_zero_occ_atoms.label_seq_id 
_pdbx_unobs_or_zero_occ_atoms.label_atom_id 
1  1 Y 1 A LEU 26  ? CD1 ? A LEU 26  CD1 
2  1 Y 1 A LEU 26  ? CD2 ? A LEU 26  CD2 
3  1 Y 1 A ASP 48  ? CG  ? A ASP 48  CG  
4  1 Y 1 A ASP 48  ? OD1 ? A ASP 48  OD1 
5  1 Y 1 A ASP 48  ? OD2 ? A ASP 48  OD2 
6  1 Y 1 A LYS 55  ? NZ  ? A LYS 55  NZ  
7  1 Y 1 A LYS 64  ? CE  ? A LYS 64  CE  
8  1 Y 1 A LYS 64  ? NZ  ? A LYS 64  NZ  
9  1 Y 1 A LYS 80  ? NZ  ? A LYS 80  NZ  
10 1 Y 1 A ARG 100 ? CD  ? A ARG 100 CD  
11 1 Y 1 A ARG 100 ? NE  ? A ARG 100 NE  
12 1 Y 1 A ARG 100 ? CZ  ? A ARG 100 CZ  
13 1 Y 1 A ARG 100 ? NH1 ? A ARG 100 NH1 
14 1 Y 1 A ARG 100 ? NH2 ? A ARG 100 NH2 
15 1 Y 1 A LYS 104 ? CE  ? A LYS 104 CE  
16 1 Y 1 A LYS 104 ? NZ  ? A LYS 104 NZ  
17 1 Y 1 A LYS 106 ? CD  ? A LYS 106 CD  
18 1 Y 1 A LYS 106 ? CE  ? A LYS 106 CE  
19 1 Y 1 A LYS 106 ? NZ  ? A LYS 106 NZ  
20 1 Y 1 A LYS 110 ? CD  ? A LYS 110 CD  
21 1 Y 1 A LYS 110 ? CE  ? A LYS 110 CE  
22 1 Y 1 A LYS 110 ? NZ  ? A LYS 110 NZ  
23 1 Y 1 A LYS 111 ? NZ  ? A LYS 111 NZ  
24 1 Y 1 A LYS 123 ? CG  ? A LYS 123 CG  
25 1 Y 1 A LYS 123 ? CD  ? A LYS 123 CD  
26 1 Y 1 A LYS 123 ? CE  ? A LYS 123 CE  
27 1 Y 1 A LYS 123 ? NZ  ? A LYS 123 NZ  
28 1 Y 1 A ARG 124 ? CG  ? A ARG 124 CG  
29 1 Y 1 A ARG 124 ? CD  ? A ARG 124 CD  
30 1 Y 1 A ARG 124 ? NE  ? A ARG 124 NE  
31 1 Y 1 A ARG 124 ? CZ  ? A ARG 124 CZ  
32 1 Y 1 A ARG 124 ? NH1 ? A ARG 124 NH1 
33 1 Y 1 A ARG 124 ? NH2 ? A ARG 124 NH2 
34 1 Y 1 A LYS 126 ? CD  ? A LYS 126 CD  
35 1 Y 1 A LYS 126 ? CE  ? A LYS 126 CE  
36 1 Y 1 A LYS 126 ? NZ  ? A LYS 126 NZ  
# 
loop_
_software.citation_id 
_software.classification 
_software.compiler_name 
_software.compiler_version 
_software.contact_author 
_software.contact_author_email 
_software.date 
_software.description 
_software.dependencies 
_software.hardware 
_software.language 
_software.location 
_software.mods 
_software.name 
_software.os 
_software.os_version 
_software.type 
_software.version 
_software.pdbx_ordinal 
? 'data collection' ? ? ? ? ? ? ? ? ? ? ? MxCuBE   ? ? ? 3         1 
? 'data reduction'  ? ? ? ? ? ? ? ? ? ? ? XDS      ? ? ? 20200131  2 
? 'data scaling'    ? ? ? ? ? ? ? ? ? ? ? XSCALE   ? ? ? 20200131  3 
? phasing           ? ? ? ? ? ? ? ? ? ? ? MoRDa    ? ? ? 1.3.02    4 
? 'model building'  ? ? ? ? ? ? ? ? ? ? ? ARP/wARP ? ? ? 8.0       5 
? refinement        ? ? ? ? ? ? ? ? ? ? ? PHENIX   ? ? ? 1.18_3855 6 
# 
_cell.angle_alpha                  90.000 
_cell.angle_alpha_esd              ? 
_cell.angle_beta                   90.000 
_cell.angle_beta_esd               ? 
_cell.angle_gamma                  90.000 
_cell.angle_gamma_esd              ? 
_cell.entry_id                     7AV6 
_cell.details                      ? 
_cell.formula_units_Z              ? 
_cell.length_a                     45.920 
_cell.length_a_esd                 ? 
_cell.length_b                     45.920 
_cell.length_b_esd                 ? 
_cell.length_c                     105.040 
_cell.length_c_esd                 ? 
_cell.volume                       221492.218 
_cell.volume_esd                   ? 
_cell.Z_PDB                        8 
_cell.reciprocal_angle_alpha       ? 
_cell.reciprocal_angle_beta        ? 
_cell.reciprocal_angle_gamma       ? 
_cell.reciprocal_angle_alpha_esd   ? 
_cell.reciprocal_angle_beta_esd    ? 
_cell.reciprocal_angle_gamma_esd   ? 
_cell.reciprocal_length_a          ? 
_cell.reciprocal_length_b          ? 
_cell.reciprocal_length_c          ? 
_cell.reciprocal_length_a_esd      ? 
_cell.reciprocal_length_b_esd      ? 
_cell.reciprocal_length_c_esd      ? 
_cell.pdbx_unique_axis             ? 
# 
_symmetry.entry_id                         7AV6 
_symmetry.cell_setting                     ? 
_symmetry.Int_Tables_number                92 
_symmetry.space_group_name_Hall            'P 4abw 2nw' 
_symmetry.space_group_name_H-M             'P 41 21 2' 
_symmetry.pdbx_full_space_group_name_H-M   ? 
# 
_exptl.absorpt_coefficient_mu     ? 
_exptl.absorpt_correction_T_max   ? 
_exptl.absorpt_correction_T_min   ? 
_exptl.absorpt_correction_type    ? 
_exptl.absorpt_process_details    ? 
_exptl.entry_id                   7AV6 
_exptl.crystals_number            1 
_exptl.details                    ? 
_exptl.method                     'X-RAY DIFFRACTION' 
_exptl.method_details             ? 
# 
_exptl_crystal.colour                      ? 
_exptl_crystal.density_diffrn              ? 
_exptl_crystal.density_Matthews            1.78 
_exptl_crystal.density_method              ? 
_exptl_crystal.density_percent_sol         31.1 
_exptl_crystal.description                 ? 
_exptl_crystal.F_000                       ? 
_exptl_crystal.id                          1 
_exptl_crystal.preparation                 ? 
_exptl_crystal.size_max                    ? 
_exptl_crystal.size_mid                    ? 
_exptl_crystal.size_min                    ? 
_exptl_crystal.size_rad                    ? 
_exptl_crystal.colour_lustre               ? 
_exptl_crystal.colour_modifier             ? 
_exptl_crystal.colour_primary              ? 
_exptl_crystal.density_meas                ? 
_exptl_crystal.density_meas_esd            ? 
_exptl_crystal.density_meas_gt             ? 
_exptl_crystal.density_meas_lt             ? 
_exptl_crystal.density_meas_temp           ? 
_exptl_crystal.density_meas_temp_esd       ? 
_exptl_crystal.density_meas_temp_gt        ? 
_exptl_crystal.density_meas_temp_lt        ? 
_exptl_crystal.pdbx_crystal_image_url      ? 
_exptl_crystal.pdbx_crystal_image_format   ? 
_exptl_crystal.pdbx_mosaicity              ? 
_exptl_crystal.pdbx_mosaicity_esd          ? 
# 
_exptl_crystal_grow.apparatus       ? 
_exptl_crystal_grow.atmosphere      ? 
_exptl_crystal_grow.crystal_id      1 
_exptl_crystal_grow.details         ? 
_exptl_crystal_grow.method          'VAPOR DIFFUSION, SITTING DROP' 
_exptl_crystal_grow.method_ref      ? 
_exptl_crystal_grow.pH              ? 
_exptl_crystal_grow.pressure        ? 
_exptl_crystal_grow.pressure_esd    ? 
_exptl_crystal_grow.seeding         ? 
_exptl_crystal_grow.seeding_ref     ? 
_exptl_crystal_grow.temp            293 
_exptl_crystal_grow.temp_details    ? 
_exptl_crystal_grow.temp_esd        ? 
_exptl_crystal_grow.time            ? 
_exptl_crystal_grow.pdbx_details    '0.2 M magnesium formate, 20 % w/v PEG 3350' 
_exptl_crystal_grow.pdbx_pH_range   ? 
# 
_diffrn.ambient_environment              ? 
_diffrn.ambient_temp                     100 
_diffrn.ambient_temp_details             ? 
_diffrn.ambient_temp_esd                 ? 
_diffrn.crystal_id                       1 
_diffrn.crystal_support                  ? 
_diffrn.crystal_treatment                ? 
_diffrn.details                          ? 
_diffrn.id                               1 
_diffrn.ambient_pressure                 ? 
_diffrn.ambient_pressure_esd             ? 
_diffrn.ambient_pressure_gt              ? 
_diffrn.ambient_pressure_lt              ? 
_diffrn.ambient_temp_gt                  ? 
_diffrn.ambient_temp_lt                  ? 
_diffrn.pdbx_serial_crystal_experiment   N 
# 
_diffrn_detector.details                      ? 
_diffrn_detector.detector                     PIXEL 
_diffrn_detector.diffrn_id                    1 
_diffrn_detector.type                         'DECTRIS PILATUS 6M-F' 
_diffrn_detector.area_resol_mean              ? 
_diffrn_detector.dtime                        ? 
_diffrn_detector.pdbx_frames_total            ? 
_diffrn_detector.pdbx_collection_time_total   ? 
_diffrn_detector.pdbx_collection_date         2020-09-27 
_diffrn_detector.pdbx_frequency               ? 
# 
_diffrn_radiation.collimation                      ? 
_diffrn_radiation.diffrn_id                        1 
_diffrn_radiation.filter_edge                      ? 
_diffrn_radiation.inhomogeneity                    ? 
_diffrn_radiation.monochromator                    ? 
_diffrn_radiation.polarisn_norm                    ? 
_diffrn_radiation.polarisn_ratio                   ? 
_diffrn_radiation.probe                            ? 
_diffrn_radiation.type                             ? 
_diffrn_radiation.xray_symbol                      ? 
_diffrn_radiation.wavelength_id                    1 
_diffrn_radiation.pdbx_monochromatic_or_laue_m_l   M 
_diffrn_radiation.pdbx_wavelength_list             ? 
_diffrn_radiation.pdbx_wavelength                  ? 
_diffrn_radiation.pdbx_diffrn_protocol             'SINGLE WAVELENGTH' 
_diffrn_radiation.pdbx_analyzer                    ? 
_diffrn_radiation.pdbx_scattering_type             x-ray 
# 
_diffrn_radiation_wavelength.id           1 
_diffrn_radiation_wavelength.wavelength   0.9772 
_diffrn_radiation_wavelength.wt           1.0 
# 
_diffrn_source.current                     ? 
_diffrn_source.details                     ? 
_diffrn_source.diffrn_id                   1 
_diffrn_source.power                       ? 
_diffrn_source.size                        ? 
_diffrn_source.source                      SYNCHROTRON 
_diffrn_source.target                      ? 
_diffrn_source.type                        'ESRF BEAMLINE ID23-1' 
_diffrn_source.voltage                     ? 
_diffrn_source.take-off_angle              ? 
_diffrn_source.pdbx_wavelength_list        0.9772 
_diffrn_source.pdbx_wavelength             ? 
_diffrn_source.pdbx_synchrotron_beamline   ID23-1 
_diffrn_source.pdbx_synchrotron_site       ESRF 
# 
_reflns.B_iso_Wilson_estimate            36.93 
_reflns.entry_id                         7AV6 
_reflns.data_reduction_details           ? 
_reflns.data_reduction_method            ? 
_reflns.d_resolution_high                1.50 
_reflns.d_resolution_low                 42.09 
_reflns.details                          ? 
_reflns.limit_h_max                      ? 
_reflns.limit_h_min                      ? 
_reflns.limit_k_max                      ? 
_reflns.limit_k_min                      ? 
_reflns.limit_l_max                      ? 
_reflns.limit_l_min                      ? 
_reflns.number_all                       ? 
_reflns.number_obs                       18549 
_reflns.observed_criterion               ? 
_reflns.observed_criterion_F_max         ? 
_reflns.observed_criterion_F_min         ? 
_reflns.observed_criterion_I_max         ? 
_reflns.observed_criterion_I_min         ? 
_reflns.observed_criterion_sigma_F       ? 
_reflns.observed_criterion_sigma_I       ? 
_reflns.percent_possible_obs             98.5 
_reflns.R_free_details                   ? 
_reflns.Rmerge_F_all                     ? 
_reflns.Rmerge_F_obs                     ? 
_reflns.Friedel_coverage                 ? 
_reflns.number_gt                        ? 
_reflns.threshold_expression             ? 
_reflns.pdbx_redundancy                  25.4 
_reflns.pdbx_Rmerge_I_obs                ? 
_reflns.pdbx_Rmerge_I_all                ? 
_reflns.pdbx_Rsym_value                  ? 
_reflns.pdbx_netI_over_av_sigmaI         ? 
_reflns.pdbx_netI_over_sigmaI            32.8 
_reflns.pdbx_res_netI_over_av_sigmaI_2   ? 
_reflns.pdbx_res_netI_over_sigmaI_2      ? 
_reflns.pdbx_chi_squared                 ? 
_reflns.pdbx_scaling_rejects             ? 
_reflns.pdbx_d_res_high_opt              ? 
_reflns.pdbx_d_res_low_opt               ? 
_reflns.pdbx_d_res_opt_method            ? 
_reflns.phase_calculation_details        ? 
_reflns.pdbx_Rrim_I_all                  ? 
_reflns.pdbx_Rpim_I_all                  0.007 
_reflns.pdbx_d_opt                       ? 
_reflns.pdbx_number_measured_all         ? 
_reflns.pdbx_diffrn_id                   1 
_reflns.pdbx_ordinal                     1 
_reflns.pdbx_CC_half                     1 
_reflns.pdbx_CC_star                     ? 
_reflns.pdbx_R_split                     ? 
# 
loop_
_reflns_shell.d_res_high 
_reflns_shell.d_res_low 
_reflns_shell.meanI_over_sigI_all 
_reflns_shell.meanI_over_sigI_obs 
_reflns_shell.number_measured_all 
_reflns_shell.number_measured_obs 
_reflns_shell.number_possible 
_reflns_shell.number_unique_all 
_reflns_shell.number_unique_obs 
_reflns_shell.percent_possible_all 
_reflns_shell.percent_possible_obs 
_reflns_shell.Rmerge_F_all 
_reflns_shell.Rmerge_F_obs 
_reflns_shell.Rmerge_I_all 
_reflns_shell.Rmerge_I_obs 
_reflns_shell.meanI_over_sigI_gt 
_reflns_shell.meanI_over_uI_all 
_reflns_shell.meanI_over_uI_gt 
_reflns_shell.number_measured_gt 
_reflns_shell.number_unique_gt 
_reflns_shell.percent_possible_gt 
_reflns_shell.Rmerge_F_gt 
_reflns_shell.Rmerge_I_gt 
_reflns_shell.pdbx_redundancy 
_reflns_shell.pdbx_Rsym_value 
_reflns_shell.pdbx_chi_squared 
_reflns_shell.pdbx_netI_over_sigmaI_all 
_reflns_shell.pdbx_netI_over_sigmaI_obs 
_reflns_shell.pdbx_Rrim_I_all 
_reflns_shell.pdbx_Rpim_I_all 
_reflns_shell.pdbx_rejects 
_reflns_shell.pdbx_ordinal 
_reflns_shell.pdbx_diffrn_id 
_reflns_shell.pdbx_CC_half 
_reflns_shell.pdbx_CC_star 
_reflns_shell.pdbx_R_split 
1.50 1.54  ? 0.7   ? ? ? ? 1274 96.6 ? ? ? ? ? ? ? ? ? ? ? ? ? 23.9 ? ? ? ? ? 0.726 ? 1  1 0.325 ? ? 
1.54 1.58  ? 1.2   ? ? ? ? 1283 97.3 ? ? ? ? ? ? ? ? ? ? ? ? ? 26.1 ? ? ? ? ? 0.485 ? 2  1 0.585 ? ? 
1.58 1.62  ? 1.8   ? ? ? ? 1276 97.6 ? ? ? ? ? ? ? ? ? ? ? ? ? 27.1 ? ? ? ? ? 0.348 ? 3  1 0.723 ? ? 
1.62 1.68  ? 2.7   ? ? ? ? 1269 97.8 ? ? ? ? ? ? ? ? ? ? ? ? ? 26.9 ? ? ? ? ? 0.248 ? 4  1 0.842 ? ? 
1.68 1.74  ? 4.3   ? ? ? ? 1298 98.2 ? ? ? ? ? ? ? ? ? ? ? ? ? 26.2 ? ? ? ? ? 0.163 ? 5  1 0.934 ? ? 
1.74 1.81  ? 7.0   ? ? ? ? 1300 98.1 ? ? ? ? ? ? ? ? ? ? ? ? ? 25.0 ? ? ? ? ? 0.101 ? 6  1 0.977 ? ? 
1.81 1.89  ? 10.9  ? ? ? ? 1298 98.6 ? ? ? ? ? ? ? ? ? ? ? ? ? 25.9 ? ? ? ? ? 0.065 ? 7  1 0.990 ? ? 
1.89 1.99  ? 18.1  ? ? ? ? 1317 98.5 ? ? ? ? ? ? ? ? ? ? ? ? ? 26.9 ? ? ? ? ? 0.039 ? 8  1 0.997 ? ? 
1.99 2.11  ? 29.0  ? ? ? ? 1319 98.9 ? ? ? ? ? ? ? ? ? ? ? ? ? 26.4 ? ? ? ? ? 0.024 ? 9  1 0.998 ? ? 
2.11 2.28  ? 41.3  ? ? ? ? 1320 99.1 ? ? ? ? ? ? ? ? ? ? ? ? ? 24.8 ? ? ? ? ? 0.016 ? 10 1 0.999 ? ? 
2.28 2.50  ? 56.4  ? ? ? ? 1353 99.2 ? ? ? ? ? ? ? ? ? ? ? ? ? 25.4 ? ? ? ? ? 0.012 ? 11 1 0.999 ? ? 
2.50 2.87  ? 73.4  ? ? ? ? 1362 99.6 ? ? ? ? ? ? ? ? ? ? ? ? ? 25.8 ? ? ? ? ? 0.009 ? 12 1 1     ? ? 
2.87 3.61  ? 89.5  ? ? ? ? 1386 99.9 ? ? ? ? ? ? ? ? ? ? ? ? ? 23.1 ? ? ? ? ? 0.007 ? 13 1 1     ? ? 
3.61 42.09 ? 103.7 ? ? ? ? 1494 99.9 ? ? ? ? ? ? ? ? ? ? ? ? ? 23.0 ? ? ? ? ? 0.006 ? 14 1 1     ? ? 
# 
_refine.aniso_B[1][1]                            ? 
_refine.aniso_B[1][2]                            ? 
_refine.aniso_B[1][3]                            ? 
_refine.aniso_B[2][2]                            ? 
_refine.aniso_B[2][3]                            ? 
_refine.aniso_B[3][3]                            ? 
_refine.B_iso_max                                ? 
_refine.B_iso_mean                               50.54 
_refine.B_iso_min                                ? 
_refine.correlation_coeff_Fo_to_Fc               ? 
_refine.correlation_coeff_Fo_to_Fc_free          ? 
_refine.details                                  ? 
_refine.diff_density_max                         ? 
_refine.diff_density_max_esd                     ? 
_refine.diff_density_min                         ? 
_refine.diff_density_min_esd                     ? 
_refine.diff_density_rms                         ? 
_refine.diff_density_rms_esd                     ? 
_refine.entry_id                                 7AV6 
_refine.pdbx_refine_id                           'X-RAY DIFFRACTION' 
_refine.ls_abs_structure_details                 ? 
_refine.ls_abs_structure_Flack                   ? 
_refine.ls_abs_structure_Flack_esd               ? 
_refine.ls_abs_structure_Rogers                  ? 
_refine.ls_abs_structure_Rogers_esd              ? 
_refine.ls_d_res_high                            1.50 
_refine.ls_d_res_low                             42.08 
_refine.ls_extinction_coef                       ? 
_refine.ls_extinction_coef_esd                   ? 
_refine.ls_extinction_expression                 ? 
_refine.ls_extinction_method                     ? 
_refine.ls_goodness_of_fit_all                   ? 
_refine.ls_goodness_of_fit_all_esd               ? 
_refine.ls_goodness_of_fit_obs                   ? 
_refine.ls_goodness_of_fit_obs_esd               ? 
_refine.ls_hydrogen_treatment                    ? 
_refine.ls_matrix_type                           ? 
_refine.ls_number_constraints                    ? 
_refine.ls_number_parameters                     ? 
_refine.ls_number_reflns_all                     ? 
_refine.ls_number_reflns_obs                     18518 
_refine.ls_number_reflns_R_free                  927 
_refine.ls_number_reflns_R_work                  17591 
_refine.ls_number_restraints                     ? 
_refine.ls_percent_reflns_obs                    98.48 
_refine.ls_percent_reflns_R_free                 5.01 
_refine.ls_R_factor_all                          ? 
_refine.ls_R_factor_obs                          0.2153 
_refine.ls_R_factor_R_free                       0.2372 
_refine.ls_R_factor_R_free_error                 ? 
_refine.ls_R_factor_R_free_error_details         ? 
_refine.ls_R_factor_R_work                       0.2141 
_refine.ls_R_Fsqd_factor_obs                     ? 
_refine.ls_R_I_factor_obs                        ? 
_refine.ls_redundancy_reflns_all                 ? 
_refine.ls_redundancy_reflns_obs                 ? 
_refine.ls_restrained_S_all                      ? 
_refine.ls_restrained_S_obs                      ? 
_refine.ls_shift_over_esd_max                    ? 
_refine.ls_shift_over_esd_mean                   ? 
_refine.ls_structure_factor_coef                 ? 
_refine.ls_weighting_details                     ? 
_refine.ls_weighting_scheme                      ? 
_refine.ls_wR_factor_all                         ? 
_refine.ls_wR_factor_obs                         ? 
_refine.ls_wR_factor_R_free                      ? 
_refine.ls_wR_factor_R_work                      ? 
_refine.occupancy_max                            ? 
_refine.occupancy_min                            ? 
_refine.solvent_model_details                    'FLAT BULK SOLVENT MODEL' 
_refine.solvent_model_param_bsol                 ? 
_refine.solvent_model_param_ksol                 ? 
_refine.pdbx_R_complete                          ? 
_refine.ls_R_factor_gt                           ? 
_refine.ls_goodness_of_fit_gt                    ? 
_refine.ls_goodness_of_fit_ref                   ? 
_refine.ls_shift_over_su_max                     ? 
_refine.ls_shift_over_su_max_lt                  ? 
_refine.ls_shift_over_su_mean                    ? 
_refine.ls_shift_over_su_mean_lt                 ? 
_refine.pdbx_ls_sigma_I                          ? 
_refine.pdbx_ls_sigma_F                          1.33 
_refine.pdbx_ls_sigma_Fsqd                       ? 
_refine.pdbx_data_cutoff_high_absF               ? 
_refine.pdbx_data_cutoff_high_rms_absF           ? 
_refine.pdbx_data_cutoff_low_absF                ? 
_refine.pdbx_isotropic_thermal_model             ? 
_refine.pdbx_ls_cross_valid_method               'FREE R-VALUE' 
_refine.pdbx_method_to_determine_struct          'MOLECULAR REPLACEMENT' 
_refine.pdbx_starting_model                      1ODV 
_refine.pdbx_stereochemistry_target_values       'GeoStd + Monomer Library + CDL v1.2' 
_refine.pdbx_R_Free_selection_details            ? 
_refine.pdbx_stereochem_target_val_spec_case     ? 
_refine.pdbx_overall_ESU_R                       ? 
_refine.pdbx_overall_ESU_R_Free                  ? 
_refine.pdbx_solvent_vdw_probe_radii             1.1100 
_refine.pdbx_solvent_ion_probe_radii             ? 
_refine.pdbx_solvent_shrinkage_radii             0.9000 
_refine.pdbx_real_space_R                        ? 
_refine.pdbx_density_correlation                 ? 
_refine.pdbx_pd_number_of_powder_patterns        ? 
_refine.pdbx_pd_number_of_points                 ? 
_refine.pdbx_pd_meas_number_of_points            ? 
_refine.pdbx_pd_proc_ls_prof_R_factor            ? 
_refine.pdbx_pd_proc_ls_prof_wR_factor           ? 
_refine.pdbx_pd_Marquardt_correlation_coeff      ? 
_refine.pdbx_pd_Fsqrd_R_factor                   ? 
_refine.pdbx_pd_ls_matrix_band_width             ? 
_refine.pdbx_overall_phase_error                 30.4480 
_refine.pdbx_overall_SU_R_free_Cruickshank_DPI   ? 
_refine.pdbx_overall_SU_R_free_Blow_DPI          ? 
_refine.pdbx_overall_SU_R_Blow_DPI               ? 
_refine.pdbx_TLS_residual_ADP_flag               ? 
_refine.pdbx_diffrn_id                           1 
_refine.overall_SU_B                             ? 
_refine.overall_SU_ML                            0.2024 
_refine.overall_SU_R_Cruickshank_DPI             ? 
_refine.overall_SU_R_free                        ? 
_refine.overall_FOM_free_R_set                   ? 
_refine.overall_FOM_work_R_set                   ? 
_refine.pdbx_average_fsc_overall                 ? 
_refine.pdbx_average_fsc_work                    ? 
_refine.pdbx_average_fsc_free                    ? 
# 
_refine_hist.pdbx_refine_id                   'X-RAY DIFFRACTION' 
_refine_hist.cycle_id                         LAST 
_refine_hist.details                          ? 
_refine_hist.d_res_high                       1.50 
_refine_hist.d_res_low                        42.08 
_refine_hist.number_atoms_solvent             21 
_refine_hist.number_atoms_total               762 
_refine_hist.number_reflns_all                ? 
_refine_hist.number_reflns_obs                ? 
_refine_hist.number_reflns_R_free             ? 
_refine_hist.number_reflns_R_work             ? 
_refine_hist.R_factor_all                     ? 
_refine_hist.R_factor_obs                     ? 
_refine_hist.R_factor_R_free                  ? 
_refine_hist.R_factor_R_work                  ? 
_refine_hist.pdbx_number_residues_total       ? 
_refine_hist.pdbx_B_iso_mean_ligand           ? 
_refine_hist.pdbx_B_iso_mean_solvent          ? 
_refine_hist.pdbx_number_atoms_protein        735 
_refine_hist.pdbx_number_atoms_nucleic_acid   0 
_refine_hist.pdbx_number_atoms_ligand         6 
_refine_hist.pdbx_number_atoms_lipid          ? 
_refine_hist.pdbx_number_atoms_carb           ? 
_refine_hist.pdbx_pseudo_atom_details         ? 
# 
loop_
_refine_ls_restr.pdbx_refine_id 
_refine_ls_restr.criterion 
_refine_ls_restr.dev_ideal 
_refine_ls_restr.dev_ideal_target 
_refine_ls_restr.number 
_refine_ls_restr.rejects 
_refine_ls_restr.type 
_refine_ls_restr.weight 
_refine_ls_restr.pdbx_restraint_function 
'X-RAY DIFFRACTION' ? 0.0053  ? 789  ? f_bond_d           ? ? 
'X-RAY DIFFRACTION' ? 0.7360  ? 1068 ? f_angle_d          ? ? 
'X-RAY DIFFRACTION' ? 0.0717  ? 112  ? f_chiral_restr     ? ? 
'X-RAY DIFFRACTION' ? 0.0055  ? 141  ? f_plane_restr      ? ? 
'X-RAY DIFFRACTION' ? 17.8633 ? 275  ? f_dihedral_angle_d ? ? 
# 
loop_
_refine_ls_shell.pdbx_refine_id 
_refine_ls_shell.d_res_high 
_refine_ls_shell.d_res_low 
_refine_ls_shell.number_reflns_all 
_refine_ls_shell.number_reflns_obs 
_refine_ls_shell.number_reflns_R_free 
_refine_ls_shell.number_reflns_R_work 
_refine_ls_shell.percent_reflns_obs 
_refine_ls_shell.percent_reflns_R_free 
_refine_ls_shell.R_factor_all 
_refine_ls_shell.R_factor_obs 
_refine_ls_shell.R_factor_R_free 
_refine_ls_shell.R_factor_R_free_error 
_refine_ls_shell.R_factor_R_work 
_refine_ls_shell.redundancy_reflns_all 
_refine_ls_shell.redundancy_reflns_obs 
_refine_ls_shell.wR_factor_all 
_refine_ls_shell.wR_factor_obs 
_refine_ls_shell.wR_factor_R_free 
_refine_ls_shell.wR_factor_R_work 
_refine_ls_shell.pdbx_R_complete 
_refine_ls_shell.pdbx_total_number_of_bins_used 
_refine_ls_shell.pdbx_phase_error 
_refine_ls_shell.pdbx_fsc_work 
_refine_ls_shell.pdbx_fsc_free 
'X-RAY DIFFRACTION' 1.50 1.58  . . 128 2419 96.59 . . . 0.3721 . 0.3451 . . . . . . . . . . . 
'X-RAY DIFFRACTION' 1.58 1.68  . . 127 2410 97.65 . . . 0.3216 . 0.2806 . . . . . . . . . . . 
'X-RAY DIFFRACTION' 1.68 1.81  . . 131 2473 98.15 . . . 0.2824 . 0.2520 . . . . . . . . . . . 
'X-RAY DIFFRACTION' 1.81 1.99  . . 130 2482 98.53 . . . 0.2614 . 0.2313 . . . . . . . . . . . 
'X-RAY DIFFRACTION' 1.99 2.28  . . 132 2502 98.95 . . . 0.2432 . 0.2273 . . . . . . . . . . . 
'X-RAY DIFFRACTION' 2.28 2.87  . . 135 2574 99.41 . . . 0.2768 . 0.2455 . . . . . . . . . . . 
'X-RAY DIFFRACTION' 2.87 42.08 . . 144 2731 99.90 . . . 0.2166 . 0.1960 . . . . . . . . . . . 
# 
_struct.entry_id                     7AV6 
_struct.title                        'FAST in a domain-swapped dimer form' 
_struct.pdbx_model_details           ? 
_struct.pdbx_formula_weight          ? 
_struct.pdbx_formula_weight_method   ? 
_struct.pdbx_model_type_details      ? 
_struct.pdbx_CASP_flag               N 
# 
_struct_keywords.entry_id        7AV6 
_struct_keywords.text            
'fluorescence, fluorogen, fluorogen-activating protein, fluorescent labelling, FAST, FLUORESCENT PROTEIN' 
_struct_keywords.pdbx_keywords   'FLUORESCENT PROTEIN' 
# 
loop_
_struct_asym.id 
_struct_asym.pdbx_blank_PDB_chainid_flag 
_struct_asym.pdbx_modified 
_struct_asym.entity_id 
_struct_asym.details 
A N N 1 ? 
B N N 2 ? 
C N N 2 ? 
D N N 3 ? 
# 
_struct_ref.id                         1 
_struct_ref.db_name                    UNP 
_struct_ref.db_code                    PYP_HALHA 
_struct_ref.pdbx_db_accession          P16113 
_struct_ref.pdbx_db_isoform            ? 
_struct_ref.entity_id                  1 
_struct_ref.pdbx_seq_one_letter_code   
;MEHVAFGSEDIENTLAKMDDGQLDGLAFGAIQLDGDGNILQYNAAEGDITGRDPKQVIGKNFFKDVAPCTDSPEFYGKFK
EGVASGNLNTMFEYTFDYQMTPTKVKVHMKKALSGDSYWVFVKRV
;
_struct_ref.pdbx_align_begin           1 
# 
_struct_ref_seq.align_id                      1 
_struct_ref_seq.ref_id                        1 
_struct_ref_seq.pdbx_PDB_id_code              7AV6 
_struct_ref_seq.pdbx_strand_id                A 
_struct_ref_seq.seq_align_beg                 1 
_struct_ref_seq.pdbx_seq_align_beg_ins_code   ? 
_struct_ref_seq.seq_align_end                 125 
_struct_ref_seq.pdbx_seq_align_end_ins_code   ? 
_struct_ref_seq.pdbx_db_accession             P16113 
_struct_ref_seq.db_align_beg                  1 
_struct_ref_seq.pdbx_db_align_beg_ins_code    ? 
_struct_ref_seq.db_align_end                  125 
_struct_ref_seq.pdbx_db_align_end_ins_code    ? 
_struct_ref_seq.pdbx_auth_seq_align_beg       1 
_struct_ref_seq.pdbx_auth_seq_align_end       125 
# 
loop_
_struct_ref_seq_dif.align_id 
_struct_ref_seq_dif.pdbx_pdb_id_code 
_struct_ref_seq_dif.mon_id 
_struct_ref_seq_dif.pdbx_pdb_strand_id 
_struct_ref_seq_dif.seq_num 
_struct_ref_seq_dif.pdbx_pdb_ins_code 
_struct_ref_seq_dif.pdbx_seq_db_name 
_struct_ref_seq_dif.pdbx_seq_db_accession_code 
_struct_ref_seq_dif.db_mon_id 
_struct_ref_seq_dif.pdbx_seq_db_seq_num 
_struct_ref_seq_dif.details 
_struct_ref_seq_dif.pdbx_auth_seq_num 
_struct_ref_seq_dif.pdbx_ordinal 
1 7AV6 GLY A 69  ? UNP P16113 CYS 69  'engineered mutation' 69  1  
1 7AV6 TRP A 94  ? UNP P16113 TYR 94  'engineered mutation' 94  2  
1 7AV6 MET A 95  ? UNP P16113 THR 95  'engineered mutation' 95  3  
1 7AV6 ILE A 96  ? UNP P16113 PHE 96  'engineered mutation' 96  4  
1 7AV6 PRO A 97  ? UNP P16113 ASP 97  'engineered mutation' 97  5  
1 7AV6 THR A 98  ? UNP P16113 TYR 98  'engineered mutation' 98  6  
1 7AV6 SER A 99  ? UNP P16113 GLN 99  'engineered mutation' 99  7  
1 7AV6 ARG A 100 ? UNP P16113 MET 100 'engineered mutation' 100 8  
1 7AV6 GLY A 101 ? UNP P16113 THR 101 'engineered mutation' 101 9  
1 7AV6 LYS A 126 ? UNP P16113 ?   ?   'expression tag'      126 10 
1 7AV6 LEU A 127 ? UNP P16113 ?   ?   'expression tag'      127 11 
1 7AV6 ALA A 128 ? UNP P16113 ?   ?   'expression tag'      128 12 
1 7AV6 ALA A 129 ? UNP P16113 ?   ?   'expression tag'      129 13 
1 7AV6 ALA A 130 ? UNP P16113 ?   ?   'expression tag'      130 14 
1 7AV6 LEU A 131 ? UNP P16113 ?   ?   'expression tag'      131 15 
1 7AV6 GLU A 132 ? UNP P16113 ?   ?   'expression tag'      132 16 
1 7AV6 HIS A 133 ? UNP P16113 ?   ?   'expression tag'      133 17 
1 7AV6 HIS A 134 ? UNP P16113 ?   ?   'expression tag'      134 18 
1 7AV6 HIS A 135 ? UNP P16113 ?   ?   'expression tag'      135 19 
1 7AV6 HIS A 136 ? UNP P16113 ?   ?   'expression tag'      136 20 
1 7AV6 HIS A 137 ? UNP P16113 ?   ?   'expression tag'      137 21 
1 7AV6 HIS A 138 ? UNP P16113 ?   ?   'expression tag'      138 22 
# 
_pdbx_struct_assembly.id                   1 
_pdbx_struct_assembly.details              author_and_software_defined_assembly 
_pdbx_struct_assembly.method_details       PISA 
_pdbx_struct_assembly.oligomeric_details   dimeric 
_pdbx_struct_assembly.oligomeric_count     2 
# 
loop_
_pdbx_struct_assembly_prop.biol_id 
_pdbx_struct_assembly_prop.type 
_pdbx_struct_assembly_prop.value 
_pdbx_struct_assembly_prop.details 
1 'ABSA (A^2)' 4150  ? 
1 MORE         -28   ? 
1 'SSA (A^2)'  11100 ? 
# 
_pdbx_struct_assembly_gen.assembly_id       1 
_pdbx_struct_assembly_gen.oper_expression   1,2 
_pdbx_struct_assembly_gen.asym_id_list      A,B,C,D 
# 
_pdbx_struct_assembly_auth_evidence.id                     1 
_pdbx_struct_assembly_auth_evidence.assembly_id            1 
_pdbx_struct_assembly_auth_evidence.experimental_support   none 
_pdbx_struct_assembly_auth_evidence.details                ? 
# 
loop_
_pdbx_struct_oper_list.id 
_pdbx_struct_oper_list.type 
_pdbx_struct_oper_list.name 
_pdbx_struct_oper_list.symmetry_operation 
_pdbx_struct_oper_list.matrix[1][1] 
_pdbx_struct_oper_list.matrix[1][2] 
_pdbx_struct_oper_list.matrix[1][3] 
_pdbx_struct_oper_list.vector[1] 
_pdbx_struct_oper_list.matrix[2][1] 
_pdbx_struct_oper_list.matrix[2][2] 
_pdbx_struct_oper_list.matrix[2][3] 
_pdbx_struct_oper_list.vector[2] 
_pdbx_struct_oper_list.matrix[3][1] 
_pdbx_struct_oper_list.matrix[3][2] 
_pdbx_struct_oper_list.matrix[3][3] 
_pdbx_struct_oper_list.vector[3] 
1 'identity operation'         1_555 x,y,z            1.0000000000  0.0000000000 0.0000000000 0.0000000000  0.0000000000 1.0000000000  0.0000000000 0.0000000000   0.0000000000 0.0000000000 1.0000000000  0.0000000000 
2 'crystal symmetry operation' 8_665 -y+1,-x+1,-z+1/2 -0.6066079983 0.5009235062 0.6173348989 14.5471960142 0.5009235062 -0.3621518537 0.7860799424 -15.3243401141 0.6173348989 0.7860799424 -0.0312401480 3.1645248372 
# 
loop_
_struct_conf.conf_type_id 
_struct_conf.id 
_struct_conf.pdbx_PDB_helix_id 
_struct_conf.beg_label_comp_id 
_struct_conf.beg_label_asym_id 
_struct_conf.beg_label_seq_id 
_struct_conf.pdbx_beg_PDB_ins_code 
_struct_conf.end_label_comp_id 
_struct_conf.end_label_asym_id 
_struct_conf.end_label_seq_id 
_struct_conf.pdbx_end_PDB_ins_code 
_struct_conf.beg_auth_comp_id 
_struct_conf.beg_auth_asym_id 
_struct_conf.beg_auth_seq_id 
_struct_conf.end_auth_comp_id 
_struct_conf.end_auth_asym_id 
_struct_conf.end_auth_seq_id 
_struct_conf.pdbx_PDB_helix_class 
_struct_conf.details 
_struct_conf.pdbx_PDB_helix_length 
HELX_P HELX_P1 AA1 ALA A 67 ? ASP A 71 ? ALA A 67 ASP A 71 5 ? 5  
HELX_P HELX_P2 AA2 PHE A 75 ? GLY A 86 ? PHE A 75 GLY A 86 1 ? 12 
# 
_struct_conf_type.id          HELX_P 
_struct_conf_type.criteria    ? 
_struct_conf_type.reference   ? 
# 
loop_
_struct_sheet.id 
_struct_sheet.type 
_struct_sheet.number_strands 
_struct_sheet.details 
AA1 ? 3 ? 
AA2 ? 3 ? 
# 
loop_
_struct_sheet_order.sheet_id 
_struct_sheet_order.range_id_1 
_struct_sheet_order.range_id_2 
_struct_sheet_order.offset 
_struct_sheet_order.sense 
AA1 1 2 ? anti-parallel 
AA1 2 3 ? anti-parallel 
AA2 1 2 ? anti-parallel 
AA2 2 3 ? anti-parallel 
# 
loop_
_struct_sheet_range.sheet_id 
_struct_sheet_range.id 
_struct_sheet_range.beg_label_comp_id 
_struct_sheet_range.beg_label_asym_id 
_struct_sheet_range.beg_label_seq_id 
_struct_sheet_range.pdbx_beg_PDB_ins_code 
_struct_sheet_range.end_label_comp_id 
_struct_sheet_range.end_label_asym_id 
_struct_sheet_range.end_label_seq_id 
_struct_sheet_range.pdbx_end_PDB_ins_code 
_struct_sheet_range.beg_auth_comp_id 
_struct_sheet_range.beg_auth_asym_id 
_struct_sheet_range.beg_auth_seq_id 
_struct_sheet_range.end_auth_comp_id 
_struct_sheet_range.end_auth_asym_id 
_struct_sheet_range.end_auth_seq_id 
AA1 1 ALA A 30  ? LEU A 33  ? ALA A 30  LEU A 33  
AA1 2 ILE A 39  ? ASN A 43  ? ILE A 39  ASN A 43  
AA1 3 THR A 50  ? GLY A 51  ? THR A 50  GLY A 51  
AA2 1 ASN A 89  ? ILE A 96  ? ASN A 89  ILE A 96  
AA2 2 THR A 103 ? LYS A 111 ? THR A 103 LYS A 111 
AA2 3 TYR A 118 ? ARG A 124 ? TYR A 118 ARG A 124 
# 
loop_
_pdbx_struct_sheet_hbond.sheet_id 
_pdbx_struct_sheet_hbond.range_id_1 
_pdbx_struct_sheet_hbond.range_id_2 
_pdbx_struct_sheet_hbond.range_1_label_atom_id 
_pdbx_struct_sheet_hbond.range_1_label_comp_id 
_pdbx_struct_sheet_hbond.range_1_label_asym_id 
_pdbx_struct_sheet_hbond.range_1_label_seq_id 
_pdbx_struct_sheet_hbond.range_1_PDB_ins_code 
_pdbx_struct_sheet_hbond.range_1_auth_atom_id 
_pdbx_struct_sheet_hbond.range_1_auth_comp_id 
_pdbx_struct_sheet_hbond.range_1_auth_asym_id 
_pdbx_struct_sheet_hbond.range_1_auth_seq_id 
_pdbx_struct_sheet_hbond.range_2_label_atom_id 
_pdbx_struct_sheet_hbond.range_2_label_comp_id 
_pdbx_struct_sheet_hbond.range_2_label_asym_id 
_pdbx_struct_sheet_hbond.range_2_label_seq_id 
_pdbx_struct_sheet_hbond.range_2_PDB_ins_code 
_pdbx_struct_sheet_hbond.range_2_auth_atom_id 
_pdbx_struct_sheet_hbond.range_2_auth_comp_id 
_pdbx_struct_sheet_hbond.range_2_auth_asym_id 
_pdbx_struct_sheet_hbond.range_2_auth_seq_id 
AA1 1 2 N GLN A 32  ? N GLN A 32  O LEU A 40  ? O LEU A 40  
AA1 2 3 N TYR A 42  ? N TYR A 42  O GLY A 51  ? O GLY A 51  
AA2 1 2 N PHE A 92  ? N PHE A 92  O VAL A 107 ? O VAL A 107 
AA2 2 3 N LYS A 106 ? N LYS A 106 O LYS A 123 ? O LYS A 123 
# 
loop_
_struct_site.id 
_struct_site.pdbx_evidence_code 
_struct_site.pdbx_auth_asym_id 
_struct_site.pdbx_auth_comp_id 
_struct_site.pdbx_auth_seq_id 
_struct_site.pdbx_auth_ins_code 
_struct_site.pdbx_num_residues 
_struct_site.details 
AC1 Software A FMT 201 ? 2 'binding site for residue FMT A 201' 
AC2 Software A FMT 202 ? 5 'binding site for residue FMT A 202' 
# 
loop_
_struct_site_gen.id 
_struct_site_gen.site_id 
_struct_site_gen.pdbx_num_res 
_struct_site_gen.label_comp_id 
_struct_site_gen.label_asym_id 
_struct_site_gen.label_seq_id 
_struct_site_gen.pdbx_auth_ins_code 
_struct_site_gen.auth_comp_id 
_struct_site_gen.auth_asym_id 
_struct_site_gen.auth_seq_id 
_struct_site_gen.label_atom_id 
_struct_site_gen.label_alt_id 
_struct_site_gen.symmetry 
_struct_site_gen.details 
1 AC1 2 HIS A 108 ? HIS A 108 . ? 1_555 ? 
2 AC1 2 PHE A 121 ? PHE A 121 . ? 1_555 ? 
3 AC2 5 ALA A 67  ? ALA A 67  . ? 1_555 ? 
4 AC2 5 PRO A 68  ? PRO A 68  . ? 1_555 ? 
5 AC2 5 GLY A 69  ? GLY A 69  . ? 1_555 ? 
6 AC2 5 TRP A 119 ? TRP A 119 . ? 6_565 ? 
7 AC2 5 HOH D .   ? HOH A 307 . ? 1_555 ? 
# 
loop_
_pdbx_validate_torsion.id 
_pdbx_validate_torsion.PDB_model_num 
_pdbx_validate_torsion.auth_comp_id 
_pdbx_validate_torsion.auth_asym_id 
_pdbx_validate_torsion.auth_seq_id 
_pdbx_validate_torsion.PDB_ins_code 
_pdbx_validate_torsion.label_alt_id 
_pdbx_validate_torsion.phi 
_pdbx_validate_torsion.psi 
1 1 ASP A 53 ? ? -151.26 71.23  
2 1 ASP A 53 ? ? -153.62 71.23  
3 1 PHE A 75 ? ? -139.68 -75.61 
4 1 ASN A 89 ? ? -163.49 85.90  
# 
loop_
_space_group_symop.id 
_space_group_symop.operation_xyz 
1 x,y,z               
2 -y+1/2,x+1/2,z+1/4  
3 y+1/2,-x+1/2,z+3/4  
4 x+1/2,-y+1/2,-z+3/4 
5 -x+1/2,y+1/2,-z+1/4 
6 -x,-y,z+1/2         
7 y,x,-z              
8 -y,-x,-z+1/2        
# 
loop_
_pdbx_refine_tls.id 
_pdbx_refine_tls.pdbx_refine_id 
_pdbx_refine_tls.details 
_pdbx_refine_tls.method 
_pdbx_refine_tls.origin_x 
_pdbx_refine_tls.origin_y 
_pdbx_refine_tls.origin_z 
_pdbx_refine_tls.T[1][1] 
_pdbx_refine_tls.T[1][1]_esd 
_pdbx_refine_tls.T[1][2] 
_pdbx_refine_tls.T[1][2]_esd 
_pdbx_refine_tls.T[1][3] 
_pdbx_refine_tls.T[1][3]_esd 
_pdbx_refine_tls.T[2][2] 
_pdbx_refine_tls.T[2][2]_esd 
_pdbx_refine_tls.T[2][3] 
_pdbx_refine_tls.T[2][3]_esd 
_pdbx_refine_tls.T[3][3] 
_pdbx_refine_tls.T[3][3]_esd 
_pdbx_refine_tls.L[1][1] 
_pdbx_refine_tls.L[1][1]_esd 
_pdbx_refine_tls.L[1][2] 
_pdbx_refine_tls.L[1][2]_esd 
_pdbx_refine_tls.L[1][3] 
_pdbx_refine_tls.L[1][3]_esd 
_pdbx_refine_tls.L[2][2] 
_pdbx_refine_tls.L[2][2]_esd 
_pdbx_refine_tls.L[2][3] 
_pdbx_refine_tls.L[2][3]_esd 
_pdbx_refine_tls.L[3][3] 
_pdbx_refine_tls.L[3][3]_esd 
_pdbx_refine_tls.S[1][1] 
_pdbx_refine_tls.S[1][1]_esd 
_pdbx_refine_tls.S[1][2] 
_pdbx_refine_tls.S[1][2]_esd 
_pdbx_refine_tls.S[1][3] 
_pdbx_refine_tls.S[1][3]_esd 
_pdbx_refine_tls.S[2][1] 
_pdbx_refine_tls.S[2][1]_esd 
_pdbx_refine_tls.S[2][2] 
_pdbx_refine_tls.S[2][2]_esd 
_pdbx_refine_tls.S[2][3] 
_pdbx_refine_tls.S[2][3]_esd 
_pdbx_refine_tls.S[3][1] 
_pdbx_refine_tls.S[3][1]_esd 
_pdbx_refine_tls.S[3][2] 
_pdbx_refine_tls.S[3][2]_esd 
_pdbx_refine_tls.S[3][3] 
_pdbx_refine_tls.S[3][3]_esd 
1 'X-RAY DIFFRACTION' ? refined 23.52115149530 -11.2796427979 2.5111673695   0.574318418009 ? -0.025223896586 ? -0.010860598589 ? 0.657707041264 ? -0.06787426251  ? 0.556205971729 ? 0.119695818123 ? -0.005450274077 ? -0.067844154696 ? 0.081755454312  ? -0.093302889663 ? 0.138291670878 ? 0.028185616738  ? 0.027141285608  ? 0.705200835924  ? -0.389309530145 ? -0.312478302989 ? 0.640918568403  ? 0.120322265897  ? 0.232417295617  ? 0.411698508606  ? 
2 'X-RAY DIFFRACTION' ? refined 11.970788481   -14.1712666554 5.5809152006   0.394281154504 ? 0.018105178506  ? 0.022024717539  ? 0.336504839611 ? -0.007390403272 ? 0.277574822900 ? 0.293473012057 ? -0.262949427706 ? 0.221391643415  ? 0.365714792506  ? -0.443758605304 ? 0.494878697203 ? -0.024958688949 ? -0.098158165242 ? -0.029147273653 ? 0.136919119738  ? 0.100127268816  ? 0.145309014813  ? 0.136580314718  ? 0.144807453423  ? 0.067871812635  ? 
3 'X-RAY DIFFRACTION' ? refined 10.29021843167 -5.4364652064  8.3181887923   0.458554328311 ? -0.063101732559 ? -0.078272824121 ? 0.326462709528 ? 0.024899494710  ? 0.408153955576 ? 0.207056591823 ? -0.02663661111  ? 0.20364011185   ? -0.019363438217 ? 0.076387013040  ? 0.592177299358 ? -0.435505371301 ? 0.637786528793  ? -0.010627341719 ? -0.018273778670 ? 0.760594098770  ? -0.321754582843 ? 0.248839400529  ? 0.108878216176  ? 0.016506992418  ? 
4 'X-RAY DIFFRACTION' ? refined -6.6193893588  -2.7942026720  -2.8625842533  0.298444382188 ? -0.049370420117 ? -0.062790485949 ? 0.35565578882  ? 0.042870039116  ? 0.514675378645 ? 0.57102683281  ? 0.776938963622  ? -0.505546529800 ? 1.16895992401   ? -0.382498248706 ? 0.986896260528 ? 0.057081667951  ? 0.295799698027  ? -0.227102961256 ? -0.137869473394 ? 0.277543955182  ? 0.781864981298  ? 0.086555815796  ? -0.250000830128 ? -0.155744410599 ? 
5 'X-RAY DIFFRACTION' ? refined -5.4066002290  5.2027062561   -11.7839677551 0.508286342301 ? -0.063145580768 ? -0.143238009358 ? 0.642627642865 ? 0.193701016600  ? 0.530496274022 ? 0.470577261004 ? 0.323263794973  ? 0.171325217309  ? 0.455927417415  ? 0.263850572378  ? 0.162046935074 ? -0.358122302578 ? 1.33417166184   ? 0.60152676503   ? -1.00842690064  ? 0.238062248277  ? 0.397631803757  ? -0.584806937975 ? -1.145952983662 ? 0.337347008915  ? 
6 'X-RAY DIFFRACTION' ? refined -8.5255450149  10.2037631462  -3.3062949270  0.510063533161 ? 0.057733842545  ? 0.010963282662  ? 0.42786392727  ? 0.280429683546  ? 0.765159466507 ? 0.95835201887  ? 0.62048267868   ? 0.833011936261  ? 0.94042415094   ? 1.117214174477  ? 1.473012396296 ? -0.25412550303  ? -0.05884528556  ? 1.522642361824  ? -0.362548549738 ? -0.446282102252 ? 0.092127730670  ? -0.52810821274  ? -0.50401457466  ? 0.926989117031  ? 
7 'X-RAY DIFFRACTION' ? refined -19.6523150816 1.3304779218   10.1579226423  0.636922148464 ? 0.018603812588  ? -0.060047561476 ? 0.697963028305 ? 0.102030625034  ? 0.666674741711 ? 0.127212671308 ? 0.101190001992  ? -0.043736750274 ? 0.192333992930  ? -0.004322209343 ? 0.017621876030 ? -1.5725627242   ? -0.396753950288 ? -0.84002294926  ? -0.471369424887 ? 0.611511068538  ? 0.224335232826  ? 0.047939491783  ? -0.191763107403 ? -0.134747574085 ? 
8 'X-RAY DIFFRACTION' ? refined -6.2172337833  9.9053723855   0.0350467820   0.399877169798 ? -0.041020345884 ? -0.038527800056 ? 0.429371115383 ? 0.061316029171  ? 0.650690744640 ? 0.614426410910 ? 0.045206541273  ? 0.603817499767  ? 0.167550928550  ? 0.184750848542  ? 0.599590948309 ? 0.276890137785  ? -0.016703152799 ? 0.582091211257  ? -0.153597489599 ? -0.402782145537 ? -0.051531471802 ? -0.192247761315 ? 0.160469979504  ? -0.111813466600 ? 
9 'X-RAY DIFFRACTION' ? refined 1.2830029466   8.7229188109   -1.3044030582  0.367094735581 ? -0.071018460949 ? -0.006810427395 ? 0.39360977076  ? 0.011345672521  ? 0.495889268533 ? 0.923214226418 ? 0.016919520715  ? 0.792595467034  ? 0.728545385714  ? -0.060594338661 ? 0.64073850212  ? -0.338978480562 ? 0.286512766535  ? 1.17865927546   ? -0.182217769238 ? 0.313055224637  ? 0.005252996132  ? -0.454883849023 ? 0.459160375165  ? 0.151856942833  ? 
# 
loop_
_pdbx_refine_tls_group.id 
_pdbx_refine_tls_group.pdbx_refine_id 
_pdbx_refine_tls_group.refine_tls_id 
_pdbx_refine_tls_group.beg_label_asym_id 
_pdbx_refine_tls_group.beg_label_seq_id 
_pdbx_refine_tls_group.beg_auth_asym_id 
_pdbx_refine_tls_group.beg_auth_seq_id 
_pdbx_refine_tls_group.beg_PDB_ins_code 
_pdbx_refine_tls_group.end_label_asym_id 
_pdbx_refine_tls_group.end_label_seq_id 
_pdbx_refine_tls_group.end_auth_asym_id 
_pdbx_refine_tls_group.end_auth_seq_id 
_pdbx_refine_tls_group.end_PDB_ins_code 
_pdbx_refine_tls_group.selection 
_pdbx_refine_tls_group.selection_details 
1 'X-RAY DIFFRACTION' 1 A 1  A 25  ? A 5   A 29  ? ? 
;chain 'A' and (resid 25 through 29 )
;
2 'X-RAY DIFFRACTION' 2 A 6  A 30  ? A 21  A 44  ? ? 
;chain 'A' and (resid 30 through 44 )
;
3 'X-RAY DIFFRACTION' 3 A 22 A 48  ? A 31  A 56  ? ? 
;chain 'A' and (resid 48 through 56 )
;
4 'X-RAY DIFFRACTION' 4 A 32 A 57  ? A 51  A 75  ? ? 
;chain 'A' and (resid 57 through 75 )
;
5 'X-RAY DIFFRACTION' 5 A 52 A 76  ? A 62  A 85  ? ? 
;chain 'A' and (resid 76 through 85 )
;
6 'X-RAY DIFFRACTION' 6 A 63 A 86  ? A 73  A 96  ? ? 
;chain 'A' and (resid 86 through 96 )
;
7 'X-RAY DIFFRACTION' 7 A 74 A 97  ? A 79  A 102 ? ? 
;chain 'A' and (resid 97 through 102 )
;
8 'X-RAY DIFFRACTION' 8 A 80 A 103 ? A 88  A 111 ? ? 
;chain 'A' and (resid 103 through 111 )
;
9 'X-RAY DIFFRACTION' 9 A 89 A 112 ? A 103 A 126 ? ? 
;chain 'A' and (resid 112 through 126 )
;
# 
_pdbx_entry_details.entry_id                 7AV6 
_pdbx_entry_details.has_ligand_of_interest   N 
_pdbx_entry_details.compound_details         ? 
_pdbx_entry_details.source_details           ? 
_pdbx_entry_details.nonpolymer_details       ? 
_pdbx_entry_details.sequence_details         ? 
# 
loop_
_pdbx_unobs_or_zero_occ_residues.id 
_pdbx_unobs_or_zero_occ_residues.PDB_model_num 
_pdbx_unobs_or_zero_occ_residues.polymer_flag 
_pdbx_unobs_or_zero_occ_residues.occupancy_flag 
_pdbx_unobs_or_zero_occ_residues.auth_asym_id 
_pdbx_unobs_or_zero_occ_residues.auth_comp_id 
_pdbx_unobs_or_zero_occ_residues.auth_seq_id 
_pdbx_unobs_or_zero_occ_residues.PDB_ins_code 
_pdbx_unobs_or_zero_occ_residues.label_asym_id 
_pdbx_unobs_or_zero_occ_residues.label_comp_id 
_pdbx_unobs_or_zero_occ_residues.label_seq_id 
1  1 Y 1 A MET 1   ? A MET 1   
2  1 Y 1 A GLU 2   ? A GLU 2   
3  1 Y 1 A HIS 3   ? A HIS 3   
4  1 Y 1 A VAL 4   ? A VAL 4   
5  1 Y 1 A ALA 5   ? A ALA 5   
6  1 Y 1 A PHE 6   ? A PHE 6   
7  1 Y 1 A GLY 7   ? A GLY 7   
8  1 Y 1 A SER 8   ? A SER 8   
9  1 Y 1 A GLU 9   ? A GLU 9   
10 1 Y 1 A ASP 10  ? A ASP 10  
11 1 Y 1 A ILE 11  ? A ILE 11  
12 1 Y 1 A GLU 12  ? A GLU 12  
13 1 Y 1 A ASN 13  ? A ASN 13  
14 1 Y 1 A THR 14  ? A THR 14  
15 1 Y 1 A LEU 15  ? A LEU 15  
16 1 Y 1 A ALA 16  ? A ALA 16  
17 1 Y 1 A LYS 17  ? A LYS 17  
18 1 Y 1 A MET 18  ? A MET 18  
19 1 Y 1 A ASP 19  ? A ASP 19  
20 1 Y 1 A ASP 20  ? A ASP 20  
21 1 Y 1 A GLY 21  ? A GLY 21  
22 1 Y 1 A GLN 22  ? A GLN 22  
23 1 Y 1 A LEU 23  ? A LEU 23  
24 1 Y 1 A ASP 24  ? A ASP 24  
25 1 Y 1 A ALA 45  ? A ALA 45  
26 1 Y 1 A GLU 46  ? A GLU 46  
27 1 Y 1 A GLY 47  ? A GLY 47  
28 1 Y 1 A LEU 127 ? A LEU 127 
29 1 Y 1 A ALA 128 ? A ALA 128 
30 1 Y 1 A ALA 129 ? A ALA 129 
31 1 Y 1 A ALA 130 ? A ALA 130 
32 1 Y 1 A LEU 131 ? A LEU 131 
33 1 Y 1 A GLU 132 ? A GLU 132 
34 1 Y 1 A HIS 133 ? A HIS 133 
35 1 Y 1 A HIS 134 ? A HIS 134 
36 1 Y 1 A HIS 135 ? A HIS 135 
37 1 Y 1 A HIS 136 ? A HIS 136 
38 1 Y 1 A HIS 137 ? A HIS 137 
39 1 Y 1 A HIS 138 ? A HIS 138 
# 
loop_
_chem_comp_atom.comp_id 
_chem_comp_atom.atom_id 
_chem_comp_atom.type_symbol 
_chem_comp_atom.pdbx_aromatic_flag 
_chem_comp_atom.pdbx_stereo_config 
_chem_comp_atom.pdbx_ordinal 
ALA N    N N N 1   
ALA CA   C N S 2   
ALA C    C N N 3   
ALA O    O N N 4   
ALA CB   C N N 5   
ALA OXT  O N N 6   
ALA H    H N N 7   
ALA H2   H N N 8   
ALA HA   H N N 9   
ALA HB1  H N N 10  
ALA HB2  H N N 11  
ALA HB3  H N N 12  
ALA HXT  H N N 13  
ARG N    N N N 14  
ARG CA   C N S 15  
ARG C    C N N 16  
ARG O    O N N 17  
ARG CB   C N N 18  
ARG CG   C N N 19  
ARG CD   C N N 20  
ARG NE   N N N 21  
ARG CZ   C N N 22  
ARG NH1  N N N 23  
ARG NH2  N N N 24  
ARG OXT  O N N 25  
ARG H    H N N 26  
ARG H2   H N N 27  
ARG HA   H N N 28  
ARG HB2  H N N 29  
ARG HB3  H N N 30  
ARG HG2  H N N 31  
ARG HG3  H N N 32  
ARG HD2  H N N 33  
ARG HD3  H N N 34  
ARG HE   H N N 35  
ARG HH11 H N N 36  
ARG HH12 H N N 37  
ARG HH21 H N N 38  
ARG HH22 H N N 39  
ARG HXT  H N N 40  
ASN N    N N N 41  
ASN CA   C N S 42  
ASN C    C N N 43  
ASN O    O N N 44  
ASN CB   C N N 45  
ASN CG   C N N 46  
ASN OD1  O N N 47  
ASN ND2  N N N 48  
ASN OXT  O N N 49  
ASN H    H N N 50  
ASN H2   H N N 51  
ASN HA   H N N 52  
ASN HB2  H N N 53  
ASN HB3  H N N 54  
ASN HD21 H N N 55  
ASN HD22 H N N 56  
ASN HXT  H N N 57  
ASP N    N N N 58  
ASP CA   C N S 59  
ASP C    C N N 60  
ASP O    O N N 61  
ASP CB   C N N 62  
ASP CG   C N N 63  
ASP OD1  O N N 64  
ASP OD2  O N N 65  
ASP OXT  O N N 66  
ASP H    H N N 67  
ASP H2   H N N 68  
ASP HA   H N N 69  
ASP HB2  H N N 70  
ASP HB3  H N N 71  
ASP HD2  H N N 72  
ASP HXT  H N N 73  
CYS N    N N N 74  
CYS CA   C N R 75  
CYS C    C N N 76  
CYS O    O N N 77  
CYS CB   C N N 78  
CYS SG   S N N 79  
CYS OXT  O N N 80  
CYS H    H N N 81  
CYS H2   H N N 82  
CYS HA   H N N 83  
CYS HB2  H N N 84  
CYS HB3  H N N 85  
CYS HG   H N N 86  
CYS HXT  H N N 87  
FMT C    C N N 88  
FMT O1   O N N 89  
FMT O2   O N N 90  
FMT H    H N N 91  
FMT HO2  H N N 92  
GLN N    N N N 93  
GLN CA   C N S 94  
GLN C    C N N 95  
GLN O    O N N 96  
GLN CB   C N N 97  
GLN CG   C N N 98  
GLN CD   C N N 99  
GLN OE1  O N N 100 
GLN NE2  N N N 101 
GLN OXT  O N N 102 
GLN H    H N N 103 
GLN H2   H N N 104 
GLN HA   H N N 105 
GLN HB2  H N N 106 
GLN HB3  H N N 107 
GLN HG2  H N N 108 
GLN HG3  H N N 109 
GLN HE21 H N N 110 
GLN HE22 H N N 111 
GLN HXT  H N N 112 
GLU N    N N N 113 
GLU CA   C N S 114 
GLU C    C N N 115 
GLU O    O N N 116 
GLU CB   C N N 117 
GLU CG   C N N 118 
GLU CD   C N N 119 
GLU OE1  O N N 120 
GLU OE2  O N N 121 
GLU OXT  O N N 122 
GLU H    H N N 123 
GLU H2   H N N 124 
GLU HA   H N N 125 
GLU HB2  H N N 126 
GLU HB3  H N N 127 
GLU HG2  H N N 128 
GLU HG3  H N N 129 
GLU HE2  H N N 130 
GLU HXT  H N N 131 
GLY N    N N N 132 
GLY CA   C N N 133 
GLY C    C N N 134 
GLY O    O N N 135 
GLY OXT  O N N 136 
GLY H    H N N 137 
GLY H2   H N N 138 
GLY HA2  H N N 139 
GLY HA3  H N N 140 
GLY HXT  H N N 141 
HIS N    N N N 142 
HIS CA   C N S 143 
HIS C    C N N 144 
HIS O    O N N 145 
HIS CB   C N N 146 
HIS CG   C Y N 147 
HIS ND1  N Y N 148 
HIS CD2  C Y N 149 
HIS CE1  C Y N 150 
HIS NE2  N Y N 151 
HIS OXT  O N N 152 
HIS H    H N N 153 
HIS H2   H N N 154 
HIS HA   H N N 155 
HIS HB2  H N N 156 
HIS HB3  H N N 157 
HIS HD1  H N N 158 
HIS HD2  H N N 159 
HIS HE1  H N N 160 
HIS HE2  H N N 161 
HIS HXT  H N N 162 
HOH O    O N N 163 
HOH H1   H N N 164 
HOH H2   H N N 165 
ILE N    N N N 166 
ILE CA   C N S 167 
ILE C    C N N 168 
ILE O    O N N 169 
ILE CB   C N S 170 
ILE CG1  C N N 171 
ILE CG2  C N N 172 
ILE CD1  C N N 173 
ILE OXT  O N N 174 
ILE H    H N N 175 
ILE H2   H N N 176 
ILE HA   H N N 177 
ILE HB   H N N 178 
ILE HG12 H N N 179 
ILE HG13 H N N 180 
ILE HG21 H N N 181 
ILE HG22 H N N 182 
ILE HG23 H N N 183 
ILE HD11 H N N 184 
ILE HD12 H N N 185 
ILE HD13 H N N 186 
ILE HXT  H N N 187 
LEU N    N N N 188 
LEU CA   C N S 189 
LEU C    C N N 190 
LEU O    O N N 191 
LEU CB   C N N 192 
LEU CG   C N N 193 
LEU CD1  C N N 194 
LEU CD2  C N N 195 
LEU OXT  O N N 196 
LEU H    H N N 197 
LEU H2   H N N 198 
LEU HA   H N N 199 
LEU HB2  H N N 200 
LEU HB3  H N N 201 
LEU HG   H N N 202 
LEU HD11 H N N 203 
LEU HD12 H N N 204 
LEU HD13 H N N 205 
LEU HD21 H N N 206 
LEU HD22 H N N 207 
LEU HD23 H N N 208 
LEU HXT  H N N 209 
LYS N    N N N 210 
LYS CA   C N S 211 
LYS C    C N N 212 
LYS O    O N N 213 
LYS CB   C N N 214 
LYS CG   C N N 215 
LYS CD   C N N 216 
LYS CE   C N N 217 
LYS NZ   N N N 218 
LYS OXT  O N N 219 
LYS H    H N N 220 
LYS H2   H N N 221 
LYS HA   H N N 222 
LYS HB2  H N N 223 
LYS HB3  H N N 224 
LYS HG2  H N N 225 
LYS HG3  H N N 226 
LYS HD2  H N N 227 
LYS HD3  H N N 228 
LYS HE2  H N N 229 
LYS HE3  H N N 230 
LYS HZ1  H N N 231 
LYS HZ2  H N N 232 
LYS HZ3  H N N 233 
LYS HXT  H N N 234 
MET N    N N N 235 
MET CA   C N S 236 
MET C    C N N 237 
MET O    O N N 238 
MET CB   C N N 239 
MET CG   C N N 240 
MET SD   S N N 241 
MET CE   C N N 242 
MET OXT  O N N 243 
MET H    H N N 244 
MET H2   H N N 245 
MET HA   H N N 246 
MET HB2  H N N 247 
MET HB3  H N N 248 
MET HG2  H N N 249 
MET HG3  H N N 250 
MET HE1  H N N 251 
MET HE2  H N N 252 
MET HE3  H N N 253 
MET HXT  H N N 254 
PHE N    N N N 255 
PHE CA   C N S 256 
PHE C    C N N 257 
PHE O    O N N 258 
PHE CB   C N N 259 
PHE CG   C Y N 260 
PHE CD1  C Y N 261 
PHE CD2  C Y N 262 
PHE CE1  C Y N 263 
PHE CE2  C Y N 264 
PHE CZ   C Y N 265 
PHE OXT  O N N 266 
PHE H    H N N 267 
PHE H2   H N N 268 
PHE HA   H N N 269 
PHE HB2  H N N 270 
PHE HB3  H N N 271 
PHE HD1  H N N 272 
PHE HD2  H N N 273 
PHE HE1  H N N 274 
PHE HE2  H N N 275 
PHE HZ   H N N 276 
PHE HXT  H N N 277 
PRO N    N N N 278 
PRO CA   C N S 279 
PRO C    C N N 280 
PRO O    O N N 281 
PRO CB   C N N 282 
PRO CG   C N N 283 
PRO CD   C N N 284 
PRO OXT  O N N 285 
PRO H    H N N 286 
PRO HA   H N N 287 
PRO HB2  H N N 288 
PRO HB3  H N N 289 
PRO HG2  H N N 290 
PRO HG3  H N N 291 
PRO HD2  H N N 292 
PRO HD3  H N N 293 
PRO HXT  H N N 294 
SER N    N N N 295 
SER CA   C N S 296 
SER C    C N N 297 
SER O    O N N 298 
SER CB   C N N 299 
SER OG   O N N 300 
SER OXT  O N N 301 
SER H    H N N 302 
SER H2   H N N 303 
SER HA   H N N 304 
SER HB2  H N N 305 
SER HB3  H N N 306 
SER HG   H N N 307 
SER HXT  H N N 308 
THR N    N N N 309 
THR CA   C N S 310 
THR C    C N N 311 
THR O    O N N 312 
THR CB   C N R 313 
THR OG1  O N N 314 
THR CG2  C N N 315 
THR OXT  O N N 316 
THR H    H N N 317 
THR H2   H N N 318 
THR HA   H N N 319 
THR HB   H N N 320 
THR HG1  H N N 321 
THR HG21 H N N 322 
THR HG22 H N N 323 
THR HG23 H N N 324 
THR HXT  H N N 325 
TRP N    N N N 326 
TRP CA   C N S 327 
TRP C    C N N 328 
TRP O    O N N 329 
TRP CB   C N N 330 
TRP CG   C Y N 331 
TRP CD1  C Y N 332 
TRP CD2  C Y N 333 
TRP NE1  N Y N 334 
TRP CE2  C Y N 335 
TRP CE3  C Y N 336 
TRP CZ2  C Y N 337 
TRP CZ3  C Y N 338 
TRP CH2  C Y N 339 
TRP OXT  O N N 340 
TRP H    H N N 341 
TRP H2   H N N 342 
TRP HA   H N N 343 
TRP HB2  H N N 344 
TRP HB3  H N N 345 
TRP HD1  H N N 346 
TRP HE1  H N N 347 
TRP HE3  H N N 348 
TRP HZ2  H N N 349 
TRP HZ3  H N N 350 
TRP HH2  H N N 351 
TRP HXT  H N N 352 
TYR N    N N N 353 
TYR CA   C N S 354 
TYR C    C N N 355 
TYR O    O N N 356 
TYR CB   C N N 357 
TYR CG   C Y N 358 
TYR CD1  C Y N 359 
TYR CD2  C Y N 360 
TYR CE1  C Y N 361 
TYR CE2  C Y N 362 
TYR CZ   C Y N 363 
TYR OH   O N N 364 
TYR OXT  O N N 365 
TYR H    H N N 366 
TYR H2   H N N 367 
TYR HA   H N N 368 
TYR HB2  H N N 369 
TYR HB3  H N N 370 
TYR HD1  H N N 371 
TYR HD2  H N N 372 
TYR HE1  H N N 373 
TYR HE2  H N N 374 
TYR HH   H N N 375 
TYR HXT  H N N 376 
VAL N    N N N 377 
VAL CA   C N S 378 
VAL C    C N N 379 
VAL O    O N N 380 
VAL CB   C N N 381 
VAL CG1  C N N 382 
VAL CG2  C N N 383 
VAL OXT  O N N 384 
VAL H    H N N 385 
VAL H2   H N N 386 
VAL HA   H N N 387 
VAL HB   H N N 388 
VAL HG11 H N N 389 
VAL HG12 H N N 390 
VAL HG13 H N N 391 
VAL HG21 H N N 392 
VAL HG22 H N N 393 
VAL HG23 H N N 394 
VAL HXT  H N N 395 
# 
loop_
_chem_comp_bond.comp_id 
_chem_comp_bond.atom_id_1 
_chem_comp_bond.atom_id_2 
_chem_comp_bond.value_order 
_chem_comp_bond.pdbx_aromatic_flag 
_chem_comp_bond.pdbx_stereo_config 
_chem_comp_bond.pdbx_ordinal 
ALA N   CA   sing N N 1   
ALA N   H    sing N N 2   
ALA N   H2   sing N N 3   
ALA CA  C    sing N N 4   
ALA CA  CB   sing N N 5   
ALA CA  HA   sing N N 6   
ALA C   O    doub N N 7   
ALA C   OXT  sing N N 8   
ALA CB  HB1  sing N N 9   
ALA CB  HB2  sing N N 10  
ALA CB  HB3  sing N N 11  
ALA OXT HXT  sing N N 12  
ARG N   CA   sing N N 13  
ARG N   H    sing N N 14  
ARG N   H2   sing N N 15  
ARG CA  C    sing N N 16  
ARG CA  CB   sing N N 17  
ARG CA  HA   sing N N 18  
ARG C   O    doub N N 19  
ARG C   OXT  sing N N 20  
ARG CB  CG   sing N N 21  
ARG CB  HB2  sing N N 22  
ARG CB  HB3  sing N N 23  
ARG CG  CD   sing N N 24  
ARG CG  HG2  sing N N 25  
ARG CG  HG3  sing N N 26  
ARG CD  NE   sing N N 27  
ARG CD  HD2  sing N N 28  
ARG CD  HD3  sing N N 29  
ARG NE  CZ   sing N N 30  
ARG NE  HE   sing N N 31  
ARG CZ  NH1  sing N N 32  
ARG CZ  NH2  doub N N 33  
ARG NH1 HH11 sing N N 34  
ARG NH1 HH12 sing N N 35  
ARG NH2 HH21 sing N N 36  
ARG NH2 HH22 sing N N 37  
ARG OXT HXT  sing N N 38  
ASN N   CA   sing N N 39  
ASN N   H    sing N N 40  
ASN N   H2   sing N N 41  
ASN CA  C    sing N N 42  
ASN CA  CB   sing N N 43  
ASN CA  HA   sing N N 44  
ASN C   O    doub N N 45  
ASN C   OXT  sing N N 46  
ASN CB  CG   sing N N 47  
ASN CB  HB2  sing N N 48  
ASN CB  HB3  sing N N 49  
ASN CG  OD1  doub N N 50  
ASN CG  ND2  sing N N 51  
ASN ND2 HD21 sing N N 52  
ASN ND2 HD22 sing N N 53  
ASN OXT HXT  sing N N 54  
ASP N   CA   sing N N 55  
ASP N   H    sing N N 56  
ASP N   H2   sing N N 57  
ASP CA  C    sing N N 58  
ASP CA  CB   sing N N 59  
ASP CA  HA   sing N N 60  
ASP C   O    doub N N 61  
ASP C   OXT  sing N N 62  
ASP CB  CG   sing N N 63  
ASP CB  HB2  sing N N 64  
ASP CB  HB3  sing N N 65  
ASP CG  OD1  doub N N 66  
ASP CG  OD2  sing N N 67  
ASP OD2 HD2  sing N N 68  
ASP OXT HXT  sing N N 69  
CYS N   CA   sing N N 70  
CYS N   H    sing N N 71  
CYS N   H2   sing N N 72  
CYS CA  C    sing N N 73  
CYS CA  CB   sing N N 74  
CYS CA  HA   sing N N 75  
CYS C   O    doub N N 76  
CYS C   OXT  sing N N 77  
CYS CB  SG   sing N N 78  
CYS CB  HB2  sing N N 79  
CYS CB  HB3  sing N N 80  
CYS SG  HG   sing N N 81  
CYS OXT HXT  sing N N 82  
FMT C   O1   doub N N 83  
FMT C   O2   sing N N 84  
FMT C   H    sing N N 85  
FMT O2  HO2  sing N N 86  
GLN N   CA   sing N N 87  
GLN N   H    sing N N 88  
GLN N   H2   sing N N 89  
GLN CA  C    sing N N 90  
GLN CA  CB   sing N N 91  
GLN CA  HA   sing N N 92  
GLN C   O    doub N N 93  
GLN C   OXT  sing N N 94  
GLN CB  CG   sing N N 95  
GLN CB  HB2  sing N N 96  
GLN CB  HB3  sing N N 97  
GLN CG  CD   sing N N 98  
GLN CG  HG2  sing N N 99  
GLN CG  HG3  sing N N 100 
GLN CD  OE1  doub N N 101 
GLN CD  NE2  sing N N 102 
GLN NE2 HE21 sing N N 103 
GLN NE2 HE22 sing N N 104 
GLN OXT HXT  sing N N 105 
GLU N   CA   sing N N 106 
GLU N   H    sing N N 107 
GLU N   H2   sing N N 108 
GLU CA  C    sing N N 109 
GLU CA  CB   sing N N 110 
GLU CA  HA   sing N N 111 
GLU C   O    doub N N 112 
GLU C   OXT  sing N N 113 
GLU CB  CG   sing N N 114 
GLU CB  HB2  sing N N 115 
GLU CB  HB3  sing N N 116 
GLU CG  CD   sing N N 117 
GLU CG  HG2  sing N N 118 
GLU CG  HG3  sing N N 119 
GLU CD  OE1  doub N N 120 
GLU CD  OE2  sing N N 121 
GLU OE2 HE2  sing N N 122 
GLU OXT HXT  sing N N 123 
GLY N   CA   sing N N 124 
GLY N   H    sing N N 125 
GLY N   H2   sing N N 126 
GLY CA  C    sing N N 127 
GLY CA  HA2  sing N N 128 
GLY CA  HA3  sing N N 129 
GLY C   O    doub N N 130 
GLY C   OXT  sing N N 131 
GLY OXT HXT  sing N N 132 
HIS N   CA   sing N N 133 
HIS N   H    sing N N 134 
HIS N   H2   sing N N 135 
HIS CA  C    sing N N 136 
HIS CA  CB   sing N N 137 
HIS CA  HA   sing N N 138 
HIS C   O    doub N N 139 
HIS C   OXT  sing N N 140 
HIS CB  CG   sing N N 141 
HIS CB  HB2  sing N N 142 
HIS CB  HB3  sing N N 143 
HIS CG  ND1  sing Y N 144 
HIS CG  CD2  doub Y N 145 
HIS ND1 CE1  doub Y N 146 
HIS ND1 HD1  sing N N 147 
HIS CD2 NE2  sing Y N 148 
HIS CD2 HD2  sing N N 149 
HIS CE1 NE2  sing Y N 150 
HIS CE1 HE1  sing N N 151 
HIS NE2 HE2  sing N N 152 
HIS OXT HXT  sing N N 153 
HOH O   H1   sing N N 154 
HOH O   H2   sing N N 155 
ILE N   CA   sing N N 156 
ILE N   H    sing N N 157 
ILE N   H2   sing N N 158 
ILE CA  C    sing N N 159 
ILE CA  CB   sing N N 160 
ILE CA  HA   sing N N 161 
ILE C   O    doub N N 162 
ILE C   OXT  sing N N 163 
ILE CB  CG1  sing N N 164 
ILE CB  CG2  sing N N 165 
ILE CB  HB   sing N N 166 
ILE CG1 CD1  sing N N 167 
ILE CG1 HG12 sing N N 168 
ILE CG1 HG13 sing N N 169 
ILE CG2 HG21 sing N N 170 
ILE CG2 HG22 sing N N 171 
ILE CG2 HG23 sing N N 172 
ILE CD1 HD11 sing N N 173 
ILE CD1 HD12 sing N N 174 
ILE CD1 HD13 sing N N 175 
ILE OXT HXT  sing N N 176 
LEU N   CA   sing N N 177 
LEU N   H    sing N N 178 
LEU N   H2   sing N N 179 
LEU CA  C    sing N N 180 
LEU CA  CB   sing N N 181 
LEU CA  HA   sing N N 182 
LEU C   O    doub N N 183 
LEU C   OXT  sing N N 184 
LEU CB  CG   sing N N 185 
LEU CB  HB2  sing N N 186 
LEU CB  HB3  sing N N 187 
LEU CG  CD1  sing N N 188 
LEU CG  CD2  sing N N 189 
LEU CG  HG   sing N N 190 
LEU CD1 HD11 sing N N 191 
LEU CD1 HD12 sing N N 192 
LEU CD1 HD13 sing N N 193 
LEU CD2 HD21 sing N N 194 
LEU CD2 HD22 sing N N 195 
LEU CD2 HD23 sing N N 196 
LEU OXT HXT  sing N N 197 
LYS N   CA   sing N N 198 
LYS N   H    sing N N 199 
LYS N   H2   sing N N 200 
LYS CA  C    sing N N 201 
LYS CA  CB   sing N N 202 
LYS CA  HA   sing N N 203 
LYS C   O    doub N N 204 
LYS C   OXT  sing N N 205 
LYS CB  CG   sing N N 206 
LYS CB  HB2  sing N N 207 
LYS CB  HB3  sing N N 208 
LYS CG  CD   sing N N 209 
LYS CG  HG2  sing N N 210 
LYS CG  HG3  sing N N 211 
LYS CD  CE   sing N N 212 
LYS CD  HD2  sing N N 213 
LYS CD  HD3  sing N N 214 
LYS CE  NZ   sing N N 215 
LYS CE  HE2  sing N N 216 
LYS CE  HE3  sing N N 217 
LYS NZ  HZ1  sing N N 218 
LYS NZ  HZ2  sing N N 219 
LYS NZ  HZ3  sing N N 220 
LYS OXT HXT  sing N N 221 
MET N   CA   sing N N 222 
MET N   H    sing N N 223 
MET N   H2   sing N N 224 
MET CA  C    sing N N 225 
MET CA  CB   sing N N 226 
MET CA  HA   sing N N 227 
MET C   O    doub N N 228 
MET C   OXT  sing N N 229 
MET CB  CG   sing N N 230 
MET CB  HB2  sing N N 231 
MET CB  HB3  sing N N 232 
MET CG  SD   sing N N 233 
MET CG  HG2  sing N N 234 
MET CG  HG3  sing N N 235 
MET SD  CE   sing N N 236 
MET CE  HE1  sing N N 237 
MET CE  HE2  sing N N 238 
MET CE  HE3  sing N N 239 
MET OXT HXT  sing N N 240 
PHE N   CA   sing N N 241 
PHE N   H    sing N N 242 
PHE N   H2   sing N N 243 
PHE CA  C    sing N N 244 
PHE CA  CB   sing N N 245 
PHE CA  HA   sing N N 246 
PHE C   O    doub N N 247 
PHE C   OXT  sing N N 248 
PHE CB  CG   sing N N 249 
PHE CB  HB2  sing N N 250 
PHE CB  HB3  sing N N 251 
PHE CG  CD1  doub Y N 252 
PHE CG  CD2  sing Y N 253 
PHE CD1 CE1  sing Y N 254 
PHE CD1 HD1  sing N N 255 
PHE CD2 CE2  doub Y N 256 
PHE CD2 HD2  sing N N 257 
PHE CE1 CZ   doub Y N 258 
PHE CE1 HE1  sing N N 259 
PHE CE2 CZ   sing Y N 260 
PHE CE2 HE2  sing N N 261 
PHE CZ  HZ   sing N N 262 
PHE OXT HXT  sing N N 263 
PRO N   CA   sing N N 264 
PRO N   CD   sing N N 265 
PRO N   H    sing N N 266 
PRO CA  C    sing N N 267 
PRO CA  CB   sing N N 268 
PRO CA  HA   sing N N 269 
PRO C   O    doub N N 270 
PRO C   OXT  sing N N 271 
PRO CB  CG   sing N N 272 
PRO CB  HB2  sing N N 273 
PRO CB  HB3  sing N N 274 
PRO CG  CD   sing N N 275 
PRO CG  HG2  sing N N 276 
PRO CG  HG3  sing N N 277 
PRO CD  HD2  sing N N 278 
PRO CD  HD3  sing N N 279 
PRO OXT HXT  sing N N 280 
SER N   CA   sing N N 281 
SER N   H    sing N N 282 
SER N   H2   sing N N 283 
SER CA  C    sing N N 284 
SER CA  CB   sing N N 285 
SER CA  HA   sing N N 286 
SER C   O    doub N N 287 
SER C   OXT  sing N N 288 
SER CB  OG   sing N N 289 
SER CB  HB2  sing N N 290 
SER CB  HB3  sing N N 291 
SER OG  HG   sing N N 292 
SER OXT HXT  sing N N 293 
THR N   CA   sing N N 294 
THR N   H    sing N N 295 
THR N   H2   sing N N 296 
THR CA  C    sing N N 297 
THR CA  CB   sing N N 298 
THR CA  HA   sing N N 299 
THR C   O    doub N N 300 
THR C   OXT  sing N N 301 
THR CB  OG1  sing N N 302 
THR CB  CG2  sing N N 303 
THR CB  HB   sing N N 304 
THR OG1 HG1  sing N N 305 
THR CG2 HG21 sing N N 306 
THR CG2 HG22 sing N N 307 
THR CG2 HG23 sing N N 308 
THR OXT HXT  sing N N 309 
TRP N   CA   sing N N 310 
TRP N   H    sing N N 311 
TRP N   H2   sing N N 312 
TRP CA  C    sing N N 313 
TRP CA  CB   sing N N 314 
TRP CA  HA   sing N N 315 
TRP C   O    doub N N 316 
TRP C   OXT  sing N N 317 
TRP CB  CG   sing N N 318 
TRP CB  HB2  sing N N 319 
TRP CB  HB3  sing N N 320 
TRP CG  CD1  doub Y N 321 
TRP CG  CD2  sing Y N 322 
TRP CD1 NE1  sing Y N 323 
TRP CD1 HD1  sing N N 324 
TRP CD2 CE2  doub Y N 325 
TRP CD2 CE3  sing Y N 326 
TRP NE1 CE2  sing Y N 327 
TRP NE1 HE1  sing N N 328 
TRP CE2 CZ2  sing Y N 329 
TRP CE3 CZ3  doub Y N 330 
TRP CE3 HE3  sing N N 331 
TRP CZ2 CH2  doub Y N 332 
TRP CZ2 HZ2  sing N N 333 
TRP CZ3 CH2  sing Y N 334 
TRP CZ3 HZ3  sing N N 335 
TRP CH2 HH2  sing N N 336 
TRP OXT HXT  sing N N 337 
TYR N   CA   sing N N 338 
TYR N   H    sing N N 339 
TYR N   H2   sing N N 340 
TYR CA  C    sing N N 341 
TYR CA  CB   sing N N 342 
TYR CA  HA   sing N N 343 
TYR C   O    doub N N 344 
TYR C   OXT  sing N N 345 
TYR CB  CG   sing N N 346 
TYR CB  HB2  sing N N 347 
TYR CB  HB3  sing N N 348 
TYR CG  CD1  doub Y N 349 
TYR CG  CD2  sing Y N 350 
TYR CD1 CE1  sing Y N 351 
TYR CD1 HD1  sing N N 352 
TYR CD2 CE2  doub Y N 353 
TYR CD2 HD2  sing N N 354 
TYR CE1 CZ   doub Y N 355 
TYR CE1 HE1  sing N N 356 
TYR CE2 CZ   sing Y N 357 
TYR CE2 HE2  sing N N 358 
TYR CZ  OH   sing N N 359 
TYR OH  HH   sing N N 360 
TYR OXT HXT  sing N N 361 
VAL N   CA   sing N N 362 
VAL N   H    sing N N 363 
VAL N   H2   sing N N 364 
VAL CA  C    sing N N 365 
VAL CA  CB   sing N N 366 
VAL CA  HA   sing N N 367 
VAL C   O    doub N N 368 
VAL C   OXT  sing N N 369 
VAL CB  CG1  sing N N 370 
VAL CB  CG2  sing N N 371 
VAL CB  HB   sing N N 372 
VAL CG1 HG11 sing N N 373 
VAL CG1 HG12 sing N N 374 
VAL CG1 HG13 sing N N 375 
VAL CG2 HG21 sing N N 376 
VAL CG2 HG22 sing N N 377 
VAL CG2 HG23 sing N N 378 
VAL OXT HXT  sing N N 379 
# 
_pdbx_initial_refinement_model.id               1 
_pdbx_initial_refinement_model.entity_id_list   ? 
_pdbx_initial_refinement_model.type             'experimental model' 
_pdbx_initial_refinement_model.source_name      PDB 
_pdbx_initial_refinement_model.accession_code   1ODV 
_pdbx_initial_refinement_model.details          ? 
# 
_space_group.name_H-M_alt     'P 41 21 2' 
_space_group.name_Hall        'P 4abw 2nw' 
_space_group.IT_number        92 
_space_group.crystal_system   tetragonal 
_space_group.id               1 
# 
_atom_sites.entry_id                    7AV6 
_atom_sites.Cartn_transf_matrix[1][1]   ? 
_atom_sites.Cartn_transf_matrix[1][2]   ? 
_atom_sites.Cartn_transf_matrix[1][3]   ? 
_atom_sites.Cartn_transf_matrix[2][1]   ? 
_atom_sites.Cartn_transf_matrix[2][2]   ? 
_atom_sites.Cartn_transf_matrix[2][3]   ? 
_atom_sites.Cartn_transf_matrix[3][1]   ? 
_atom_sites.Cartn_transf_matrix[3][2]   ? 
_atom_sites.Cartn_transf_matrix[3][3]   ? 
_atom_sites.Cartn_transf_vector[1]      ? 
_atom_sites.Cartn_transf_vector[2]      ? 
_atom_sites.Cartn_transf_vector[3]      ? 
_atom_sites.fract_transf_matrix[1][1]   -0.01648575 
_atom_sites.fract_transf_matrix[1][2]   -0.01422857 
_atom_sites.fract_transf_matrix[1][3]   -0.00007444 
_atom_sites.fract_transf_matrix[2][1]   -0.00282700 
_atom_sites.fract_transf_matrix[2][2]   0.00316371 
_atom_sites.fract_transf_matrix[2][3]   0.02135970 
_atom_sites.fract_transf_matrix[3][1]   -0.00609622 
_atom_sites.fract_transf_matrix[3][2]   0.00707301 
_atom_sites.fract_transf_matrix[3][3]   -0.00185447 
_atom_sites.fract_transf_vector[1]      0.308765 
_atom_sites.fract_transf_vector[2]      0.713248 
_atom_sites.fract_transf_vector[3]      0.351466 
_atom_sites.solution_primary            ? 
_atom_sites.solution_secondary          ? 
_atom_sites.solution_hydrogens          ? 
_atom_sites.special_details             ? 
# 
loop_
_atom_type.symbol 
_atom_type.scat_dispersion_real 
_atom_type.scat_dispersion_imag 
_atom_type.scat_Cromer_Mann_a1 
_atom_type.scat_Cromer_Mann_a2 
_atom_type.scat_Cromer_Mann_a3 
_atom_type.scat_Cromer_Mann_a4 
_atom_type.scat_Cromer_Mann_b1 
_atom_type.scat_Cromer_Mann_b2 
_atom_type.scat_Cromer_Mann_b3 
_atom_type.scat_Cromer_Mann_b4 
_atom_type.scat_Cromer_Mann_c 
_atom_type.scat_source 
_atom_type.scat_dispersion_source 
C ? ? 3.54356 2.42580 ? ? 25.62398 1.50364  ? ? 0.0 
;2-Gaussian fit: Grosse-Kunstleve RW, Sauter NK, Adams PD: Newsletter of the IUCr Commission on Crystallographic Computing 2004, 3, 22-31.
;
? 
N ? ? 4.01032 2.96436 ? ? 19.97189 1.75589  ? ? 0.0 
;2-Gaussian fit: Grosse-Kunstleve RW, Sauter NK, Adams PD: Newsletter of the IUCr Commission on Crystallographic Computing 2004, 3, 22-31.
;
? 
O ? ? 4.49882 3.47563 ? ? 15.80542 1.70748  ? ? 0.0 
;2-Gaussian fit: Grosse-Kunstleve RW, Sauter NK, Adams PD: Newsletter of the IUCr Commission on Crystallographic Computing 2004, 3, 22-31.
;
? 
S ? ? 9.55732 6.39887 ? ? 1.23737  29.19336 ? ? 0.0 
;2-Gaussian fit: Grosse-Kunstleve RW, Sauter NK, Adams PD: Newsletter of the IUCr Commission on Crystallographic Computing 2004, 3, 22-31.
;
? 
# 
loop_
_atom_site.group_PDB 
_atom_site.id 
_atom_site.type_symbol 
_atom_site.label_atom_id 
_atom_site.label_alt_id 
_atom_site.label_comp_id 
_atom_site.label_asym_id 
_atom_site.label_entity_id 
_atom_site.label_seq_id 
_atom_site.pdbx_PDB_ins_code 
_atom_site.Cartn_x 
_atom_site.Cartn_y 
_atom_site.Cartn_z 
_atom_site.occupancy 
_atom_site.B_iso_or_equiv 
_atom_site.pdbx_formal_charge 
_atom_site.auth_seq_id 
_atom_site.auth_comp_id 
_atom_site.auth_asym_id 
_atom_site.auth_atom_id 
_atom_site.pdbx_PDB_model_num 
ATOM   1   N N   . GLY A 1 25  ? 30.29446  -9.94236  -1.58260  1.000 85.53088  ? 25  GLY A N   1 
ATOM   2   C CA  . GLY A 1 25  ? 29.68928  -9.83102  -0.26886  1.000 79.05227  ? 25  GLY A CA  1 
ATOM   3   C C   . GLY A 1 25  ? 28.40775  -10.63019 -0.12603  1.000 82.05959  ? 25  GLY A C   1 
ATOM   4   O O   . GLY A 1 25  ? 27.82311  -11.05807 -1.12011  1.000 87.45792  ? 25  GLY A O   1 
ATOM   5   N N   . LEU A 1 26  ? 27.97180  -10.83721 1.11436   1.000 69.58039  ? 26  LEU A N   1 
ATOM   6   C CA  . LEU A 1 26  ? 26.76041  -11.59226 1.40914   1.000 60.27677  ? 26  LEU A CA  1 
ATOM   7   C C   . LEU A 1 26  ? 25.59930  -10.62299 1.56493   1.000 52.02540  ? 26  LEU A C   1 
ATOM   8   O O   . LEU A 1 26  ? 25.69794  -9.64575  2.31362   1.000 50.41726  ? 26  LEU A O   1 
ATOM   9   C CB  . LEU A 1 26  ? 26.92793  -12.40537 2.69363   1.000 55.26051  ? 26  LEU A CB  1 
ATOM   10  C CG  . LEU A 1 26  ? 26.93083  -13.92547 2.53408   1.000 66.46414  ? 26  LEU A CG  1 
ATOM   11  N N   . ALA A 1 27  ? 24.49624  -10.90764 0.87324   1.000 50.08090  ? 27  ALA A N   1 
ATOM   12  C CA  . ALA A 1 27  ? 23.38543  -9.96257  0.84685   1.000 59.66164  ? 27  ALA A CA  1 
ATOM   13  C C   . ALA A 1 27  ? 22.60149  -9.97379  2.15414   1.000 54.38292  ? 27  ALA A C   1 
ATOM   14  O O   . ALA A 1 27  ? 22.09488  -8.93260  2.58736   1.000 56.33040  ? 27  ALA A O   1 
ATOM   15  C CB  . ALA A 1 27  ? 22.46916  -10.26546 -0.33558  1.000 58.11874  ? 27  ALA A CB  1 
ATOM   16  N N   . PHE A 1 28  ? 22.48501  -11.13343 2.79181   1.000 48.23440  ? 28  PHE A N   1 
ATOM   17  C CA  . PHE A 1 28  ? 21.67331  -11.27722 3.99141   1.000 53.68768  ? 28  PHE A CA  1 
ATOM   18  C C   . PHE A 1 28  ? 22.46735  -12.00422 5.06469   1.000 62.69869  ? 28  PHE A C   1 
ATOM   19  O O   . PHE A 1 28  ? 23.23363  -12.92630 4.76695   1.000 61.14094  ? 28  PHE A O   1 
ATOM   20  C CB  . PHE A 1 28  ? 20.42609  -12.10992 3.71443   1.000 47.33484  ? 28  PHE A CB  1 
ATOM   21  C CG  . PHE A 1 28  ? 19.56233  -11.58610 2.60078   1.000 48.37874  ? 28  PHE A CG  1 
ATOM   22  C CD1 . PHE A 1 28  ? 18.72369  -10.50197 2.79861   1.000 57.56739  ? 28  PHE A CD1 1 
ATOM   23  C CD2 . PHE A 1 28  ? 19.55820  -12.20871 1.36990   1.000 55.95727  ? 28  PHE A CD2 1 
ATOM   24  C CE1 . PHE A 1 28  ? 17.91452  -10.04052 1.77318   1.000 51.21384  ? 28  PHE A CE1 1 
ATOM   25  C CE2 . PHE A 1 28  ? 18.75588  -11.75230 0.34601   1.000 49.48827  ? 28  PHE A CE2 1 
ATOM   26  C CZ  . PHE A 1 28  ? 17.93629  -10.66823 0.54513   1.000 50.31301  ? 28  PHE A CZ  1 
ATOM   27  N N   . GLY A 1 29  ? 22.26496  -11.59806 6.31503   1.000 48.33076  ? 29  GLY A N   1 
ATOM   28  C CA  . GLY A 1 29  ? 22.79803  -12.34249 7.43696   1.000 45.45541  ? 29  GLY A CA  1 
ATOM   29  C C   . GLY A 1 29  ? 21.78560  -13.34270 7.95782   1.000 47.59735  ? 29  GLY A C   1 
ATOM   30  O O   . GLY A 1 29  ? 22.13234  -14.47947 8.28869   1.000 43.77477  ? 29  GLY A O   1 
ATOM   31  N N   . ALA A 1 30  ? 20.52151  -12.93385 8.01781   1.000 39.08015  ? 30  ALA A N   1 
ATOM   32  C CA  . ALA A 1 30  ? 19.45575  -13.79761 8.50897   1.000 30.82730  ? 30  ALA A CA  1 
ATOM   33  C C   . ALA A 1 30  ? 18.19564  -13.46067 7.73559   1.000 34.26555  ? 30  ALA A C   1 
ATOM   34  O O   . ALA A 1 30  ? 17.87938  -12.27938 7.55218   1.000 35.94581  ? 30  ALA A O   1 
ATOM   35  C CB  . ALA A 1 30  ? 19.22301  -13.61242 10.00777  1.000 35.17638  ? 30  ALA A CB  1 
ATOM   36  N N   . ILE A 1 31  ? 17.50741  -14.48823 7.23635   1.000 31.49424  ? 31  ILE A N   1 
ATOM   37  C CA  . ILE A 1 31  ? 16.28955  -14.31850 6.45229   1.000 30.09790  ? 31  ILE A CA  1 
ATOM   38  C C   . ILE A 1 31  ? 15.19926  -15.15649 7.09505   1.000 30.53816  ? 31  ILE A C   1 
ATOM   39  O O   . ILE A 1 31  ? 15.42390  -16.32824 7.41630   1.000 33.32250  ? 31  ILE A O   1 
ATOM   40  C CB  . ILE A 1 31  ? 16.47987  -14.75774 4.98884   1.000 32.38369  ? 31  ILE A CB  1 
ATOM   41  C CG1 . ILE A 1 31  ? 17.80320  -14.25394 4.43854   1.000 41.47480  ? 31  ILE A CG1 1 
ATOM   42  C CG2 . ILE A 1 31  ? 15.31276  -14.27586 4.15523   1.000 34.51492  ? 31  ILE A CG2 1 
ATOM   43  C CD1 . ILE A 1 31  ? 18.80825  -15.38403 4.19843   1.000 51.75038  ? 31  ILE A CD1 1 
ATOM   44  N N   . GLN A 1 32  ? 14.03346  -14.55445 7.30981   1.000 30.40784  ? 32  GLN A N   1 
ATOM   45  C CA  . GLN A 1 32  ? 12.90716  -15.25002 7.90904   1.000 31.13395  ? 32  GLN A CA  1 
ATOM   46  C C   . GLN A 1 32  ? 11.98196  -15.72067 6.79574   1.000 29.37700  ? 32  GLN A C   1 
ATOM   47  O O   . GLN A 1 32  ? 11.54639  -14.91314 5.96494   1.000 31.34983  ? 32  GLN A O   1 
ATOM   48  C CB  . GLN A 1 32  ? 12.14823  -14.33802 8.86369   1.000 33.84382  ? 32  GLN A CB  1 
ATOM   49  C CG  . GLN A 1 32  ? 11.06786  -15.07230 9.64543   1.000 31.90792  ? 32  GLN A CG  1 
ATOM   50  C CD  . GLN A 1 32  ? 10.33025  -14.14984 10.54433  1.000 34.57630  ? 32  GLN A CD  1 
ATOM   51  O OE1 . GLN A 1 32  ? 10.18002  -12.97286 10.24776  1.000 35.95588  ? 32  GLN A OE1 1 
ATOM   52  N NE2 . GLN A 1 32  ? 9.90371   -14.66345 11.69628  1.000 44.58955  ? 32  GLN A NE2 1 
ATOM   53  N N   . LEU A 1 33  ? 11.63862  -17.00447 6.81706   1.000 32.18369  ? 33  LEU A N   1 
ATOM   54  C CA  . LEU A 1 33  ? 10.83543  -17.60719 5.76246   1.000 29.90405  ? 33  LEU A CA  1 
ATOM   55  C C   . LEU A 1 33  ? 9.56682   -18.21552 6.34632   1.000 33.47527  ? 33  LEU A C   1 
ATOM   56  O O   . LEU A 1 33  ? 9.55185   -18.67664 7.49424   1.000 35.22161  ? 33  LEU A O   1 
ATOM   57  C CB  . LEU A 1 33  ? 11.62261  -18.72706 5.07121   1.000 32.43572  ? 33  LEU A CB  1 
ATOM   58  C CG  . LEU A 1 33  ? 12.97921  -18.36469 4.46311   1.000 31.45598  ? 33  LEU A CG  1 
ATOM   59  C CD1 . LEU A 1 33  ? 13.56661  -19.58020 3.74893   1.000 32.48148  ? 33  LEU A CD1 1 
ATOM   60  C CD2 . LEU A 1 33  ? 12.89622  -17.19180 3.49837   1.000 29.29884  ? 33  LEU A CD2 1 
ATOM   61  N N   . ASP A 1 34  ? 8.49072   -18.19160 5.56241   1.000 32.65718  ? 34  ASP A N   1 
ATOM   62  C CA  . ASP A 1 34  ? 7.34099   -19.01207 5.91002   1.000 36.40472  ? 34  ASP A CA  1 
ATOM   63  C C   . ASP A 1 34  ? 7.57609   -20.45903 5.47734   1.000 35.23983  ? 34  ASP A C   1 
ATOM   64  O O   . ASP A 1 34  ? 8.60860   -20.81043 4.89654   1.000 35.05818  ? 34  ASP A O   1 
ATOM   65  C CB  . ASP A 1 34  ? 6.02749   -18.41572 5.39195   1.000 38.16761  ? 34  ASP A CB  1 
ATOM   66  C CG  . ASP A 1 34  ? 5.89105   -18.42972 3.87216   1.000 39.49457  ? 34  ASP A CG  1 
ATOM   67  O OD1 . ASP A 1 34  ? 6.61595   -19.17038 3.18071   1.000 38.36941  ? 34  ASP A OD1 1 
ATOM   68  O OD2 . ASP A 1 34  ? 5.02776   -17.66940 3.36896   1.000 41.91296  ? 34  ASP A OD2 1 
ATOM   69  N N   . GLY A 1 35  ? 6.59137   -21.31734 5.75905   1.000 39.03585  ? 35  GLY A N   1 
ATOM   70  C CA  . GLY A 1 35  ? 6.74971   -22.73542 5.48055   1.000 43.10822  ? 35  GLY A CA  1 
ATOM   71  C C   . GLY A 1 35  ? 6.90553   -23.06440 4.01137   1.000 43.99648  ? 35  GLY A C   1 
ATOM   72  O O   . GLY A 1 35  ? 7.41566   -24.14434 3.68006   1.000 48.35847  ? 35  GLY A O   1 
ATOM   73  N N   . ASP A 1 36  ? 6.47701   -22.16258 3.12456   1.000 42.91861  ? 36  ASP A N   1 
ATOM   74  C CA  . ASP A 1 36  ? 6.65569   -22.32395 1.68922   1.000 42.43696  ? 36  ASP A CA  1 
ATOM   75  C C   . ASP A 1 36  ? 7.98569   -21.77608 1.19121   1.000 47.15246  ? 36  ASP A C   1 
ATOM   76  O O   . ASP A 1 36  ? 8.28541   -21.91672 0.00224   1.000 43.48294  ? 36  ASP A O   1 
ATOM   77  C CB  . ASP A 1 36  ? 5.51836   -21.61295 0.93803   1.000 40.68833  ? 36  ASP A CB  1 
ATOM   78  C CG  . ASP A 1 36  ? 4.15473   -22.14537 1.31056   1.000 63.15206  ? 36  ASP A CG  1 
ATOM   79  O OD1 . ASP A 1 36  ? 3.99137   -23.38485 1.34183   1.000 69.14165  ? 36  ASP A OD1 1 
ATOM   80  O OD2 . ASP A 1 36  ? 3.25057   -21.32540 1.58237   1.000 66.46035  ? 36  ASP A OD2 1 
ATOM   81  N N   . GLY A 1 37  ? 8.79085   -21.16524 2.05717   1.000 36.62852  ? 37  GLY A N   1 
ATOM   82  C CA  . GLY A 1 37  ? 10.02048  -20.55513 1.60133   1.000 31.45212  ? 37  GLY A CA  1 
ATOM   83  C C   . GLY A 1 37  ? 9.90940   -19.11292 1.18401   1.000 31.21500  ? 37  GLY A C   1 
ATOM   84  O O   . GLY A 1 37  ? 10.88199  -18.56219 0.65071   1.000 31.47905  ? 37  GLY A O   1 
ATOM   85  N N   . ASN A 1 38  ? 8.75682   -18.47661 1.39566   1.000 33.09116  ? 38  ASN A N   1 
ATOM   86  C CA  . ASN A 1 38  ? 8.58020   -17.08574 1.02257   1.000 31.32228  ? 38  ASN A CA  1 
ATOM   87  C C   . ASN A 1 38  ? 9.13707   -16.18683 2.11622   1.000 31.74938  ? 38  ASN A C   1 
ATOM   88  O O   . ASN A 1 38  ? 9.01237   -16.49031 3.30758   1.000 32.56850  ? 38  ASN A O   1 
ATOM   89  C CB  . ASN A 1 38  ? 7.10552   -16.78889 0.76285   1.000 32.34787  ? 38  ASN A CB  1 
ATOM   90  C CG  . ASN A 1 38  ? 6.56813   -17.60790 -0.38746  1.000 39.90298  ? 38  ASN A CG  1 
ATOM   91  O OD1 . ASN A 1 38  ? 7.19383   -17.66488 -1.44593  1.000 39.88297  ? 38  ASN A OD1 1 
ATOM   92  N ND2 . ASN A 1 38  ? 5.44687   -18.28798 -0.17563  1.000 46.09937  ? 38  ASN A ND2 1 
ATOM   93  N N   . ILE A 1 39  ? 9.76473   -15.08881 1.70553   1.000 29.80190  ? 39  ILE A N   1 
ATOM   94  C CA  . ILE A 1 39  ? 10.48649  -14.22249 2.63597   1.000 26.85848  ? 39  ILE A CA  1 
ATOM   95  C C   . ILE A 1 39  ? 9.50928   -13.34214 3.40016   1.000 30.03463  ? 39  ILE A C   1 
ATOM   96  O O   . ILE A 1 39  ? 8.70799   -12.60730 2.80586   1.000 31.68684  ? 39  ILE A O   1 
ATOM   97  C CB  . ILE A 1 39  ? 11.52198  -13.37599 1.88870   1.000 29.09572  ? 39  ILE A CB  1 
ATOM   98  C CG1 . ILE A 1 39  ? 12.57861  -14.29183 1.25877   1.000 28.68758  ? 39  ILE A CG1 1 
ATOM   99  C CG2 . ILE A 1 39  ? 12.16184  -12.33835 2.81719   1.000 30.26285  ? 39  ILE A CG2 1 
ATOM   100 C CD1 . ILE A 1 39  ? 13.44880  -13.57771 0.25062   1.000 34.00052  ? 39  ILE A CD1 1 
ATOM   101 N N   . LEU A 1 40  ? 9.60748   -13.38386 4.72843   1.000 29.20291  ? 40  LEU A N   1 
ATOM   102 C CA  . LEU A 1 40  ? 8.81239   -12.55195 5.63008   1.000 28.76462  ? 40  LEU A CA  1 
ATOM   103 C C   . LEU A 1 40  ? 9.55348   -11.28404 6.03557   1.000 34.15741  ? 40  LEU A C   1 
ATOM   104 O O   . LEU A 1 40  ? 8.96577   -10.18454 6.00334   1.000 32.70556  ? 40  LEU A O   1 
ATOM   105 C CB  . LEU A 1 40  ? 8.45225   -13.36547 6.88025   1.000 30.68626  ? 40  LEU A CB  1 
ATOM   106 C CG  . LEU A 1 40  ? 7.56693   -14.58943 6.60464   1.000 33.62159  ? 40  LEU A CG  1 
ATOM   107 C CD1 . LEU A 1 40  ? 7.26994   -15.38282 7.86647   1.000 34.88339  ? 40  LEU A CD1 1 
ATOM   108 C CD2 . LEU A 1 40  ? 6.27330   -14.18695 5.92437   1.000 41.27143  ? 40  LEU A CD2 1 
ATOM   109 N N   A GLN A 1 41  ? 10.82788  -11.41928 6.40389   0.500 33.02116  ? 41  GLN A N   1 
ATOM   110 N N   B GLN A 1 41  ? 10.83287  -11.41241 6.38185   0.500 32.16857  ? 41  GLN A N   1 
ATOM   111 C CA  A GLN A 1 41  ? 11.66421  -10.35414 6.95074   0.500 31.74917  ? 41  GLN A CA  1 
ATOM   112 C CA  B GLN A 1 41  ? 11.67397  -10.30994 6.83398   0.500 32.30433  ? 41  GLN A CA  1 
ATOM   113 C C   A GLN A 1 41  ? 13.12557  -10.76384 6.76960   0.500 34.63348  ? 41  GLN A C   1 
ATOM   114 C C   B GLN A 1 41  ? 13.12957  -10.76011 6.76087   0.500 34.66158  ? 41  GLN A C   1 
ATOM   115 O O   A GLN A 1 41  ? 13.42633  -11.90768 6.41434   0.500 30.53314  ? 41  GLN A O   1 
ATOM   116 O O   B GLN A 1 41  ? 13.42683  -11.92872 6.49227   0.500 32.01585  ? 41  GLN A O   1 
ATOM   117 C CB  A GLN A 1 41  ? 11.31017  -10.06758 8.41964   0.500 31.20788  ? 41  GLN A CB  1 
ATOM   118 C CB  B GLN A 1 41  ? 11.29141  -9.85704  8.24436   0.500 32.47086  ? 41  GLN A CB  1 
ATOM   119 C CG  A GLN A 1 41  ? 9.93177   -9.43687  8.59733   0.500 30.62904  ? 41  GLN A CG  1 
ATOM   120 C CG  B GLN A 1 41  ? 11.93651  -10.62853 9.38201   0.500 41.42605  ? 41  GLN A CG  1 
ATOM   121 C CD  A GLN A 1 41  ? 9.53887   -9.11102  10.00666  0.500 36.00507  ? 41  GLN A CD  1 
ATOM   122 C CD  B GLN A 1 41  ? 11.28097  -10.31612 10.71771  0.500 38.21089  ? 41  GLN A CD  1 
ATOM   123 O OE1 A GLN A 1 41  ? 8.93154   -8.07647  10.24415  0.500 27.20749  ? 41  GLN A OE1 1 
ATOM   124 O OE1 B GLN A 1 41  ? 10.46048  -9.40248  10.81838  0.500 58.61853  ? 41  GLN A OE1 1 
ATOM   125 N NE2 A GLN A 1 41  ? 9.84115   -9.99969  10.94783  0.500 34.40285  ? 41  GLN A NE2 1 
ATOM   126 N NE2 B GLN A 1 41  ? 11.61917  -11.08502 11.74016  0.500 40.10650  ? 41  GLN A NE2 1 
ATOM   127 N N   . TYR A 1 42  ? 14.04153  -9.82380  7.00171   1.000 29.86514  ? 42  TYR A N   1 
ATOM   128 C CA  . TYR A 1 42  ? 15.45745  -10.15992 6.89690   1.000 35.36502  ? 42  TYR A CA  1 
ATOM   129 C C   . TYR A 1 42  ? 16.31119  -9.12393  7.59888   1.000 38.29538  ? 42  TYR A C   1 
ATOM   130 O O   . TYR A 1 42  ? 15.87426  -7.99649  7.83995   1.000 36.29918  ? 42  TYR A O   1 
ATOM   131 C CB  . TYR A 1 42  ? 15.92538  -10.29956 5.44172   1.000 32.40413  ? 42  TYR A CB  1 
ATOM   132 C CG  . TYR A 1 42  ? 15.61204  -9.10623  4.57504   1.000 32.79965  ? 42  TYR A CG  1 
ATOM   133 C CD1 . TYR A 1 42  ? 16.50455  -8.04768  4.48350   1.000 36.18015  ? 42  TYR A CD1 1 
ATOM   134 C CD2 . TYR A 1 42  ? 14.44231  -9.04863  3.84734   1.000 31.99455  ? 42  TYR A CD2 1 
ATOM   135 C CE1 . TYR A 1 42  ? 16.22170  -6.94275  3.68036   1.000 35.59574  ? 42  TYR A CE1 1 
ATOM   136 C CE2 . TYR A 1 42  ? 14.14872  -7.96049  3.04136   1.000 31.23242  ? 42  TYR A CE2 1 
ATOM   137 C CZ  . TYR A 1 42  ? 15.04803  -6.92012  2.96198   1.000 34.35145  ? 42  TYR A CZ  1 
ATOM   138 O OH  . TYR A 1 42  ? 14.70346  -5.85145  2.14085   1.000 35.23808  ? 42  TYR A OH  1 
ATOM   139 N N   . ASN A 1 43  ? 17.54196  -9.54695  7.91651   1.000 36.04701  ? 43  ASN A N   1 
ATOM   140 C CA  . ASN A 1 43  ? 18.62064  -8.70583  8.42992   1.000 40.97725  ? 43  ASN A CA  1 
ATOM   141 C C   . ASN A 1 43  ? 19.79842  -8.79293  7.46460   1.000 62.60401  ? 43  ASN A C   1 
ATOM   142 O O   . ASN A 1 43  ? 20.16247  -9.88885  7.01436   1.000 49.25712  ? 43  ASN A O   1 
ATOM   143 C CB  . ASN A 1 43  ? 19.10224  -9.18039  9.80800   1.000 39.36806  ? 43  ASN A CB  1 
ATOM   144 C CG  . ASN A 1 43  ? 18.00932  -9.14362  10.86035  1.000 44.11763  ? 43  ASN A CG  1 
ATOM   145 O OD1 . ASN A 1 43  ? 17.08041  -8.34266  10.77566  1.000 51.73325  ? 43  ASN A OD1 1 
ATOM   146 N ND2 . ASN A 1 43  ? 18.11708  -10.01958 11.86813  1.000 41.66036  ? 43  ASN A ND2 1 
ATOM   147 N N   . ALA A 1 44  ? 20.40733  -7.64921  7.16726   1.000 54.20225  ? 44  ALA A N   1 
ATOM   148 C CA  . ALA A 1 44  ? 21.55099  -7.60795  6.26058   1.000 59.84253  ? 44  ALA A CA  1 
ATOM   149 C C   . ALA A 1 44  ? 22.73510  -6.89710  6.90566   1.000 66.42024  ? 44  ALA A C   1 
ATOM   150 O O   . ALA A 1 44  ? 22.56258  -5.89585  7.59871   1.000 71.95727  ? 44  ALA A O   1 
ATOM   151 C CB  . ALA A 1 44  ? 21.16983  -6.91527  4.96715   1.000 62.36574  ? 44  ALA A CB  1 
ATOM   152 N N   . ASP A 1 48  ? 22.89172  -2.73033  9.74772   1.000 84.35495  ? 48  ASP A N   1 
ATOM   153 C CA  . ASP A 1 48  ? 22.79806  -1.80768  8.62629   1.000 86.69504  ? 48  ASP A CA  1 
ATOM   154 C C   . ASP A 1 48  ? 21.39288  -1.80692  8.03526   1.000 85.35337  ? 48  ASP A C   1 
ATOM   155 O O   . ASP A 1 48  ? 20.62396  -0.86243  8.22012   1.000 83.06348  ? 48  ASP A O   1 
ATOM   156 C CB  . ASP A 1 48  ? 23.81620  -2.17957  7.54529   1.000 90.89304  ? 48  ASP A CB  1 
ATOM   157 N N   . ILE A 1 49  ? 21.06277  -2.88787  7.33349   1.000 83.07926  ? 49  ILE A N   1 
ATOM   158 C CA  . ILE A 1 49  ? 19.84553  -2.99061  6.53657   1.000 68.27919  ? 49  ILE A CA  1 
ATOM   159 C C   . ILE A 1 49  ? 18.92481  -4.02249  7.17617   1.000 73.05581  ? 49  ILE A C   1 
ATOM   160 O O   . ILE A 1 49  ? 19.35576  -5.14752  7.45701   1.000 65.89899  ? 49  ILE A O   1 
ATOM   161 C CB  . ILE A 1 49  ? 20.18386  -3.38682  5.08777   1.000 69.53967  ? 49  ILE A CB  1 
ATOM   162 C CG1 . ILE A 1 49  ? 20.87625  -2.23865  4.35369   1.000 70.82635  ? 49  ILE A CG1 1 
ATOM   163 C CG2 . ILE A 1 49  ? 18.94906  -3.85211  4.36048   1.000 63.13720  ? 49  ILE A CG2 1 
ATOM   164 C CD1 . ILE A 1 49  ? 22.34982  -2.48436  4.11403   1.000 61.34400  ? 49  ILE A CD1 1 
ATOM   165 N N   . THR A 1 50  ? 17.65831  -3.64700  7.40893   1.000 57.54312  ? 50  THR A N   1 
ATOM   166 C CA  . THR A 1 50  ? 16.65038  -4.61364  7.83557   1.000 49.56973  ? 50  THR A CA  1 
ATOM   167 C C   . THR A 1 50  ? 15.36888  -4.46649  7.03090   1.000 42.38282  ? 50  THR A C   1 
ATOM   168 O O   . THR A 1 50  ? 14.89940  -3.35515  6.76345   1.000 47.20675  ? 50  THR A O   1 
ATOM   169 C CB  . THR A 1 50  ? 16.31370  -4.59042  9.34600   1.000 52.10178  ? 50  THR A CB  1 
ATOM   170 O OG1 . THR A 1 50  ? 15.69814  -3.35228  9.70933   1.000 53.15466  ? 50  THR A OG1 1 
ATOM   171 C CG2 . THR A 1 50  ? 17.55405  -4.81610  10.19212  1.000 45.57730  ? 50  THR A CG2 1 
ATOM   172 N N   . GLY A 1 51  ? 14.81620  -5.61430  6.63996   1.000 35.23301  ? 51  GLY A N   1 
ATOM   173 C CA  . GLY A 1 51  ? 13.48921  -5.68726  6.06917   1.000 34.86917  ? 51  GLY A CA  1 
ATOM   174 C C   . GLY A 1 51  ? 12.51563  -6.14681  7.13294   1.000 40.28705  ? 51  GLY A C   1 
ATOM   175 O O   . GLY A 1 51  ? 12.70829  -7.18728  7.76377   1.000 33.82361  ? 51  GLY A O   1 
ATOM   176 N N   A ARG A 1 52  ? 11.45965  -5.36364  7.31517   0.550 32.55636  ? 52  ARG A N   1 
ATOM   177 N N   B ARG A 1 52  ? 11.48360  -5.35375  7.34823   0.450 32.45203  ? 52  ARG A N   1 
ATOM   178 C CA  A ARG A 1 52  ? 10.46203  -5.63816  8.33288   0.550 33.05474  ? 52  ARG A CA  1 
ATOM   179 C CA  B ARG A 1 52  ? 10.46145  -5.69733  8.31641   0.450 31.57792  ? 52  ARG A CA  1 
ATOM   180 C C   A ARG A 1 52  ? 9.08171   -5.41922  7.74039   0.550 36.35982  ? 52  ARG A C   1 
ATOM   181 C C   B ARG A 1 52  ? 9.09409   -5.45448  7.71221   0.450 36.10557  ? 52  ARG A C   1 
ATOM   182 O O   A ARG A 1 52  ? 8.87604   -4.50999  6.93472   0.550 38.77973  ? 52  ARG A O   1 
ATOM   183 O O   B ARG A 1 52  ? 8.91417   -4.56918  6.87377   0.450 39.31239  ? 52  ARG A O   1 
ATOM   184 C CB  A ARG A 1 52  ? 10.63312  -4.68994  9.52673   0.550 31.67648  ? 52  ARG A CB  1 
ATOM   185 C CB  B ARG A 1 52  ? 10.61177  -4.88391  9.60496   0.450 33.46601  ? 52  ARG A CB  1 
ATOM   186 C CG  A ARG A 1 52  ? 11.89116  -4.93184  10.36162  0.550 33.14470  ? 52  ARG A CG  1 
ATOM   187 C CG  B ARG A 1 52  ? 10.76581  -3.38488  9.39107   0.450 31.00388  ? 52  ARG A CG  1 
ATOM   188 C CD  A ARG A 1 52  ? 11.80402  -6.25033  11.10913  0.550 38.61237  ? 52  ARG A CD  1 
ATOM   189 C CD  B ARG A 1 52  ? 11.55083  -2.73296  10.53302  0.450 42.66570  ? 52  ARG A CD  1 
ATOM   190 N NE  A ARG A 1 52  ? 12.97483  -6.52404  11.95067  0.550 36.91653  ? 52  ARG A NE  1 
ATOM   191 N NE  B ARG A 1 52  ? 11.58179  -1.27504  10.42653  0.450 51.63532  ? 52  ARG A NE  1 
ATOM   192 C CZ  A ARG A 1 52  ? 14.04511  -7.19194  11.52900  0.550 41.53245  ? 52  ARG A CZ  1 
ATOM   193 C CZ  B ARG A 1 52  ? 12.50783  -0.59139  9.76065   0.450 53.42360  ? 52  ARG A CZ  1 
ATOM   194 N NH1 A ARG A 1 52  ? 14.08967  -7.64569  10.28836  0.550 32.43183  ? 52  ARG A NH1 1 
ATOM   195 N NH1 B ARG A 1 52  ? 12.45042  0.73196   9.72207   0.450 49.70598  ? 52  ARG A NH1 1 
ATOM   196 N NH2 A ARG A 1 52  ? 15.07271  -7.41460  12.34215  0.550 39.39596  ? 52  ARG A NH2 1 
ATOM   197 N NH2 B ARG A 1 52  ? 13.48008  -1.23071  9.11888   0.450 35.26764  ? 52  ARG A NH2 1 
ATOM   198 N N   . ASP A 1 53  ? 8.12535   -6.23998  8.16647   1.000 33.78273  ? 53  ASP A N   1 
ATOM   199 C CA  . ASP A 1 53  ? 6.77081   -6.19172  7.62503   1.000 34.41702  ? 53  ASP A CA  1 
ATOM   200 C C   . ASP A 1 53  ? 5.82884   -6.66345  8.71942   1.000 35.39233  ? 53  ASP A C   1 
ATOM   201 O O   . ASP A 1 53  ? 5.29088   -7.77468  8.67525   1.000 35.60990  ? 53  ASP A O   1 
ATOM   202 C CB  . ASP A 1 53  ? 6.68910   -7.05953  6.37358   1.000 34.74961  ? 53  ASP A CB  1 
ATOM   203 C CG  . ASP A 1 53  ? 5.35821   -6.98178  5.68407   1.000 33.71816  ? 53  ASP A CG  1 
ATOM   204 O OD1 . ASP A 1 53  ? 4.54041   -6.08872  6.01192   1.000 36.31104  ? 53  ASP A OD1 1 
ATOM   205 O OD2 . ASP A 1 53  ? 5.13774   -7.82694  4.79766   1.000 34.87453  ? 53  ASP A OD2 1 
ATOM   206 N N   . PRO A 1 54  ? 5.64324   -5.84099  9.75580   1.000 36.30162  ? 54  PRO A N   1 
ATOM   207 C CA  . PRO A 1 54  ? 4.85030   -6.29909  10.90701  1.000 38.84926  ? 54  PRO A CA  1 
ATOM   208 C C   . PRO A 1 54  ? 3.42034   -6.65107  10.55696  1.000 45.72155  ? 54  PRO A C   1 
ATOM   209 O O   . PRO A 1 54  ? 2.84662   -7.54948  11.18578  1.000 46.30244  ? 54  PRO A O   1 
ATOM   210 C CB  . PRO A 1 54  ? 4.94313   -5.12570  11.89040  1.000 44.03023  ? 54  PRO A CB  1 
ATOM   211 C CG  . PRO A 1 54  ? 5.39861   -3.97903  11.07952  1.000 49.25503  ? 54  PRO A CG  1 
ATOM   212 C CD  . PRO A 1 54  ? 6.23277   -4.51405  9.98206   1.000 39.19615  ? 54  PRO A CD  1 
ATOM   213 N N   . LYS A 1 55  ? 2.83907   -5.99790  9.55168   1.000 41.95631  ? 55  LYS A N   1 
ATOM   214 C CA  . LYS A 1 55  ? 1.48413   -6.31093  9.11883   1.000 41.64224  ? 55  LYS A CA  1 
ATOM   215 C C   . LYS A 1 55  ? 1.42330   -7.44999  8.10505   1.000 53.99426  ? 55  LYS A C   1 
ATOM   216 O O   . LYS A 1 55  ? 0.32074   -7.90850  7.78251   1.000 41.63882  ? 55  LYS A O   1 
ATOM   217 C CB  . LYS A 1 55  ? 0.80243   -5.04032  8.59379   1.000 43.87650  ? 55  LYS A CB  1 
ATOM   218 C CG  . LYS A 1 55  ? 0.41809   -4.09626  9.71659   1.000 58.51969  ? 55  LYS A CG  1 
ATOM   219 C CD  . LYS A 1 55  ? 0.50700   -2.64882  9.28696   1.000 64.85790  ? 55  LYS A CD  1 
ATOM   220 C CE  . LYS A 1 55  ? 0.04935   -1.73173  10.40301  1.000 69.33423  ? 55  LYS A CE  1 
ATOM   221 N N   . GLN A 1 56  ? 2.57389   -7.93763  7.63333   1.000 35.68877  ? 56  GLN A N   1 
ATOM   222 C CA  . GLN A 1 56  ? 2.65266   -9.00379  6.63377   1.000 35.86908  ? 56  GLN A CA  1 
ATOM   223 C C   . GLN A 1 56  ? 1.81897   -8.69417  5.39493   1.000 37.92440  ? 56  GLN A C   1 
ATOM   224 O O   . GLN A 1 56  ? 0.96737   -9.48496  4.97458   1.000 42.32969  ? 56  GLN A O   1 
ATOM   225 C CB  . GLN A 1 56  ? 2.28262   -10.36534 7.21931   1.000 46.48125  ? 56  GLN A CB  1 
ATOM   226 C CG  . GLN A 1 56  ? 3.39101   -11.01912 8.00214   1.000 41.61941  ? 56  GLN A CG  1 
ATOM   227 C CD  . GLN A 1 56  ? 2.99687   -12.39469 8.47146   1.000 45.13523  ? 56  GLN A CD  1 
ATOM   228 O OE1 . GLN A 1 56  ? 2.71909   -12.59287 9.64548   1.000 55.44244  ? 56  GLN A OE1 1 
ATOM   229 N NE2 . GLN A 1 56  ? 2.94946   -13.34966 7.54757   1.000 49.85359  ? 56  GLN A NE2 1 
ATOM   230 N N   . VAL A 1 57  ? 2.05892   -7.52271  4.80738   1.000 34.95902  ? 57  VAL A N   1 
ATOM   231 C CA  . VAL A 1 57  ? 1.36480   -7.12248  3.58787   1.000 33.19611  ? 57  VAL A CA  1 
ATOM   232 C C   . VAL A 1 57  ? 2.29593   -6.78744  2.43343   1.000 32.77790  ? 57  VAL A C   1 
ATOM   233 O O   . VAL A 1 57  ? 1.80760   -6.54997  1.31631   1.000 33.29332  ? 57  VAL A O   1 
ATOM   234 C CB  . VAL A 1 57  ? 0.38177   -5.95382  3.81884   1.000 30.51194  ? 57  VAL A CB  1 
ATOM   235 C CG1 . VAL A 1 57  ? -0.71998  -6.35580  4.78208   1.000 35.17473  ? 57  VAL A CG1 1 
ATOM   236 C CG2 . VAL A 1 57  ? 1.10848   -4.72860  4.31592   1.000 32.85609  ? 57  VAL A CG2 1 
ATOM   237 N N   . ILE A 1 58  ? 3.60604   -6.69849  2.64307   1.000 31.38190  ? 58  ILE A N   1 
ATOM   238 C CA  . ILE A 1 58  ? 4.46311   -6.32357  1.53083   1.000 31.74550  ? 58  ILE A CA  1 
ATOM   239 C C   . ILE A 1 58  ? 4.40271   -7.38357  0.44400   1.000 30.42556  ? 58  ILE A C   1 
ATOM   240 O O   . ILE A 1 58  ? 4.44142   -8.59609  0.71678   1.000 33.52931  ? 58  ILE A O   1 
ATOM   241 C CB  . ILE A 1 58  ? 5.88256   -5.99971  2.02039   1.000 30.36492  ? 58  ILE A CB  1 
ATOM   242 C CG1 . ILE A 1 58  ? 5.86167   -4.69996  2.84193   1.000 32.59041  ? 58  ILE A CG1 1 
ATOM   243 C CG2 . ILE A 1 58  ? 6.82588   -5.85710  0.83633   1.000 32.22675  ? 58  ILE A CG2 1 
ATOM   244 C CD1 . ILE A 1 58  ? 7.23783   -4.28685  3.46601   1.000 33.87943  ? 58  ILE A CD1 1 
ATOM   245 N N   . GLY A 1 59  ? 4.28089   -6.92780  -0.79931  1.000 30.87867  ? 59  GLY A N   1 
ATOM   246 C CA  . GLY A 1 59  ? 4.10571   -7.80829  -1.92507  1.000 33.61400  ? 59  GLY A CA  1 
ATOM   247 C C   . GLY A 1 59  ? 2.66557   -8.12209  -2.24264  1.000 34.92890  ? 59  GLY A C   1 
ATOM   248 O O   . GLY A 1 59  ? 2.37923   -8.59706  -3.34515  1.000 40.60499  ? 59  GLY A O   1 
ATOM   249 N N   . LYS A 1 60  ? 1.74979   -7.87405  -1.31231  1.000 33.56676  ? 60  LYS A N   1 
ATOM   250 C CA  . LYS A 1 60  ? 0.35150   -8.11623  -1.59637  1.000 32.10941  ? 60  LYS A CA  1 
ATOM   251 C C   . LYS A 1 60  ? -0.23371  -6.91699  -2.32705  1.000 32.53497  ? 60  LYS A C   1 
ATOM   252 O O   . LYS A 1 60  ? 0.30043   -5.80504  -2.27612  1.000 34.36051  ? 60  LYS A O   1 
ATOM   253 C CB  . LYS A 1 60  ? -0.43941  -8.35711  -0.30505  1.000 32.13043  ? 60  LYS A CB  1 
ATOM   254 C CG  . LYS A 1 60  ? 0.03157   -9.56761  0.48725   1.000 36.40839  ? 60  LYS A CG  1 
ATOM   255 C CD  . LYS A 1 60  ? -0.89230  -9.86941  1.65743   1.000 47.83181  ? 60  LYS A CD  1 
ATOM   256 C CE  . LYS A 1 60  ? -0.42011  -11.09211 2.42789   1.000 54.13889  ? 60  LYS A CE  1 
ATOM   257 N NZ  . LYS A 1 60  ? 0.49401   -11.91812 1.60618   1.000 67.22849  ? 60  LYS A NZ  1 
ATOM   258 N N   . ASN A 1 61  ? -1.35361  -7.14440  -3.00324  1.000 34.23538  ? 61  ASN A N   1 
ATOM   259 C CA  . ASN A 1 61  ? -1.97397  -6.06784  -3.75489  1.000 32.86644  ? 61  ASN A CA  1 
ATOM   260 C C   . ASN A 1 61  ? -2.87984  -5.25391  -2.84101  1.000 32.23125  ? 61  ASN A C   1 
ATOM   261 O O   . ASN A 1 61  ? -3.76689  -5.80416  -2.17974  1.000 34.92373  ? 61  ASN A O   1 
ATOM   262 C CB  . ASN A 1 61  ? -2.75367  -6.58468  -4.95464  1.000 35.88082  ? 61  ASN A CB  1 
ATOM   263 C CG  . ASN A 1 61  ? -3.16265  -5.46635  -5.86268  1.000 38.38367  ? 61  ASN A CG  1 
ATOM   264 O OD1 . ASN A 1 61  ? -4.19917  -4.83826  -5.66442  1.000 37.89402  ? 61  ASN A OD1 1 
ATOM   265 N ND2 . ASN A 1 61  ? -2.32285  -5.17029  -6.84885  1.000 41.50970  ? 61  ASN A ND2 1 
ATOM   266 N N   . PHE A 1 62  ? -2.62795  -3.94710  -2.78333  1.000 32.07177  ? 62  PHE A N   1 
ATOM   267 C CA  . PHE A 1 62  ? -3.38215  -3.10688  -1.86026  1.000 31.25108  ? 62  PHE A CA  1 
ATOM   268 C C   . PHE A 1 62  ? -4.86560  -3.11745  -2.19436  1.000 36.07035  ? 62  PHE A C   1 
ATOM   269 O O   . PHE A 1 62  ? -5.71577  -3.24218  -1.30130  1.000 34.17787  ? 62  PHE A O   1 
ATOM   270 C CB  . PHE A 1 62  ? -2.84369  -1.68186  -1.91028  1.000 32.35582  ? 62  PHE A CB  1 
ATOM   271 C CG  . PHE A 1 62  ? -3.65420  -0.69474  -1.12003  1.000 31.55490  ? 62  PHE A CG  1 
ATOM   272 C CD1 . PHE A 1 62  ? -3.57404  -0.67607  0.25314   1.000 33.42919  ? 62  PHE A CD1 1 
ATOM   273 C CD2 . PHE A 1 62  ? -4.50164  0.19282   -1.76350  1.000 36.18439  ? 62  PHE A CD2 1 
ATOM   274 C CE1 . PHE A 1 62  ? -4.32559  0.23865   0.98062   1.000 35.33628  ? 62  PHE A CE1 1 
ATOM   275 C CE2 . PHE A 1 62  ? -5.26126  1.11085   -1.03739  1.000 38.14054  ? 62  PHE A CE2 1 
ATOM   276 C CZ  . PHE A 1 62  ? -5.15876  1.12802   0.34082   1.000 37.63879  ? 62  PHE A CZ  1 
ATOM   277 N N   . PHE A 1 63  ? -5.19417  -3.02870  -3.48316  1.000 33.64924  ? 63  PHE A N   1 
ATOM   278 C CA  . PHE A 1 63  ? -6.58525  -2.85728  -3.89204  1.000 34.91230  ? 63  PHE A CA  1 
ATOM   279 C C   . PHE A 1 63  ? -7.36118  -4.16129  -3.83526  1.000 39.09722  ? 63  PHE A C   1 
ATOM   280 O O   . PHE A 1 63  ? -8.54000  -4.16567  -3.47119  1.000 41.01524  ? 63  PHE A O   1 
ATOM   281 C CB  . PHE A 1 63  ? -6.62162  -2.26040  -5.29981  1.000 36.32107  ? 63  PHE A CB  1 
ATOM   282 C CG  . PHE A 1 63  ? -5.92781  -0.93125  -5.39649  1.000 39.00750  ? 63  PHE A CG  1 
ATOM   283 C CD1 . PHE A 1 63  ? -4.64573  -0.84511  -5.91945  1.000 39.74226  ? 63  PHE A CD1 1 
ATOM   284 C CD2 . PHE A 1 63  ? -6.54157  0.22675   -4.93460  1.000 43.19012  ? 63  PHE A CD2 1 
ATOM   285 C CE1 . PHE A 1 63  ? -3.98771  0.37534   -5.99578  1.000 35.89572  ? 63  PHE A CE1 1 
ATOM   286 C CE2 . PHE A 1 63  ? -5.89067  1.45412   -4.99901  1.000 37.88740  ? 63  PHE A CE2 1 
ATOM   287 C CZ  . PHE A 1 63  ? -4.60823  1.53464   -5.54081  1.000 35.32695  ? 63  PHE A CZ  1 
ATOM   288 N N   . LYS A 1 64  ? -6.72525  -5.27774  -4.17149  1.000 38.60603  ? 64  LYS A N   1 
ATOM   289 C CA  . LYS A 1 64  ? -7.44502  -6.53199  -4.32329  1.000 41.36169  ? 64  LYS A CA  1 
ATOM   290 C C   . LYS A 1 64  ? -7.33614  -7.45286  -3.11690  1.000 41.90038  ? 64  LYS A C   1 
ATOM   291 O O   . LYS A 1 64  ? -8.24408  -8.26856  -2.89338  1.000 44.72588  ? 64  LYS A O   1 
ATOM   292 C CB  . LYS A 1 64  ? -6.95149  -7.25038  -5.57950  1.000 44.00160  ? 64  LYS A CB  1 
ATOM   293 C CG  . LYS A 1 64  ? -7.18628  -6.43575  -6.84073  1.000 53.86496  ? 64  LYS A CG  1 
ATOM   294 C CD  . LYS A 1 64  ? -6.29626  -6.90502  -7.97142  1.000 58.46793  ? 64  LYS A CD  1 
ATOM   295 N N   . ASP A 1 65  ? -6.27686  -7.32753  -2.32141  1.000 42.89172  ? 65  ASP A N   1 
ATOM   296 C CA  . ASP A 1 65  ? -6.03570  -8.19977  -1.17417  1.000 41.69227  ? 65  ASP A CA  1 
ATOM   297 C C   . ASP A 1 65  ? -6.21511  -7.48499  0.15364   1.000 48.95829  ? 65  ASP A C   1 
ATOM   298 O O   . ASP A 1 65  ? -6.94865  -7.95153  1.02936   1.000 48.78132  ? 65  ASP A O   1 
ATOM   299 C CB  . ASP A 1 65  ? -4.60337  -8.76908  -1.20403  1.000 43.19549  ? 65  ASP A CB  1 
ATOM   300 C CG  . ASP A 1 65  ? -4.27374  -9.50266  -2.48791  1.000 51.24086  ? 65  ASP A CG  1 
ATOM   301 O OD1 . ASP A 1 65  ? -5.16302  -10.21375 -3.00406  1.000 55.87021  ? 65  ASP A OD1 1 
ATOM   302 O OD2 . ASP A 1 65  ? -3.10649  -9.39587  -2.95817  1.000 47.46314  ? 65  ASP A OD2 1 
ATOM   303 N N   . VAL A 1 66  ? -5.53064  -6.36481  0.32724   1.000 38.41536  ? 66  VAL A N   1 
ATOM   304 C CA  . VAL A 1 66  ? -5.38284  -5.76025  1.64549   1.000 37.39923  ? 66  VAL A CA  1 
ATOM   305 C C   . VAL A 1 66  ? -6.57222  -4.86829  1.98554   1.000 44.41592  ? 66  VAL A C   1 
ATOM   306 O O   . VAL A 1 66  ? -7.09120  -4.90622  3.10855   1.000 44.90299  ? 66  VAL A O   1 
ATOM   307 C CB  . VAL A 1 66  ? -4.04792  -5.00067  1.70232   1.000 36.47277  ? 66  VAL A CB  1 
ATOM   308 C CG1 . VAL A 1 66  ? -3.89599  -4.29192  3.01613   1.000 42.91691  ? 66  VAL A CG1 1 
ATOM   309 C CG2 . VAL A 1 66  ? -2.91631  -5.98744  1.49004   1.000 37.04391  ? 66  VAL A CG2 1 
ATOM   310 N N   . ALA A 1 67  ? -7.01698  -4.04325  1.03985   1.000 35.23693  ? 67  ALA A N   1 
ATOM   311 C CA  . ALA A 1 67  ? -8.12698  -3.11519  1.25891   1.000 39.50565  ? 67  ALA A CA  1 
ATOM   312 C C   . ALA A 1 67  ? -9.14267  -3.27832  0.13740   1.000 39.70144  ? 67  ALA A C   1 
ATOM   313 O O   . ALA A 1 67  ? -9.30868  -2.39369  -0.70749  1.000 35.81994  ? 67  ALA A O   1 
ATOM   314 C CB  . ALA A 1 67  ? -7.61359  -1.67888  1.34543   1.000 40.39688  ? 67  ALA A CB  1 
ATOM   315 N N   . PRO A 1 68  ? -9.86860  -4.39624  0.12608   1.000 36.61194  ? 68  PRO A N   1 
ATOM   316 C CA  . PRO A 1 68  ? -10.73326 -4.71304  -1.02213  1.000 35.23490  ? 68  PRO A CA  1 
ATOM   317 C C   . PRO A 1 68  ? -11.83033 -3.69495  -1.28452  1.000 38.73752  ? 68  PRO A C   1 
ATOM   318 O O   . PRO A 1 68  ? -12.36770 -3.66520  -2.39883  1.000 43.21802  ? 68  PRO A O   1 
ATOM   319 C CB  . PRO A 1 68  ? -11.31898 -6.08590  -0.66431  1.000 39.59661  ? 68  PRO A CB  1 
ATOM   320 C CG  . PRO A 1 68  ? -10.47792 -6.61427  0.40694   1.000 41.73776  ? 68  PRO A CG  1 
ATOM   321 C CD  . PRO A 1 68  ? -9.83408  -5.48219  1.12039   1.000 42.52967  ? 68  PRO A CD  1 
ATOM   322 N N   . GLY A 1 69  ? -12.19338 -2.86604  -0.30722  1.000 38.12490  ? 69  GLY A N   1 
ATOM   323 C CA  . GLY A 1 69  ? -13.17339 -1.81612  -0.57014  1.000 40.38425  ? 69  GLY A CA  1 
ATOM   324 C C   . GLY A 1 69  ? -12.70523 -0.77249  -1.55779  1.000 38.97614  ? 69  GLY A C   1 
ATOM   325 O O   . GLY A 1 69  ? -13.53558 -0.04410  -2.11163  1.000 43.12479  ? 69  GLY A O   1 
ATOM   326 N N   . THR A 1 70  ? -11.40423 -0.69586  -1.79498  1.000 40.18883  ? 70  THR A N   1 
ATOM   327 C CA  . THR A 1 70  ? -10.81471 0.25367   -2.72565  1.000 37.55238  ? 70  THR A CA  1 
ATOM   328 C C   . THR A 1 70  ? -10.77114 -0.28424  -4.14577  1.000 42.90910  ? 70  THR A C   1 
ATOM   329 O O   . THR A 1 70  ? -10.34683 0.43702   -5.05377  1.000 39.16560  ? 70  THR A O   1 
ATOM   330 C CB  . THR A 1 70  ? -9.41017  0.64988   -2.25720  1.000 33.48633  ? 70  THR A CB  1 
ATOM   331 O OG1 . THR A 1 70  ? -8.49761  -0.44991  -2.39158  1.000 33.54785  ? 70  THR A OG1 1 
ATOM   332 C CG2 . THR A 1 70  ? -9.44157  1.06536   -0.78738  1.000 39.76558  ? 70  THR A CG2 1 
ATOM   333 N N   . ASP A 1 71  ? -11.19201 -1.53369  -4.35280  1.000 39.06581  ? 71  ASP A N   1 
ATOM   334 C CA  . ASP A 1 71  ? -11.16306 -2.16593  -5.67057  1.000 42.70075  ? 71  ASP A CA  1 
ATOM   335 C C   . ASP A 1 71  ? -12.44087 -1.76825  -6.39845  1.000 47.62286  ? 71  ASP A C   1 
ATOM   336 O O   . ASP A 1 71  ? -13.39410 -2.54091  -6.53697  1.000 47.05778  ? 71  ASP A O   1 
ATOM   337 C CB  . ASP A 1 71  ? -11.02806 -3.67867  -5.54266  1.000 43.36244  ? 71  ASP A CB  1 
ATOM   338 C CG  . ASP A 1 71  ? -10.83106 -4.36647  -6.88827  1.000 58.55522  ? 71  ASP A CG  1 
ATOM   339 O OD1 . ASP A 1 71  ? -10.68249 -3.66700  -7.91236  1.000 64.04446  ? 71  ASP A OD1 1 
ATOM   340 O OD2 . ASP A 1 71  ? -10.83082 -5.61576  -6.91794  1.000 63.28717  ? 71  ASP A OD2 1 
ATOM   341 N N   . SER A 1 72  ? -12.45296 -0.52862  -6.87625  1.000 43.34016  ? 72  SER A N   1 
ATOM   342 C CA  . SER A 1 72  ? -13.61298 0.02353   -7.55986  1.000 48.40460  ? 72  SER A CA  1 
ATOM   343 C C   . SER A 1 72  ? -13.14919 1.22797   -8.36619  1.000 43.47720  ? 72  SER A C   1 
ATOM   344 O O   . SER A 1 72  ? -12.07082 1.76917   -8.10154  1.000 43.62633  ? 72  SER A O   1 
ATOM   345 C CB  . SER A 1 72  ? -14.69986 0.42593   -6.54880  1.000 56.53940  ? 72  SER A CB  1 
ATOM   346 O OG  . SER A 1 72  ? -14.25537 1.49134   -5.73242  1.000 70.40349  ? 72  SER A OG  1 
ATOM   347 N N   . PRO A 1 73  ? -13.91927 1.65038   -9.37337  1.000 48.55493  ? 73  PRO A N   1 
ATOM   348 C CA  . PRO A 1 73  ? -13.49021 2.79707   -10.19989 1.000 45.50076  ? 73  PRO A CA  1 
ATOM   349 C C   . PRO A 1 73  ? -13.20571 4.07612   -9.41441  1.000 45.44040  ? 73  PRO A C   1 
ATOM   350 O O   . PRO A 1 73  ? -12.39527 4.90467   -9.85581  1.000 50.84400  ? 73  PRO A O   1 
ATOM   351 C CB  . PRO A 1 73  ? -14.65025 2.97708   -11.19148 1.000 46.93121  ? 73  PRO A CB  1 
ATOM   352 C CG  . PRO A 1 73  ? -15.37046 1.67842   -11.20653 1.000 55.16202  ? 73  PRO A CG  1 
ATOM   353 C CD  . PRO A 1 73  ? -15.14237 1.00932   -9.88356  1.000 54.04793  ? 73  PRO A CD  1 
ATOM   354 N N   . GLU A 1 74  ? -13.82599 4.24672   -8.24527  1.000 53.10594  ? 74  GLU A N   1 
ATOM   355 C CA  . GLU A 1 74  ? -13.67541 5.46823   -7.46181  1.000 55.86295  ? 74  GLU A CA  1 
ATOM   356 C C   . GLU A 1 74  ? -12.33422 5.55854   -6.73623  1.000 54.53306  ? 74  GLU A C   1 
ATOM   357 O O   . GLU A 1 74  ? -12.02824 6.60855   -6.16535  1.000 51.32965  ? 74  GLU A O   1 
ATOM   358 C CB  . GLU A 1 74  ? -14.81756 5.57241   -6.44875  1.000 60.22066  ? 74  GLU A CB  1 
ATOM   359 C CG  B GLU A 1 74  ? -16.21679 5.70768   -7.06987  0.450 43.49315  ? 74  GLU A CG  1 
ATOM   360 C CD  B GLU A 1 74  ? -16.87942 4.36925   -7.37443  0.450 51.67994  ? 74  GLU A CD  1 
ATOM   361 O OE1 B GLU A 1 74  ? -16.23864 3.31390   -7.18418  0.450 46.06583  ? 74  GLU A OE1 1 
ATOM   362 O OE2 B GLU A 1 74  ? -18.05386 4.37286   -7.80156  0.450 50.59769  ? 74  GLU A OE2 1 
ATOM   363 N N   . PHE A 1 75  ? -11.53028 4.49877   -6.73934  1.000 46.72315  ? 75  PHE A N   1 
ATOM   364 C CA  . PHE A 1 75  ? -10.28594 4.49598   -5.98157  1.000 42.60262  ? 75  PHE A CA  1 
ATOM   365 C C   . PHE A 1 75  ? -9.21569  3.81696   -6.82299  1.000 43.01381  ? 75  PHE A C   1 
ATOM   366 O O   . PHE A 1 75  ? -8.35476  4.48976   -7.39496  1.000 41.22825  ? 75  PHE A O   1 
ATOM   367 C CB  . PHE A 1 75  ? -10.52835 3.78142   -4.65182  1.000 42.95867  ? 75  PHE A CB  1 
ATOM   368 C CG  . PHE A 1 75  ? -9.52457  4.08708   -3.58361  1.000 43.46516  ? 75  PHE A CG  1 
ATOM   369 C CD1 . PHE A 1 75  ? -9.94475  4.30000   -2.28520  1.000 39.72134  ? 75  PHE A CD1 1 
ATOM   370 C CD2 . PHE A 1 75  ? -8.16550  4.10941   -3.85571  1.000 39.18886  ? 75  PHE A CD2 1 
ATOM   371 C CE1 . PHE A 1 75  ? -9.03601  4.54754   -1.27901  1.000 38.32680  ? 75  PHE A CE1 1 
ATOM   372 C CE2 . PHE A 1 75  ? -7.24385  4.37018   -2.84465  1.000 37.52118  ? 75  PHE A CE2 1 
ATOM   373 C CZ  . PHE A 1 75  ? -7.68503  4.58842   -1.55440  1.000 39.31041  ? 75  PHE A CZ  1 
ATOM   374 N N   . TYR A 1 76  ? -9.27146  2.48557   -6.91186  1.000 40.08471  ? 76  TYR A N   1 
ATOM   375 C CA  . TYR A 1 76  ? -8.37639  1.75423   -7.80207  1.000 45.23856  ? 76  TYR A CA  1 
ATOM   376 C C   . TYR A 1 76  ? -8.43857  2.31184   -9.22090  1.000 46.03683  ? 76  TYR A C   1 
ATOM   377 O O   . TYR A 1 76  ? -7.40418  2.46835   -9.88150  1.000 43.92651  ? 76  TYR A O   1 
ATOM   378 C CB  . TYR A 1 76  ? -8.75459  0.26943   -7.78703  1.000 44.30006  ? 76  TYR A CB  1 
ATOM   379 C CG  . TYR A 1 76  ? -7.79177  -0.63146  -8.51893  1.000 44.13246  ? 76  TYR A CG  1 
ATOM   380 C CD1 . TYR A 1 76  ? -6.45853  -0.28895  -8.65153  1.000 50.14305  ? 76  TYR A CD1 1 
ATOM   381 C CD2 . TYR A 1 76  ? -8.22113  -1.82555  -9.08339  1.000 56.24362  ? 76  TYR A CD2 1 
ATOM   382 C CE1 . TYR A 1 76  ? -5.57657  -1.10424  -9.31652  1.000 55.51126  ? 76  TYR A CE1 1 
ATOM   383 C CE2 . TYR A 1 76  ? -7.34278  -2.65134  -9.75626  1.000 69.74286  ? 76  TYR A CE2 1 
ATOM   384 C CZ  . TYR A 1 76  ? -6.02096  -2.28306  -9.87073  1.000 57.73172  ? 76  TYR A CZ  1 
ATOM   385 O OH  . TYR A 1 76  ? -5.13969  -3.10019  -10.53888 1.000 82.55850  ? 76  TYR A OH  1 
ATOM   386 N N   . GLY A 1 77  ? -9.64255  2.63630   -9.69639  1.000 46.82714  ? 77  GLY A N   1 
ATOM   387 C CA  . GLY A 1 77  ? -9.77458  3.21088   -11.02789 1.000 50.37164  ? 77  GLY A CA  1 
ATOM   388 C C   . GLY A 1 77  ? -8.98285  4.49609   -11.18695 1.000 49.58910  ? 77  GLY A C   1 
ATOM   389 O O   . GLY A 1 77  ? -8.29890  4.69871   -12.19378 1.000 52.10602  ? 77  GLY A O   1 
ATOM   390 N N   A LYS A 1 78  ? -9.06299  5.38272   -10.19260 0.500 48.10984  ? 78  LYS A N   1 
ATOM   391 N N   B LYS A 1 78  ? -9.06511  5.38161   -10.18857 0.500 48.08311  ? 78  LYS A N   1 
ATOM   392 C CA  A LYS A 1 78  ? -8.30294  6.62621   -10.26400 0.500 50.17010  ? 78  LYS A CA  1 
ATOM   393 C CA  B LYS A 1 78  ? -8.30634  6.62761   -10.23655 0.500 50.14462  ? 78  LYS A CA  1 
ATOM   394 C C   A LYS A 1 78  ? -6.80543  6.36026   -10.18385 0.500 48.47770  ? 78  LYS A C   1 
ATOM   395 C C   B LYS A 1 78  ? -6.81069  6.35726   -10.18360 0.500 48.45088  ? 78  LYS A C   1 
ATOM   396 O O   A LYS A 1 78  ? -6.00846  7.05953   -10.82260 0.500 51.39593  ? 78  LYS A O   1 
ATOM   397 O O   B LYS A 1 78  ? -6.01894  7.06010   -10.82474 0.500 51.50279  ? 78  LYS A O   1 
ATOM   398 C CB  A LYS A 1 78  ? -8.75030  7.58164   -9.15807  0.500 54.83947  ? 78  LYS A CB  1 
ATOM   399 C CB  B LYS A 1 78  ? -8.70780  7.52751   -9.06938  0.500 54.09503  ? 78  LYS A CB  1 
ATOM   400 C CG  A LYS A 1 78  ? -10.15729 8.12497   -9.34506  0.500 58.44938  ? 78  LYS A CG  1 
ATOM   401 C CG  B LYS A 1 78  ? -10.13348 8.03647   -9.11056  0.500 60.92654  ? 78  LYS A CG  1 
ATOM   402 C CD  A LYS A 1 78  ? -10.56152 9.04129   -8.20084  0.500 64.40250  ? 78  LYS A CD  1 
ATOM   403 C CD  B LYS A 1 78  ? -10.44698 8.81913   -7.84485  0.500 60.79442  ? 78  LYS A CD  1 
ATOM   404 C CE  A LYS A 1 78  ? -11.98239 9.55554   -8.40075  0.500 65.79267  ? 78  LYS A CE  1 
ATOM   405 C CE  B LYS A 1 78  ? -11.90488 9.25393   -7.80812  0.500 67.59735  ? 78  LYS A CE  1 
ATOM   406 N NZ  A LYS A 1 78  ? -12.44390 10.44914  -7.30159  0.500 69.20795  ? 78  LYS A NZ  1 
ATOM   407 N NZ  B LYS A 1 78  ? -12.46806 9.16469   -6.42782  0.500 55.96609  ? 78  LYS A NZ  1 
ATOM   408 N N   . PHE A 1 79  ? -6.40384  5.35069   -9.41070  1.000 43.66865  ? 79  PHE A N   1 
ATOM   409 C CA  . PHE A 1 79  ? -4.99212  5.00173   -9.33109  1.000 42.73889  ? 79  PHE A CA  1 
ATOM   410 C C   . PHE A 1 79  ? -4.46832  4.58044   -10.69548 1.000 44.53272  ? 79  PHE A C   1 
ATOM   411 O O   . PHE A 1 79  ? -3.45525  5.10262   -11.17456 1.000 45.57334  ? 79  PHE A O   1 
ATOM   412 C CB  . PHE A 1 79  ? -4.81156  3.87754   -8.31106  1.000 36.06688  ? 79  PHE A CB  1 
ATOM   413 C CG  . PHE A 1 79  ? -3.40109  3.36359   -8.20714  1.000 35.88997  ? 79  PHE A CG  1 
ATOM   414 C CD1 . PHE A 1 79  ? -2.45805  4.04769   -7.45284  1.000 41.58053  ? 79  PHE A CD1 1 
ATOM   415 C CD2 . PHE A 1 79  ? -3.01803  2.20057   -8.85742  1.000 46.66934  ? 79  PHE A CD2 1 
ATOM   416 C CE1 . PHE A 1 79  ? -1.15634  3.57511   -7.34122  1.000 47.67982  ? 79  PHE A CE1 1 
ATOM   417 C CE2 . PHE A 1 79  ? -1.70116  1.73144   -8.75457  1.000 45.86370  ? 79  PHE A CE2 1 
ATOM   418 C CZ  . PHE A 1 79  ? -0.77859  2.42704   -7.99992  1.000 40.66234  ? 79  PHE A CZ  1 
ATOM   419 N N   . LYS A 1 80  ? -5.17193  3.65777   -11.35432 1.000 44.98321  ? 80  LYS A N   1 
ATOM   420 C CA  . LYS A 1 80  ? -4.70630  3.16690   -12.64338 1.000 46.16227  ? 80  LYS A CA  1 
ATOM   421 C C   . LYS A 1 80  ? -4.64336  4.29732   -13.66040 1.000 49.74800  ? 80  LYS A C   1 
ATOM   422 O O   . LYS A 1 80  ? -3.70720  4.36487   -14.46547 1.000 52.13319  ? 80  LYS A O   1 
ATOM   423 C CB  . LYS A 1 80  ? -5.61023  2.03262   -13.12858 1.000 53.38505  ? 80  LYS A CB  1 
ATOM   424 C CG  . LYS A 1 80  ? -5.43464  0.73076   -12.34700 1.000 55.13839  ? 80  LYS A CG  1 
ATOM   425 C CD  . LYS A 1 80  ? -6.29547  -0.39881  -12.90121 1.000 55.97801  ? 80  LYS A CD  1 
ATOM   426 C CE  . LYS A 1 80  ? -7.75769  -0.23128  -12.53351 1.000 60.74728  ? 80  LYS A CE  1 
ATOM   427 N N   . GLU A 1 81  ? -5.62173  5.20761   -13.61634 1.000 55.27585  ? 81  GLU A N   1 
ATOM   428 C CA  . GLU A 1 81  ? -5.62066  6.37129   -14.50000 1.000 54.33491  ? 81  GLU A CA  1 
ATOM   429 C C   . GLU A 1 81  ? -4.37067  7.21337   -14.29767 1.000 67.79170  ? 81  GLU A C   1 
ATOM   430 O O   . GLU A 1 81  ? -3.71322  7.61473   -15.26526 1.000 62.75919  ? 81  GLU A O   1 
ATOM   431 C CB  . GLU A 1 81  ? -6.84818  7.22285   -14.19753 1.000 59.38531  ? 81  GLU A CB  1 
ATOM   432 C CG  . GLU A 1 81  ? -7.91780  7.22396   -15.24863 1.000 82.84511  ? 81  GLU A CG  1 
ATOM   433 C CD  . GLU A 1 81  ? -9.09848  8.05436   -14.81285 1.000 98.05120  ? 81  GLU A CD  1 
ATOM   434 O OE1 . GLU A 1 81  ? -10.05091 7.48302   -14.24040 1.000 89.47460  ? 81  GLU A OE1 1 
ATOM   435 O OE2 . GLU A 1 81  ? -9.05416  9.28753   -15.00952 1.000 118.25620 ? 81  GLU A OE2 1 
ATOM   436 N N   . GLY A 1 82  ? -4.04106  7.50701   -13.03855 1.000 56.71739  ? 82  GLY A N   1 
ATOM   437 C CA  . GLY A 1 82  ? -2.90811  8.37149   -12.75962 1.000 60.76275  ? 82  GLY A CA  1 
ATOM   438 C C   . GLY A 1 82  ? -1.58493  7.71834   -13.10099 1.000 60.61379  ? 82  GLY A C   1 
ATOM   439 O O   . GLY A 1 82  ? -0.67826  8.36894   -13.62640 1.000 64.93288  ? 82  GLY A O   1 
ATOM   440 N N   . VAL A 1 83  ? -1.45183  6.42633   -12.79898 1.000 52.44602  ? 83  VAL A N   1 
ATOM   441 C CA  . VAL A 1 83  ? -0.26881  5.68178   -13.22001 1.000 57.79432  ? 83  VAL A CA  1 
ATOM   442 C C   . VAL A 1 83  ? -0.13692  5.71951   -14.73742 1.000 64.83902  ? 83  VAL A C   1 
ATOM   443 O O   . VAL A 1 83  ? 0.93471   6.01373   -15.27795 1.000 59.96385  ? 83  VAL A O   1 
ATOM   444 C CB  . VAL A 1 83  ? -0.31915  4.24003   -12.68812 1.000 53.34084  ? 83  VAL A CB  1 
ATOM   445 C CG1 . VAL A 1 83  ? 0.82687   3.42983   -13.26155 1.000 61.02605  ? 83  VAL A CG1 1 
ATOM   446 C CG2 . VAL A 1 83  ? -0.28159  4.22557   -11.16437 1.000 46.53010  ? 83  VAL A CG2 1 
ATOM   447 N N   . ALA A 1 84  ? -1.23384  5.43933   -15.44591 1.000 63.26642  ? 84  ALA A N   1 
ATOM   448 C CA  . ALA A 1 84  ? -1.17617  5.36988   -16.90328 1.000 76.70018  ? 84  ALA A CA  1 
ATOM   449 C C   . ALA A 1 84  ? -0.88183  6.73210   -17.51756 1.000 74.94386  ? 84  ALA A C   1 
ATOM   450 O O   . ALA A 1 84  ? -0.18063  6.82253   -18.53330 1.000 72.88794  ? 84  ALA A O   1 
ATOM   451 C CB  . ALA A 1 84  ? -2.47890  4.79785   -17.45945 1.000 70.29380  ? 84  ALA A CB  1 
ATOM   452 N N   . SER A 1 85  ? -1.41111  7.80252   -16.92241 1.000 65.44409  ? 85  SER A N   1 
ATOM   453 C CA  . SER A 1 85  ? -1.15459  9.13533   -17.45127 1.000 75.59312  ? 85  SER A CA  1 
ATOM   454 C C   . SER A 1 85  ? 0.25481   9.61000   -17.13768 1.000 82.24628  ? 85  SER A C   1 
ATOM   455 O O   . SER A 1 85  ? 0.73564   10.55077  -17.77765 1.000 86.49299  ? 85  SER A O   1 
ATOM   456 C CB  . SER A 1 85  ? -2.15897  10.13637  -16.87818 1.000 70.26119  ? 85  SER A CB  1 
ATOM   457 O OG  . SER A 1 85  ? -1.77352  10.55957  -15.58163 1.000 75.87423  ? 85  SER A OG  1 
ATOM   458 N N   . GLY A 1 86  ? 0.92574   8.97810   -16.18053 1.000 80.95247  ? 86  GLY A N   1 
ATOM   459 C CA  . GLY A 1 86  ? 2.20729   9.44859   -15.71356 1.000 88.92971  ? 86  GLY A CA  1 
ATOM   460 C C   . GLY A 1 86  ? 2.13852   10.57571  -14.71076 1.000 89.92796  ? 86  GLY A C   1 
ATOM   461 O O   . GLY A 1 86  ? 3.18875   11.01231  -14.22113 1.000 99.29150  ? 86  GLY A O   1 
ATOM   462 N N   . ASN A 1 87  ? 0.94120   11.06185  -14.38441 1.000 79.17662  ? 87  ASN A N   1 
ATOM   463 C CA  . ASN A 1 87  ? 0.75548   12.15121  -13.42451 1.000 79.62396  ? 87  ASN A CA  1 
ATOM   464 C C   . ASN A 1 87  ? -0.37031  11.75310  -12.47504 1.000 81.95198  ? 87  ASN A C   1 
ATOM   465 O O   . ASN A 1 87  ? -1.53325  12.09009  -12.70822 1.000 93.10029  ? 87  ASN A O   1 
ATOM   466 C CB  . ASN A 1 87  ? 0.44201   13.45943  -14.14290 1.000 82.70602  ? 87  ASN A CB  1 
ATOM   467 C CG  . ASN A 1 87  ? 0.43812   14.65884  -13.20724 1.000 103.55795 ? 87  ASN A CG  1 
ATOM   468 O OD1 . ASN A 1 87  ? 0.36180   14.51404  -11.98370 1.000 109.29589 ? 87  ASN A OD1 1 
ATOM   469 N ND2 . ASN A 1 87  ? 0.51645   15.85239  -13.78203 1.000 97.59680  ? 87  ASN A ND2 1 
ATOM   470 N N   . LEU A 1 88  ? -0.02759  11.04788  -11.40077 1.000 60.94212  ? 88  LEU A N   1 
ATOM   471 C CA  . LEU A 1 88  ? -0.98369  10.72182  -10.35304 1.000 56.03458  ? 88  LEU A CA  1 
ATOM   472 C C   . LEU A 1 88  ? -0.87987  11.76157  -9.24765  1.000 61.00508  ? 88  LEU A C   1 
ATOM   473 O O   . LEU A 1 88  ? 0.17313   11.90438  -8.61579  1.000 57.27721  ? 88  LEU A O   1 
ATOM   474 C CB  . LEU A 1 88  ? -0.72916  9.32478   -9.78499  1.000 51.92962  ? 88  LEU A CB  1 
ATOM   475 C CG  . LEU A 1 88  ? -1.64325  8.88678   -8.62795  1.000 56.63751  ? 88  LEU A CG  1 
ATOM   476 C CD1 . LEU A 1 88  ? -3.07810  8.68745   -9.08935  1.000 66.76369  ? 88  LEU A CD1 1 
ATOM   477 C CD2 . LEU A 1 88  ? -1.12754  7.62456   -7.96921  1.000 52.97885  ? 88  LEU A CD2 1 
ATOM   478 N N   . ASN A 1 89  ? -1.97459  12.48027  -9.02144  1.000 55.27657  ? 89  ASN A N   1 
ATOM   479 C CA  . ASN A 1 89  ? -2.07410  13.44061  -7.93169  1.000 62.59685  ? 89  ASN A CA  1 
ATOM   480 C C   . ASN A 1 89  ? -3.54485  13.75387  -7.72427  1.000 53.26217  ? 89  ASN A C   1 
ATOM   481 O O   . ASN A 1 89  ? -4.07655  14.70770  -8.29995  1.000 56.59370  ? 89  ASN A O   1 
ATOM   482 C CB  . ASN A 1 89  ? -1.26132  14.69798  -8.24716  1.000 61.54574  ? 89  ASN A CB  1 
ATOM   483 C CG  . ASN A 1 89  ? -1.25215  15.70211  -7.10421  1.000 67.40124  ? 89  ASN A CG  1 
ATOM   484 O OD1 . ASN A 1 89  ? -1.77516  15.44146  -6.02213  1.000 64.92467  ? 89  ASN A OD1 1 
ATOM   485 N ND2 . ASN A 1 89  ? -0.64817  16.85750  -7.34345  1.000 91.80055  ? 89  ASN A ND2 1 
ATOM   486 N N   . THR A 1 90  ? -4.21801  12.93293  -6.92953  1.000 54.59227  ? 90  THR A N   1 
ATOM   487 C CA  . THR A 1 90  ? -5.65376  13.05005  -6.75884  1.000 68.88358  ? 90  THR A CA  1 
ATOM   488 C C   . THR A 1 90  ? -5.99709  12.97191  -5.28007  1.000 53.49002  ? 90  THR A C   1 
ATOM   489 O O   . THR A 1 90  ? -5.34373  12.25884  -4.51630  1.000 51.25274  ? 90  THR A O   1 
ATOM   490 C CB  . THR A 1 90  ? -6.38610  11.96808  -7.57826  1.000 71.07692  ? 90  THR A CB  1 
ATOM   491 O OG1 . THR A 1 90  ? -7.79633  12.21890  -7.56977  1.000 82.33297  ? 90  THR A OG1 1 
ATOM   492 C CG2 . THR A 1 90  ? -6.10303  10.57723  -7.04234  1.000 58.73599  ? 90  THR A CG2 1 
ATOM   493 N N   . MET A 1 91  ? -7.01249  13.72221  -4.87246  1.000 64.34787  ? 91  MET A N   1 
ATOM   494 C CA  . MET A 1 91  ? -7.41584  13.76484  -3.47713  1.000 56.36136  ? 91  MET A CA  1 
ATOM   495 C C   . MET A 1 91  ? -8.92226  13.59325  -3.42862  1.000 53.39296  ? 91  MET A C   1 
ATOM   496 O O   . MET A 1 91  ? -9.64102  14.20459  -4.22189  1.000 63.41419  ? 91  MET A O   1 
ATOM   497 C CB  . MET A 1 91  ? -7.03971  15.11882  -2.87846  1.000 71.05422  ? 91  MET A CB  1 
ATOM   498 C CG  . MET A 1 91  ? -6.74726  15.11410  -1.38879  1.000 73.50925  ? 91  MET A CG  1 
ATOM   499 S SD  . MET A 1 91  ? -6.17656  16.74581  -0.87284  1.000 110.32560 ? 91  MET A SD  1 
ATOM   500 C CE  . MET A 1 91  ? -5.15481  17.19653  -2.27657  1.000 70.19341  ? 91  MET A CE  1 
ATOM   501 N N   . PHE A 1 92  ? -9.39742  12.74667  -2.52214  1.000 52.25533  ? 92  PHE A N   1 
ATOM   502 C CA  . PHE A 1 92  ? -10.83368 12.54858  -2.40422  1.000 56.21682  ? 92  PHE A CA  1 
ATOM   503 C C   . PHE A 1 92  ? -11.14021 12.02525  -1.01169  1.000 49.37679  ? 92  PHE A C   1 
ATOM   504 O O   . PHE A 1 92  ? -10.25011 11.62398  -0.25965  1.000 47.84891  ? 92  PHE A O   1 
ATOM   505 C CB  . PHE A 1 92  ? -11.35835 11.60813  -3.49498  1.000 49.30496  ? 92  PHE A CB  1 
ATOM   506 C CG  . PHE A 1 92  ? -10.63543 10.29558  -3.55704  1.000 46.30454  ? 92  PHE A CG  1 
ATOM   507 C CD1 . PHE A 1 92  ? -11.05726 9.22601   -2.78174  1.000 44.37076  ? 92  PHE A CD1 1 
ATOM   508 C CD2 . PHE A 1 92  ? -9.54189  10.13163  -4.38037  1.000 51.12996  ? 92  PHE A CD2 1 
ATOM   509 C CE1 . PHE A 1 92  ? -10.39824 7.99592   -2.81846  1.000 49.86449  ? 92  PHE A CE1 1 
ATOM   510 C CE2 . PHE A 1 92  ? -8.86925  8.90281   -4.42386  1.000 48.73017  ? 92  PHE A CE2 1 
ATOM   511 C CZ  . PHE A 1 92  ? -9.30583  7.83799   -3.64193  1.000 51.46171  ? 92  PHE A CZ  1 
ATOM   512 N N   . GLU A 1 93  ? -12.41864 12.05163  -0.67264  1.000 53.56534  ? 93  GLU A N   1 
ATOM   513 C CA  . GLU A 1 93  ? -12.89080 11.49893  0.58109   1.000 49.54454  ? 93  GLU A CA  1 
ATOM   514 C C   . GLU A 1 93  ? -13.41453 10.09175  0.33748   1.000 56.97383  ? 93  GLU A C   1 
ATOM   515 O O   . GLU A 1 93  ? -13.91060 9.76940   -0.74627  1.000 51.39700  ? 93  GLU A O   1 
ATOM   516 C CB  . GLU A 1 93  ? -13.97683 12.38678  1.19590   1.000 63.42751  ? 93  GLU A CB  1 
ATOM   517 C CG  . GLU A 1 93  ? -13.46873 13.76993  1.57841   1.000 78.24631  ? 93  GLU A CG  1 
ATOM   518 C CD  . GLU A 1 93  ? -14.49766 14.60138  2.32030   1.000 85.44450  ? 93  GLU A CD  1 
ATOM   519 O OE1 . GLU A 1 93  ? -15.70857 14.32808  2.18106   1.000 84.62967  ? 93  GLU A OE1 1 
ATOM   520 O OE2 . GLU A 1 93  ? -14.08603 15.52946  3.04732   1.000 93.51968  ? 93  GLU A OE2 1 
ATOM   521 N N   . TRP A 1 94  ? -13.27724 9.24890   1.35207   1.000 48.44697  ? 94  TRP A N   1 
ATOM   522 C CA  . TRP A 1 94  ? -13.59323 7.83922   1.21717   1.000 44.83149  ? 94  TRP A CA  1 
ATOM   523 C C   . TRP A 1 94  ? -14.29520 7.37005   2.47615   1.000 47.99322  ? 94  TRP A C   1 
ATOM   524 O O   . TRP A 1 94  ? -13.93711 7.77269   3.58546   1.000 46.60395  ? 94  TRP A O   1 
ATOM   525 C CB  . TRP A 1 94  ? -12.32134 7.02872   1.02080   1.000 55.80563  ? 94  TRP A CB  1 
ATOM   526 C CG  . TRP A 1 94  ? -12.57424 5.64067   0.56811   1.000 48.31203  ? 94  TRP A CG  1 
ATOM   527 C CD1 . TRP A 1 94  ? -12.41159 4.50175   1.29492   1.000 48.67252  ? 94  TRP A CD1 1 
ATOM   528 C CD2 . TRP A 1 94  ? -13.02279 5.23226   -0.73069  1.000 48.97844  ? 94  TRP A CD2 1 
ATOM   529 N NE1 . TRP A 1 94  ? -12.73559 3.40446   0.53208   1.000 57.47755  ? 94  TRP A NE1 1 
ATOM   530 C CE2 . TRP A 1 94  ? -13.11430 3.82573   -0.71562  1.000 55.10687  ? 94  TRP A CE2 1 
ATOM   531 C CE3 . TRP A 1 94  ? -13.35682 5.92076   -1.90420  1.000 55.14812  ? 94  TRP A CE3 1 
ATOM   532 C CZ2 . TRP A 1 94  ? -13.52544 3.09169   -1.82910  1.000 49.39048  ? 94  TRP A CZ2 1 
ATOM   533 C CZ3 . TRP A 1 94  ? -13.76793 5.19181   -3.00918  1.000 63.00604  ? 94  TRP A CZ3 1 
ATOM   534 C CH2 . TRP A 1 94  ? -13.84839 3.78906   -2.96243  1.000 57.55207  ? 94  TRP A CH2 1 
ATOM   535 N N   . MET A 1 95  ? -15.30007 6.52056   2.30091   1.000 42.29019  ? 95  MET A N   1 
ATOM   536 C CA  . MET A 1 95  ? -16.10714 6.04006   3.40626   1.000 43.05209  ? 95  MET A CA  1 
ATOM   537 C C   . MET A 1 95  ? -15.73259 4.60074   3.71464   1.000 49.24915  ? 95  MET A C   1 
ATOM   538 O O   . MET A 1 95  ? -15.69219 3.75790   2.81181   1.000 60.37607  ? 95  MET A O   1 
ATOM   539 C CB  . MET A 1 95  ? -17.58071 6.12129   3.03887   1.000 43.70893  ? 95  MET A CB  1 
ATOM   540 C CG  . MET A 1 95  ? -18.07356 7.54156   2.92353   1.000 54.44177  ? 95  MET A CG  1 
ATOM   541 S SD  . MET A 1 95  ? -18.04386 8.38084   4.51589   1.000 69.44801  ? 95  MET A SD  1 
ATOM   542 C CE  . MET A 1 95  ? -19.79717 8.63767   4.77880   1.000 73.27828  ? 95  MET A CE  1 
ATOM   543 N N   . ILE A 1 96  ? -15.45978 4.32968   4.98614   1.000 53.53417  ? 96  ILE A N   1 
ATOM   544 C CA  . ILE A 1 96  ? -15.16784 2.97540   5.44197   1.000 67.31261  ? 96  ILE A CA  1 
ATOM   545 C C   . ILE A 1 96  ? -16.37951 2.47070   6.21182   1.000 59.99475  ? 96  ILE A C   1 
ATOM   546 O O   . ILE A 1 96  ? -16.57401 2.85714   7.37359   1.000 63.61118  ? 96  ILE A O   1 
ATOM   547 C CB  . ILE A 1 96  ? -13.90264 2.94310   6.30916   1.000 62.37950  ? 96  ILE A CB  1 
ATOM   548 C CG1 . ILE A 1 96  ? -12.73125 3.56122   5.54854   1.000 52.38382  ? 96  ILE A CG1 1 
ATOM   549 C CG2 . ILE A 1 96  ? -13.57709 1.51638   6.71737   1.000 63.66832  ? 96  ILE A CG2 1 
ATOM   550 C CD1 . ILE A 1 96  ? -11.46592 3.67775   6.36988   1.000 61.87584  ? 96  ILE A CD1 1 
ATOM   551 N N   . PRO A 1 97  ? -17.22738 1.63614   5.60885   1.000 76.13129  ? 97  PRO A N   1 
ATOM   552 C CA  . PRO A 1 97  ? -18.36790 1.09907   6.35459   1.000 63.13682  ? 97  PRO A CA  1 
ATOM   553 C C   . PRO A 1 97  ? -17.89712 0.22832   7.51002   1.000 64.06148  ? 97  PRO A C   1 
ATOM   554 O O   . PRO A 1 97  ? -16.92474 -0.52013  7.39327   1.000 62.62487  ? 97  PRO A O   1 
ATOM   555 C CB  . PRO A 1 97  ? -19.12983 0.28209   5.30257   1.000 75.17377  ? 97  PRO A CB  1 
ATOM   556 C CG  . PRO A 1 97  ? -18.73273 0.90224   3.98451   1.000 70.60193  ? 97  PRO A CG  1 
ATOM   557 C CD  . PRO A 1 97  ? -17.28521 1.27196   4.18107   1.000 67.02397  ? 97  PRO A CD  1 
ATOM   558 N N   . THR A 1 98  ? -18.57429 0.36599   8.64972   1.000 61.53728  ? 98  THR A N   1 
ATOM   559 C CA  . THR A 1 98  ? -18.28212 -0.43242  9.83294   1.000 71.54206  ? 98  THR A CA  1 
ATOM   560 C C   . THR A 1 98  ? -19.58762 -0.93152  10.43821  1.000 64.75194  ? 98  THR A C   1 
ATOM   561 O O   . THR A 1 98  ? -20.68316 -0.52115  10.04573  1.000 56.17368  ? 98  THR A O   1 
ATOM   562 C CB  . THR A 1 98  ? -17.48841 0.35491   10.89237  1.000 61.47358  ? 98  THR A CB  1 
ATOM   563 O OG1 . THR A 1 98  ? -18.38433 1.13825   11.69178  1.000 62.67327  ? 98  THR A OG1 1 
ATOM   564 C CG2 . THR A 1 98  ? -16.46226 1.26600   10.24218  1.000 58.61681  ? 98  THR A CG2 1 
ATOM   565 N N   . SER A 1 99  ? -19.45928 -1.82977  11.41792  1.000 61.72632  ? 99  SER A N   1 
ATOM   566 C CA  . SER A 1 99  ? -20.63195 -2.29925  12.14775  1.000 63.17780  ? 99  SER A CA  1 
ATOM   567 C C   . SER A 1 99  ? -21.33232 -1.17349  12.90142  1.000 72.61152  ? 99  SER A C   1 
ATOM   568 O O   . SER A 1 99  ? -22.50287 -1.32473  13.26774  1.000 77.96016  ? 99  SER A O   1 
ATOM   569 C CB  . SER A 1 99  ? -20.24039 -3.41314  13.12929  1.000 60.76767  ? 99  SER A CB  1 
ATOM   570 O OG  . SER A 1 99  ? -19.66054 -4.52554  12.46400  1.000 57.35369  ? 99  SER A OG  1 
ATOM   571 N N   . ARG A 1 100 ? -20.64834 -0.04940  13.13630  1.000 80.07670  ? 100 ARG A N   1 
ATOM   572 C CA  . ARG A 1 100 ? -21.20423 1.06644   13.89587  1.000 74.49661  ? 100 ARG A CA  1 
ATOM   573 C C   . ARG A 1 100 ? -21.37576 2.32826   13.05295  1.000 89.45630  ? 100 ARG A C   1 
ATOM   574 O O   . ARG A 1 100 ? -21.46896 3.42831   13.60725  1.000 83.27403  ? 100 ARG A O   1 
ATOM   575 C CB  . ARG A 1 100 ? -20.35431 1.36333   15.13373  1.000 83.25043  ? 100 ARG A CB  1 
ATOM   576 C CG  . ARG A 1 100 ? -20.29426 0.22131   16.13378  1.000 79.29221  ? 100 ARG A CG  1 
ATOM   577 N N   . GLY A 1 101 ? -21.41963 2.20019   11.72771  1.000 77.01142  ? 101 GLY A N   1 
ATOM   578 C CA  . GLY A 1 101 ? -21.60812 3.34332   10.86291  1.000 64.69393  ? 101 GLY A CA  1 
ATOM   579 C C   . GLY A 1 101 ? -20.34792 3.71077   10.10397  1.000 61.05845  ? 101 GLY A C   1 
ATOM   580 O O   . GLY A 1 101 ? -19.23661 3.31189   10.46660  1.000 54.35106  ? 101 GLY A O   1 
ATOM   581 N N   . PRO A 1 102 ? -20.49584 4.48148   9.03169   1.000 50.52888  ? 102 PRO A N   1 
ATOM   582 C CA  . PRO A 1 102 ? -19.34751 4.77207   8.17032   1.000 50.92532  ? 102 PRO A CA  1 
ATOM   583 C C   . PRO A 1 102 ? -18.42246 5.81493   8.77005   1.000 49.04550  ? 102 PRO A C   1 
ATOM   584 O O   . PRO A 1 102 ? -18.84838 6.73020   9.48007   1.000 63.42964  ? 102 PRO A O   1 
ATOM   585 C CB  . PRO A 1 102 ? -19.99692 5.30903   6.88974   1.000 53.42467  ? 102 PRO A CB  1 
ATOM   586 C CG  . PRO A 1 102 ? -21.30312 5.84296   7.33703   1.000 55.40997  ? 102 PRO A CG  1 
ATOM   587 C CD  . PRO A 1 102 ? -21.76060 4.94632   8.44076   1.000 58.87689  ? 102 PRO A CD  1 
ATOM   588 N N   . THR A 1 103 ? -17.13543 5.65420   8.46271   1.000 53.90617  ? 103 THR A N   1 
ATOM   589 C CA  . THR A 1 103 ? -16.07983 6.57816   8.85618   1.000 58.68527  ? 103 THR A CA  1 
ATOM   590 C C   . THR A 1 103 ? -15.51098 7.22500   7.60174   1.000 55.06399  ? 103 THR A C   1 
ATOM   591 O O   . THR A 1 103 ? -15.17732 6.52991   6.63705   1.000 53.33083  ? 103 THR A O   1 
ATOM   592 C CB  . THR A 1 103 ? -14.95540 5.82989   9.57622   1.000 59.33235  ? 103 THR A CB  1 
ATOM   593 O OG1 . THR A 1 103 ? -15.45456 5.24373   10.78432  1.000 80.01067  ? 103 THR A OG1 1 
ATOM   594 C CG2 . THR A 1 103 ? -13.81573 6.77640   9.91295   1.000 69.64738  ? 103 THR A CG2 1 
ATOM   595 N N   . LYS A 1 104 ? -15.39407 8.54814   7.61304   1.000 57.18640  ? 104 LYS A N   1 
ATOM   596 C CA  . LYS A 1 104 ? -14.90254 9.28352   6.45563   1.000 50.93010  ? 104 LYS A CA  1 
ATOM   597 C C   . LYS A 1 104 ? -13.40832 9.53089   6.59836   1.000 52.98419  ? 104 LYS A C   1 
ATOM   598 O O   . LYS A 1 104 ? -12.94751 10.01361  7.63830   1.000 53.63213  ? 104 LYS A O   1 
ATOM   599 C CB  . LYS A 1 104 ? -15.62809 10.61872  6.29517   1.000 60.79135  ? 104 LYS A CB  1 
ATOM   600 C CG  . LYS A 1 104 ? -15.27567 11.34686  5.00208   1.000 64.86102  ? 104 LYS A CG  1 
ATOM   601 C CD  . LYS A 1 104 ? -15.97209 12.69771  4.91056   1.000 60.20668  ? 104 LYS A CD  1 
ATOM   602 N N   . VAL A 1 105 ? -12.65659 9.20747   5.55103   1.000 48.79704  ? 105 VAL A N   1 
ATOM   603 C CA  . VAL A 1 105 ? -11.23074 9.48926   5.51402   1.000 46.20691  ? 105 VAL A CA  1 
ATOM   604 C C   . VAL A 1 105 ? -10.92540 10.34184  4.29507   1.000 47.36927  ? 105 VAL A C   1 
ATOM   605 O O   . VAL A 1 105 ? -11.70788 10.41841  3.34433   1.000 44.09058  ? 105 VAL A O   1 
ATOM   606 C CB  . VAL A 1 105 ? -10.36190 8.21884   5.53558   1.000 47.11532  ? 105 VAL A CB  1 
ATOM   607 C CG1 . VAL A 1 105 ? -10.60878 7.44850   6.80418   1.000 56.12349  ? 105 VAL A CG1 1 
ATOM   608 C CG2 . VAL A 1 105 ? -10.64083 7.36325   4.31088   1.000 43.53826  ? 105 VAL A CG2 1 
ATOM   609 N N   . LYS A 1 106 ? -9.78254  11.01838  4.34955   1.000 44.76930  ? 106 LYS A N   1 
ATOM   610 C CA  . LYS A 1 106 ? -9.26987  11.77185  3.21841   1.000 46.45042  ? 106 LYS A CA  1 
ATOM   611 C C   . LYS A 1 106 ? -8.12145  10.98115  2.61322   1.000 41.08013  ? 106 LYS A C   1 
ATOM   612 O O   . LYS A 1 106 ? -7.18906  10.59091  3.32324   1.000 46.99595  ? 106 LYS A O   1 
ATOM   613 C CB  . LYS A 1 106 ? -8.76766  13.14849  3.66050   1.000 54.30765  ? 106 LYS A CB  1 
ATOM   614 C CG  . LYS A 1 106 ? -8.28909  14.03095  2.51263   1.000 56.60136  ? 106 LYS A CG  1 
ATOM   615 N N   . VAL A 1 107 ? -8.19536  10.74158  1.31058   1.000 41.38205  ? 107 VAL A N   1 
ATOM   616 C CA  . VAL A 1 107 ? -7.18450  9.97882   0.59146   1.000 40.75967  ? 107 VAL A CA  1 
ATOM   617 C C   . VAL A 1 107 ? -6.46066  10.93051  -0.34318  1.000 39.69187  ? 107 VAL A C   1 
ATOM   618 O O   . VAL A 1 107 ? -7.09447  11.74713  -1.03020  1.000 42.09858  ? 107 VAL A O   1 
ATOM   619 C CB  . VAL A 1 107 ? -7.81395  8.81550   -0.19437  1.000 37.91508  ? 107 VAL A CB  1 
ATOM   620 C CG1 . VAL A 1 107 ? -6.75437  8.07106   -0.99251  1.000 37.96816  ? 107 VAL A CG1 1 
ATOM   621 C CG2 . VAL A 1 107 ? -8.54887  7.87633   0.73883   1.000 39.90389  ? 107 VAL A CG2 1 
ATOM   622 N N   . HIS A 1 108 ? -5.13379  10.84575  -0.35388  1.000 39.90062  ? 108 HIS A N   1 
ATOM   623 C CA  . HIS A 1 108 ? -4.31647  11.55640  -1.32363  1.000 40.75582  ? 108 HIS A CA  1 
ATOM   624 C C   . HIS A 1 108 ? -3.40505  10.52620  -1.96595  1.000 40.32593  ? 108 HIS A C   1 
ATOM   625 O O   . HIS A 1 108 ? -2.60220  9.89384   -1.27396  1.000 39.94795  ? 108 HIS A O   1 
ATOM   626 C CB  . HIS A 1 108 ? -3.50092  12.66560  -0.65224  1.000 50.15826  ? 108 HIS A CB  1 
ATOM   627 C CG  . HIS A 1 108 ? -2.74582  13.52302  -1.61610  1.000 58.19183  ? 108 HIS A CG  1 
ATOM   628 N ND1 . HIS A 1 108 ? -1.63251  14.25076  -1.25355  1.000 68.31651  ? 108 HIS A ND1 1 
ATOM   629 C CD2 . HIS A 1 108 ? -2.93870  13.76038  -2.93462  1.000 59.63300  ? 108 HIS A CD2 1 
ATOM   630 C CE1 . HIS A 1 108 ? -1.17453  14.90257  -2.30760  1.000 61.99839  ? 108 HIS A CE1 1 
ATOM   631 N NE2 . HIS A 1 108 ? -1.95084  14.62474  -3.33994  1.000 52.31992  ? 108 HIS A NE2 1 
ATOM   632 N N   . MET A 1 109 ? -3.55749  10.32069  -3.26911  1.000 40.55547  ? 109 MET A N   1 
ATOM   633 C CA  . MET A 1 109 ? -2.66328  9.46499   -4.03161  1.000 40.15987  ? 109 MET A CA  1 
ATOM   634 C C   . MET A 1 109 ? -1.76124  10.34592  -4.87786  1.000 41.24193  ? 109 MET A C   1 
ATOM   635 O O   . MET A 1 109 ? -2.23450  11.27483  -5.54136  1.000 45.31126  ? 109 MET A O   1 
ATOM   636 C CB  . MET A 1 109 ? -3.43338  8.47816   -4.90888  1.000 42.56656  ? 109 MET A CB  1 
ATOM   637 C CG  . MET A 1 109 ? -4.24569  7.49058   -4.12273  1.000 46.37647  ? 109 MET A CG  1 
ATOM   638 S SD  . MET A 1 109 ? -4.84646  6.13344   -5.15818  1.000 47.82115  ? 109 MET A SD  1 
ATOM   639 C CE  . MET A 1 109 ? -5.99424  6.98545   -6.22840  1.000 45.59466  ? 109 MET A CE  1 
ATOM   640 N N   . LYS A 1 110 ? -0.46467  10.06860  -4.84171  1.000 41.42654  ? 110 LYS A N   1 
ATOM   641 C CA  . LYS A 1 110 ? 0.50670   10.94674  -5.47871  1.000 43.03144  ? 110 LYS A CA  1 
ATOM   642 C C   . LYS A 1 110 ? 1.67979   10.10478  -5.95249  1.000 44.27583  ? 110 LYS A C   1 
ATOM   643 O O   . LYS A 1 110 ? 2.11163   9.19021   -5.25125  1.000 43.85431  ? 110 LYS A O   1 
ATOM   644 C CB  . LYS A 1 110 ? 1.00536   12.00791  -4.48391  1.000 54.35767  ? 110 LYS A CB  1 
ATOM   645 C CG  . LYS A 1 110 ? 1.92895   13.06247  -5.07816  1.000 61.79802  ? 110 LYS A CG  1 
ATOM   646 N N   . LYS A 1 111 ? 2.18765   10.40231  -7.14616  1.000 49.17785  ? 111 LYS A N   1 
ATOM   647 C CA  . LYS A 1 111 ? 3.40099   9.73724   -7.59747  1.000 44.87084  ? 111 LYS A CA  1 
ATOM   648 C C   . LYS A 1 111 ? 4.57364   10.19094  -6.74195  1.000 50.11436  ? 111 LYS A C   1 
ATOM   649 O O   . LYS A 1 111 ? 4.65879   11.36150  -6.35359  1.000 51.00732  ? 111 LYS A O   1 
ATOM   650 C CB  . LYS A 1 111 ? 3.67767   10.05170  -9.06811  1.000 47.76250  ? 111 LYS A CB  1 
ATOM   651 C CG  . LYS A 1 111 ? 4.87456   9.30306   -9.63217  1.000 56.40701  ? 111 LYS A CG  1 
ATOM   652 C CD  . LYS A 1 111 ? 5.05189   9.53303   -11.12168 1.000 66.17248  ? 111 LYS A CD  1 
ATOM   653 C CE  . LYS A 1 111 ? 6.27898   8.79088   -11.63916 1.000 69.89551  ? 111 LYS A CE  1 
ATOM   654 N N   . ALA A 1 112 ? 5.46987   9.25229   -6.43415  1.000 41.08803  ? 112 ALA A N   1 
ATOM   655 C CA  . ALA A 1 112 ? 6.64732   9.57225   -5.64533  1.000 39.31881  ? 112 ALA A CA  1 
ATOM   656 C C   . ALA A 1 112 ? 7.51012   10.57206  -6.39840  1.000 50.85136  ? 112 ALA A C   1 
ATOM   657 O O   . ALA A 1 112 ? 7.56573   10.57217  -7.62949  1.000 52.90526  ? 112 ALA A O   1 
ATOM   658 C CB  . ALA A 1 112 ? 7.45750   8.30741   -5.38568  1.000 43.62571  ? 112 ALA A CB  1 
ATOM   659 N N   . LEU A 1 113 ? 8.18142   11.44248  -5.64688  1.000 59.05020  ? 113 LEU A N   1 
ATOM   660 C CA  . LEU A 1 113 ? 8.98674   12.46797  -6.29911  1.000 64.68362  ? 113 LEU A CA  1 
ATOM   661 C C   . LEU A 1 113 ? 10.23380  11.88176  -6.94497  1.000 68.42708  ? 113 LEU A C   1 
ATOM   662 O O   . LEU A 1 113 ? 10.72715  12.42621  -7.94175  1.000 59.45449  ? 113 LEU A O   1 
ATOM   663 C CB  . LEU A 1 113 ? 9.33344   13.58932  -5.31993  1.000 67.91506  ? 113 LEU A CB  1 
ATOM   664 C CG  . LEU A 1 113 ? 8.18979   14.56376  -5.03060  1.000 77.01006  ? 113 LEU A CG  1 
ATOM   665 C CD1 . LEU A 1 113 ? 8.68033   15.70501  -4.16811  1.000 73.62850  ? 113 LEU A CD1 1 
ATOM   666 C CD2 . LEU A 1 113 ? 7.57948   15.09551  -6.32146  1.000 76.20496  ? 113 LEU A CD2 1 
ATOM   667 N N   . SER A 1 114 ? 10.74740  10.77673  -6.40942  1.000 61.32287  ? 114 SER A N   1 
ATOM   668 C CA  . SER A 1 114 ? 11.93528  10.12924  -6.94820  1.000 74.36446  ? 114 SER A CA  1 
ATOM   669 C C   . SER A 1 114 ? 11.62212  8.66773   -7.22345  1.000 66.94339  ? 114 SER A C   1 
ATOM   670 O O   . SER A 1 114 ? 11.14024  7.95500   -6.33799  1.000 68.88704  ? 114 SER A O   1 
ATOM   671 C CB  . SER A 1 114 ? 13.11029  10.23463  -5.97029  1.000 73.57019  ? 114 SER A CB  1 
ATOM   672 O OG  . SER A 1 114 ? 13.46455  11.58728  -5.74130  1.000 73.25917  ? 114 SER A OG  1 
ATOM   673 N N   . GLY A 1 115 ? 11.89070  8.22669   -8.44763  1.000 65.27750  ? 115 GLY A N   1 
ATOM   674 C CA  . GLY A 1 115 ? 11.68288  6.84027   -8.81217  1.000 69.75373  ? 115 GLY A CA  1 
ATOM   675 C C   . GLY A 1 115 ? 10.26629  6.54824   -9.26283  1.000 75.50826  ? 115 GLY A C   1 
ATOM   676 O O   . GLY A 1 115 ? 9.36983   7.39890   -9.25594  1.000 82.04012  ? 115 GLY A O   1 
ATOM   677 N N   . ASP A 1 116 ? 10.06585  5.29713   -9.66815  1.000 61.72349  ? 116 ASP A N   1 
ATOM   678 C CA  . ASP A 1 116 ? 8.78103   4.84025   -10.18786 1.000 55.46409  ? 116 ASP A CA  1 
ATOM   679 C C   . ASP A 1 116 ? 8.04293   4.12476   -9.06225  1.000 63.23989  ? 116 ASP A C   1 
ATOM   680 O O   . ASP A 1 116 ? 8.13401   2.90724   -8.91074  1.000 69.84273  ? 116 ASP A O   1 
ATOM   681 C CB  . ASP A 1 116 ? 8.97237   3.92140   -11.38645 1.000 63.51906  ? 116 ASP A CB  1 
ATOM   682 C CG  . ASP A 1 116 ? 7.67906   3.66436   -12.12578 1.000 76.99876  ? 116 ASP A CG  1 
ATOM   683 O OD1 . ASP A 1 116 ? 6.75739   4.50462   -12.01595 1.000 91.61294  ? 116 ASP A OD1 1 
ATOM   684 O OD2 . ASP A 1 116 ? 7.57843   2.62189   -12.80691 1.000 90.00092  ? 116 ASP A OD2 1 
ATOM   685 N N   . SER A 1 117 ? 7.30947   4.89358   -8.26500  1.000 50.86942  ? 117 SER A N   1 
ATOM   686 C CA  . SER A 1 117 ? 6.44022   4.32967   -7.24430  1.000 40.66660  ? 117 SER A CA  1 
ATOM   687 C C   . SER A 1 117 ? 5.39409   5.37667   -6.89287  1.000 39.18198  ? 117 SER A C   1 
ATOM   688 O O   . SER A 1 117 ? 5.46635   6.52656   -7.33541  1.000 44.51957  ? 117 SER A O   1 
ATOM   689 C CB  . SER A 1 117 ? 7.21537   3.89784   -5.99416  1.000 42.97891  ? 117 SER A CB  1 
ATOM   690 O OG  . SER A 1 117 ? 7.70737   5.02711   -5.29904  1.000 47.98385  ? 117 SER A OG  1 
ATOM   691 N N   . TYR A 1 118 ? 4.41351   4.96424   -6.09813  1.000 37.84845  ? 118 TYR A N   1 
ATOM   692 C CA  . TYR A 1 118 ? 3.25715   5.79790   -5.80268  1.000 36.57539  ? 118 TYR A CA  1 
ATOM   693 C C   . TYR A 1 118 ? 2.94866   5.70811   -4.32410  1.000 48.30917  ? 118 TYR A C   1 
ATOM   694 O O   . TYR A 1 118 ? 3.13527   4.65747   -3.71023  1.000 41.41630  ? 118 TYR A O   1 
ATOM   695 C CB  . TYR A 1 118 ? 2.05029   5.36621   -6.65468  1.000 35.01849  ? 118 TYR A CB  1 
ATOM   696 C CG  . TYR A 1 118 ? 2.41033   5.30184   -8.11575  1.000 38.41141  ? 118 TYR A CG  1 
ATOM   697 C CD1 . TYR A 1 118 ? 2.28740   6.42491   -8.92943  1.000 41.33278  ? 118 TYR A CD1 1 
ATOM   698 C CD2 . TYR A 1 118 ? 2.93869   4.14493   -8.67598  1.000 43.37200  ? 118 TYR A CD2 1 
ATOM   699 C CE1 . TYR A 1 118 ? 2.65462   6.38549   -10.26419 1.000 50.05976  ? 118 TYR A CE1 1 
ATOM   700 C CE2 . TYR A 1 118 ? 3.31615   4.10055   -10.01031 1.000 48.69905  ? 118 TYR A CE2 1 
ATOM   701 C CZ  . TYR A 1 118 ? 3.16778   5.22135   -10.79857 1.000 60.89245  ? 118 TYR A CZ  1 
ATOM   702 O OH  . TYR A 1 118 ? 3.53266   5.18349   -12.12734 1.000 61.46220  ? 118 TYR A OH  1 
ATOM   703 N N   . TRP A 1 119 ? 2.51029   6.81710   -3.74661  1.000 34.22686  ? 119 TRP A N   1 
ATOM   704 C CA  . TRP A 1 119 ? 2.13318   6.85699   -2.34288  1.000 34.32626  ? 119 TRP A CA  1 
ATOM   705 C C   . TRP A 1 119 ? 0.64285   7.11003   -2.20188  1.000 39.03707  ? 119 TRP A C   1 
ATOM   706 O O   . TRP A 1 119 ? 0.06282   7.94054   -2.91773  1.000 37.51749  ? 119 TRP A O   1 
ATOM   707 C CB  . TRP A 1 119 ? 2.91056   7.92955   -1.57379  1.000 36.43370  ? 119 TRP A CB  1 
ATOM   708 C CG  . TRP A 1 119 ? 4.31679   7.54990   -1.30392  1.000 35.53048  ? 119 TRP A CG  1 
ATOM   709 C CD1 . TRP A 1 119 ? 5.40551   7.85343   -2.06723  1.000 37.69140  ? 119 TRP A CD1 1 
ATOM   710 C CD2 . TRP A 1 119 ? 4.79780   6.78178   -0.19956  1.000 39.72864  ? 119 TRP A CD2 1 
ATOM   711 N NE1 . TRP A 1 119 ? 6.54447   7.32448   -1.49895  1.000 40.56470  ? 119 TRP A NE1 1 
ATOM   712 C CE2 . TRP A 1 119 ? 6.19268   6.65998   -0.35061  1.000 39.52426  ? 119 TRP A CE2 1 
ATOM   713 C CE3 . TRP A 1 119 ? 4.18149   6.18705   0.90821   1.000 37.31164  ? 119 TRP A CE3 1 
ATOM   714 C CZ2 . TRP A 1 119 ? 6.98640   5.95996   0.56459   1.000 37.09278  ? 119 TRP A CZ2 1 
ATOM   715 C CZ3 . TRP A 1 119 ? 4.97421   5.49624   1.81641   1.000 36.51013  ? 119 TRP A CZ3 1 
ATOM   716 C CH2 . TRP A 1 119 ? 6.36169   5.40246   1.64382   1.000 35.95122  ? 119 TRP A CH2 1 
ATOM   717 N N   . VAL A 1 120 ? 0.02279   6.36002   -1.30184  1.000 32.17521  ? 120 VAL A N   1 
ATOM   718 C CA  . VAL A 1 120 ? -1.34752  6.56908   -0.87371  1.000 31.11417  ? 120 VAL A CA  1 
ATOM   719 C C   . VAL A 1 120 ? -1.29145  7.01272   0.57434   1.000 33.56854  ? 120 VAL A C   1 
ATOM   720 O O   . VAL A 1 120 ? -0.75551  6.29311   1.42919   1.000 35.93534  ? 120 VAL A O   1 
ATOM   721 C CB  . VAL A 1 120 ? -2.16997  5.28303   -1.02801  1.000 32.07354  ? 120 VAL A CB  1 
ATOM   722 C CG1 . VAL A 1 120 ? -3.60005  5.50433   -0.57932  1.000 37.66987  ? 120 VAL A CG1 1 
ATOM   723 C CG2 . VAL A 1 120 ? -2.12371  4.80046   -2.46622  1.000 38.94433  ? 120 VAL A CG2 1 
ATOM   724 N N   . PHE A 1 121 ? -1.80463  8.21048   0.84494   1.000 32.49510  ? 121 PHE A N   1 
ATOM   725 C CA  . PHE A 1 121 ? -1.89715  8.75492   2.18762   1.000 33.73364  ? 121 PHE A CA  1 
ATOM   726 C C   . PHE A 1 121 ? -3.35614  8.70717   2.60362   1.000 42.95025  ? 121 PHE A C   1 
ATOM   727 O O   . PHE A 1 121 ? -4.23803  9.08936   1.82852   1.000 44.17083  ? 121 PHE A O   1 
ATOM   728 C CB  . PHE A 1 121 ? -1.46137  10.22280  2.22522   1.000 40.48127  ? 121 PHE A CB  1 
ATOM   729 C CG  . PHE A 1 121 ? -0.04928  10.46517  1.75193   1.000 39.93609  ? 121 PHE A CG  1 
ATOM   730 C CD1 . PHE A 1 121 ? 0.21491   10.65279  0.40436   1.000 42.73248  ? 121 PHE A CD1 1 
ATOM   731 C CD2 . PHE A 1 121 ? 1.00099   10.55629  2.65418   1.000 46.37858  ? 121 PHE A CD2 1 
ATOM   732 C CE1 . PHE A 1 121 ? 1.50306   10.89710  -0.04098  1.000 40.21731  ? 121 PHE A CE1 1 
ATOM   733 C CE2 . PHE A 1 121 ? 2.30731   10.80609  2.21369   1.000 40.72925  ? 121 PHE A CE2 1 
ATOM   734 C CZ  . PHE A 1 121 ? 2.55237   10.97719  0.86396   1.000 39.08510  ? 121 PHE A CZ  1 
ATOM   735 N N   . VAL A 1 122 ? -3.60795  8.23707   3.82123   1.000 43.37852  ? 122 VAL A N   1 
ATOM   736 C CA  . VAL A 1 122 ? -4.95040  8.17263   4.38688   1.000 47.57859  ? 122 VAL A CA  1 
ATOM   737 C C   . VAL A 1 122 ? -4.94131  8.89981   5.72250   1.000 48.84096  ? 122 VAL A C   1 
ATOM   738 O O   . VAL A 1 122 ? -4.09602  8.61935   6.57816   1.000 50.15822  ? 122 VAL A O   1 
ATOM   739 C CB  . VAL A 1 122 ? -5.41414  6.71712   4.58044   1.000 40.81037  ? 122 VAL A CB  1 
ATOM   740 C CG1 . VAL A 1 122 ? -6.79377  6.69886   5.21143   1.000 53.91612  ? 122 VAL A CG1 1 
ATOM   741 C CG2 . VAL A 1 122 ? -5.41652  5.95927   3.25887   1.000 42.60939  ? 122 VAL A CG2 1 
ATOM   742 N N   . LYS A 1 123 ? -5.87983  9.82787   5.89957   1.000 48.09332  ? 123 LYS A N   1 
ATOM   743 C CA  . LYS A 1 123 ? -6.02523  10.58874  7.13136   1.000 49.88644  ? 123 LYS A CA  1 
ATOM   744 C C   . LYS A 1 123 ? -7.50363  10.66466  7.47660   1.000 54.83111  ? 123 LYS A C   1 
ATOM   745 O O   . LYS A 1 123 ? -8.34665  10.80698  6.58803   1.000 57.85444  ? 123 LYS A O   1 
ATOM   746 C CB  . LYS A 1 123 ? -5.46256  12.01136  6.98733   1.000 56.36315  ? 123 LYS A CB  1 
ATOM   747 N N   . ARG A 1 124 ? -7.81234  10.56974  8.76735   1.000 69.61786  ? 124 ARG A N   1 
ATOM   748 C CA  . ARG A 1 124 ? -9.19027  10.70995  9.21731   1.000 65.97997  ? 124 ARG A CA  1 
ATOM   749 C C   . ARG A 1 124 ? -9.64770  12.15627  9.06049   1.000 78.34035  ? 124 ARG A C   1 
ATOM   750 O O   . ARG A 1 124 ? -8.92565  13.09210  9.41710   1.000 63.67576  ? 124 ARG A O   1 
ATOM   751 C CB  . ARG A 1 124 ? -9.30618  10.26802  10.67418  1.000 70.21263  ? 124 ARG A CB  1 
ATOM   752 N N   . VAL A 1 125 ? -10.84901 12.33953  8.51262   1.000 64.71447  ? 125 VAL A N   1 
ATOM   753 C CA  . VAL A 1 125 ? -11.39308 13.67872  8.32983   1.000 68.05032  ? 125 VAL A CA  1 
ATOM   754 C C   . VAL A 1 125 ? -11.89027 14.20805  9.66733   1.000 84.17901  ? 125 VAL A C   1 
ATOM   755 O O   . VAL A 1 125 ? -12.64976 13.53320  10.37517  1.000 81.67543  ? 125 VAL A O   1 
ATOM   756 C CB  . VAL A 1 125 ? -12.51047 13.66240  7.27695   1.000 65.33507  ? 125 VAL A CB  1 
ATOM   757 C CG1 . VAL A 1 125 ? -13.37208 14.90922  7.39758   1.000 80.55596  ? 125 VAL A CG1 1 
ATOM   758 C CG2 . VAL A 1 125 ? -11.91666 13.55678  5.88182   1.000 68.65187  ? 125 VAL A CG2 1 
ATOM   759 N N   . LYS A 1 126 ? -11.46166 15.41981  10.01714  1.000 89.77804  ? 126 LYS A N   1 
ATOM   760 C CA  . LYS A 1 126 ? -11.81086 16.04857  11.29318  1.000 89.11771  ? 126 LYS A CA  1 
ATOM   761 C C   . LYS A 1 126 ? -11.46832 15.15976  12.48742  1.000 96.02994  ? 126 LYS A C   1 
ATOM   762 O O   . LYS A 1 126 ? -10.33632 14.69282  12.62426  1.000 96.72419  ? 126 LYS A O   1 
ATOM   763 C CB  . LYS A 1 126 ? -13.29117 16.44430  11.32838  1.000 85.84822  ? 126 LYS A CB  1 
ATOM   764 C CG  . LYS A 1 126 ? -13.67805 17.48757  10.29700  1.000 76.49634  ? 126 LYS A CG  1 
HETATM 765 C C   . FMT B 2 .   ? 0.03784   14.23298  2.21343   1.000 68.70020  ? 201 FMT A C   1 
HETATM 766 O O1  . FMT B 2 .   ? -0.88972  14.29798  1.40834   1.000 62.28177  ? 201 FMT A O1  1 
HETATM 767 O O2  . FMT B 2 .   ? -0.10532  13.95843  3.40507   1.000 76.48682  ? 201 FMT A O2  1 
HETATM 768 C C   . FMT C 2 .   ? -11.26521 -2.12840  3.50255   1.000 60.00825  ? 202 FMT A C   1 
HETATM 769 O O1  . FMT C 2 .   ? -11.46396 -3.04152  4.30474   1.000 49.41334  ? 202 FMT A O1  1 
HETATM 770 O O2  . FMT C 2 .   ? -11.38175 -2.21126  2.27537   1.000 45.46218  ? 202 FMT A O2  1 
HETATM 771 O O   . HOH D 3 .   ? 10.29004  5.55663   -5.82888  1.000 45.77190  ? 301 HOH A O   1 
HETATM 772 O O   . HOH D 3 .   ? -19.51915 6.55662   -7.88386  1.000 53.17730  ? 302 HOH A O   1 
HETATM 773 O O   . HOH D 3 .   ? 5.96037   -10.31599 5.30427   1.000 36.86421  ? 303 HOH A O   1 
HETATM 774 O O   . HOH D 3 .   ? 8.13271   -26.49931 2.57930   1.000 54.44487  ? 304 HOH A O   1 
HETATM 775 O O   . HOH D 3 .   ? 2.82321   -13.60315 4.84118   1.000 50.11011  ? 305 HOH A O   1 
HETATM 776 O O   . HOH D 3 .   ? -3.04750  -2.44997  -12.20289 1.000 62.82740  ? 306 HOH A O   1 
HETATM 777 O O   . HOH D 3 .   ? -9.29756  -4.72051  4.99572   1.000 53.53013  ? 307 HOH A O   1 
HETATM 778 O O   . HOH D 3 .   ? 3.11548   -16.21239 4.92122   1.000 48.03156  ? 308 HOH A O   1 
HETATM 779 O O   . HOH D 3 .   ? 17.69890  -0.80261  6.99151   1.000 60.43256  ? 309 HOH A O   1 
HETATM 780 O O   . HOH D 3 .   ? -15.44768 0.80528   -0.10777  1.000 52.03412  ? 310 HOH A O   1 
HETATM 781 O O   . HOH D 3 .   ? 24.27103  -14.87990 10.20161  1.000 54.11770  ? 311 HOH A O   1 
HETATM 782 O O   . HOH D 3 .   ? 8.35461   -7.10927  12.92125  1.000 55.24587  ? 312 HOH A O   1 
HETATM 783 O O   . HOH D 3 .   ? 6.54724   -16.03971 -3.79290  1.000 59.88863  ? 313 HOH A O   1 
HETATM 784 O O   . HOH D 3 .   ? -4.74778  12.21790  2.90492   1.000 52.61864  ? 314 HOH A O   1 
HETATM 785 O O   . HOH D 3 .   ? -5.20439  8.90390   -17.56989 1.000 70.13529  ? 315 HOH A O   1 
HETATM 786 O O   . HOH D 3 .   ? 9.47088   -12.62975 13.97574  1.000 57.82097  ? 316 HOH A O   1 
HETATM 787 O O   . HOH D 3 .   ? 4.65318   -14.76638 2.38451   1.000 52.09444  ? 317 HOH A O   1 
HETATM 788 O O   B HOH D 3 .   ? -15.42018 8.90824   -7.63316  0.500 48.32512  ? 318 HOH A O   1 
HETATM 789 O O   A HOH D 3 .   ? -7.57313  -7.70454  5.04148   0.500 53.59084  ? 319 HOH A O   1 
HETATM 790 O O   B HOH D 3 .   ? -7.22438  -8.84994  4.00589   0.500 50.30610  ? 319 HOH A O   1 
HETATM 791 O O   A HOH D 3 .   ? 4.96477   -12.17378 3.48687   0.500 43.63885  ? 320 HOH A O   1 
HETATM 792 O O   B HOH D 3 .   ? 5.78712   -12.55929 2.79394   0.500 42.83011  ? 320 HOH A O   1 
HETATM 793 O O   . HOH D 3 .   ? -4.20703  -8.56352  4.74346   1.000 66.21405  ? 321 HOH A O   1 
# 
loop_
_atom_site_anisotrop.id 
_atom_site_anisotrop.type_symbol 
_atom_site_anisotrop.pdbx_label_atom_id 
_atom_site_anisotrop.pdbx_label_alt_id 
_atom_site_anisotrop.pdbx_label_comp_id 
_atom_site_anisotrop.pdbx_label_asym_id 
_atom_site_anisotrop.pdbx_label_seq_id 
_atom_site_anisotrop.pdbx_PDB_ins_code 
_atom_site_anisotrop.U[1][1] 
_atom_site_anisotrop.U[2][2] 
_atom_site_anisotrop.U[3][3] 
_atom_site_anisotrop.U[1][2] 
_atom_site_anisotrop.U[1][3] 
_atom_site_anisotrop.U[2][3] 
_atom_site_anisotrop.pdbx_auth_seq_id 
_atom_site_anisotrop.pdbx_auth_comp_id 
_atom_site_anisotrop.pdbx_auth_asym_id 
_atom_site_anisotrop.pdbx_auth_atom_id 
1   N N   . GLY A 25  ? 1.10609 1.22046 0.92323 0.00745  -0.02870 0.07814  25  GLY A N   
2   C CA  . GLY A 25  ? 1.01135 1.13177 0.86051 -0.00271 -0.01814 0.05387  25  GLY A CA  
3   C C   . GLY A 25  ? 1.05107 1.15807 0.90875 -0.00237 -0.01782 0.03289  25  GLY A C   
4   O O   . GLY A 25  ? 1.12794 1.21960 0.97547 0.00483  -0.02927 0.03600  25  GLY A O   
5   N N   . LEU A 26  ? 0.88491 0.99776 0.76108 -0.01020 -0.00462 0.01151  26  LEU A N   
6   C CA  . LEU A 26  ? 0.76746 0.86909 0.65369 -0.01091 -0.00249 -0.01014 26  LEU A CA  
7   C C   . LEU A 26  ? 0.64635 0.74251 0.58787 -0.01837 -0.01475 -0.02672 26  LEU A C   
8   O O   . LEU A 26  ? 0.61129 0.71812 0.58621 -0.02730 -0.01297 -0.03292 26  LEU A O   
9   C CB  . LEU A 26  ? 0.70462 0.81575 0.57928 -0.01508 0.01937  -0.02442 26  LEU A CB  
10  C CG  . LEU A 26  ? 0.86359 0.96758 0.69417 -0.00719 0.02926  -0.02469 26  LEU A CG  
11  N N   . ALA A 27  ? 0.62411 0.70367 0.57507 -0.01477 -0.02688 -0.03412 27  ALA A N   
12  C CA  . ALA A 27  ? 0.73044 0.80354 0.73289 -0.02076 -0.04066 -0.04762 27  ALA A CA  
13  C C   . ALA A 27  ? 0.65134 0.72845 0.68652 -0.03033 -0.03000 -0.07419 27  ALA A C   
14  O O   . ALA A 27  ? 0.65992 0.73985 0.74053 -0.03843 -0.03561 -0.08474 27  ALA A O   
15  C CB  . ALA A 27  ? 0.71748 0.77178 0.71899 -0.01372 -0.05730 -0.04642 27  ALA A CB  
16  N N   . PHE A 28  ? 0.58080 0.65805 0.59383 -0.02950 -0.01467 -0.08527 28  PHE A N   
17  C CA  . PHE A 28  ? 0.63955 0.71928 0.68105 -0.03779 -0.00438 -0.11104 28  PHE A CA  
18  C C   . PHE A 28  ? 0.75794 0.85103 0.77328 -0.03987 0.01799  -0.11414 28  PHE A C   
19  O O   . PHE A 28  ? 0.75343 0.84739 0.72226 -0.03258 0.02590  -0.10137 28  PHE A O   
20  C CB  . PHE A 28  ? 0.56355 0.62721 0.60774 -0.03475 -0.00848 -0.12602 28  PHE A CB  
21  C CG  . PHE A 28  ? 0.57441 0.62341 0.64035 -0.03170 -0.03026 -0.12356 28  PHE A CG  
22  C CD1 . PHE A 28  ? 0.67403 0.72154 0.79173 -0.03898 -0.04077 -0.13554 28  PHE A CD1 
23  C CD2 . PHE A 28  ? 0.68502 0.72150 0.71960 -0.02154 -0.03994 -0.10986 28  PHE A CD2 
24  C CE1 . PHE A 28  ? 0.59141 0.62550 0.72899 -0.03605 -0.06071 -0.13331 28  PHE A CE1 
25  C CE2 . PHE A 28  ? 0.60107 0.62417 0.65509 -0.01868 -0.05987 -0.10768 28  PHE A CE2 
26  C CZ  . PHE A 28  ? 0.59469 0.61674 0.70024 -0.02590 -0.07029 -0.11927 28  PHE A CZ  
27  N N   . GLY A 29  ? 0.56255 0.66588 0.60792 -0.04977 0.02821  -0.13135 29  GLY A N   
28  C CA  . GLY A 29  ? 0.52893 0.64394 0.55423 -0.05251 0.04976  -0.13853 29  GLY A CA  
29  C C   . GLY A 29  ? 0.55811 0.66513 0.58524 -0.05306 0.05762  -0.16004 29  GLY A C   
30  O O   . GLY A 29  ? 0.52088 0.62978 0.51259 -0.04944 0.07204  -0.16078 29  GLY A O   
31  N N   . ALA A 30  ? 0.55609 0.54500 0.38377 0.03298  -0.00875 0.00877  30  ALA A N   
32  C CA  . ALA A 30  ? 0.45729 0.43140 0.28261 0.03527  -0.00013 0.00611  30  ALA A CA  
33  C C   . ALA A 30  ? 0.49762 0.46904 0.33527 0.03089  0.00194  0.00281  30  ALA A C   
34  O O   . ALA A 30  ? 0.51595 0.49017 0.35965 0.02580  -0.00157 0.00170  30  ALA A O   
35  C CB  . ALA A 30  ? 0.52002 0.48189 0.33465 0.03640  0.00314  0.00576  30  ALA A CB  
36  N N   . ILE A 31  ? 0.46295 0.42919 0.30449 0.03273  0.00707  0.00146  31  ILE A N   
37  C CA  . ILE A 31  ? 0.44214 0.40571 0.29573 0.02871  0.00915  -0.00129 31  ILE A CA  
38  C C   . ILE A 31  ? 0.45321 0.40187 0.30524 0.03031  0.01731  -0.00237 31  ILE A C   
39  O O   . ILE A 31  ? 0.49251 0.43578 0.33781 0.03511  0.02079  -0.00131 31  ILE A O   
40  C CB  . ILE A 31  ? 0.46535 0.43809 0.32698 0.02887  0.00628  -0.00157 31  ILE A CB  
41  C CG1 . ILE A 31  ? 0.57545 0.56396 0.43645 0.02942  -0.00114 0.00101  31  ILE A CG1 
42  C CG2 . ILE A 31  ? 0.48819 0.46023 0.36298 0.02360  0.00677  -0.00425 31  ILE A CG2 
43  C CD1 . ILE A 31  ? 0.70663 0.69937 0.56028 0.03604  -0.00141 0.00341  31  ILE A CD1 
44  N N   . GLN A 32  ? 0.45164 0.39389 0.30983 0.02648  0.02039  -0.00399 32  GLN A N   
45  C CA  . GLN A 32  ? 0.46511 0.39429 0.32356 0.02754  0.02819  -0.00414 32  GLN A CA  
46  C C   . GLN A 32  ? 0.43893 0.36749 0.30978 0.02482  0.02944  -0.00541 32  GLN A C   
47  O O   . GLN A 32  ? 0.45850 0.39289 0.33975 0.02004  0.02651  -0.00691 32  GLN A O   
48  C CB  . GLN A 32  ? 0.50208 0.42444 0.35939 0.02571  0.03131  -0.00448 32  GLN A CB  
49  C CG  . GLN A 32  ? 0.48209 0.39167 0.33859 0.02772  0.03987  -0.00344 32  GLN A CG  
50  C CD  . GLN A 32  ? 0.51848 0.42194 0.37333 0.02681  0.04313  -0.00351 32  GLN A CD  
51  O OE1 . GLN A 32  ? 0.53304 0.44080 0.39231 0.02304  0.03958  -0.00502 32  GLN A OE1 
52  N NE2 . GLN A 32  ? 0.65114 0.54436 0.49870 0.03078  0.04989  -0.00168 32  GLN A NE2 
53  N N   . LEU A 33  ? 0.47744 0.39823 0.34716 0.02766  0.03367  -0.00470 33  LEU A N   
54  C CA  . LEU A 33  ? 0.44571 0.36463 0.32589 0.02541  0.03412  -0.00574 33  LEU A CA  
55  C C   . LEU A 33  ? 0.49397 0.40036 0.37757 0.02483  0.04118  -0.00451 33  LEU A C   
56  O O   . LEU A 33  ? 0.52142 0.42001 0.39683 0.02830  0.04607  -0.00253 33  LEU A O   
57  C CB  . LEU A 33  ? 0.47862 0.39929 0.35450 0.02953  0.03159  -0.00576 33  LEU A CB  
58  C CG  . LEU A 33  ? 0.46314 0.39700 0.33505 0.03147  0.02500  -0.00586 33  LEU A CG  
59  C CD1 . LEU A 33  ? 0.47755 0.41138 0.34521 0.03632  0.02352  -0.00579 33  LEU A CD1 
60  C CD2 . LEU A 33  ? 0.42870 0.37367 0.31086 0.02639  0.01985  -0.00732 33  LEU A CD2 
61  N N   . ASP A 34  ? 0.47993 0.38487 0.37603 0.02036  0.04167  -0.00523 34  ASP A N   
62  C CA  . ASP A 34  ? 0.52963 0.42336 0.43023 0.01982  0.04757  -0.00324 34  ASP A CA  
63  C C   . ASP A 34  ? 0.51770 0.40582 0.41543 0.02279  0.04697  -0.00296 34  ASP A C   
64  O O   . ASP A 34  ? 0.51573 0.40869 0.40762 0.02573  0.04238  -0.00444 34  ASP A O   
65  C CB  . ASP A 34  ? 0.54713 0.44082 0.46224 0.01380  0.04874  -0.00328 34  ASP A CB  
66  C CG  . ASP A 34  ? 0.55880 0.45808 0.48374 0.01010  0.04322  -0.00568 34  ASP A CG  
67  O OD1 . ASP A 34  ? 0.54538 0.44605 0.46642 0.01255  0.03927  -0.00701 34  ASP A OD1 
68  O OD2 . ASP A 34  ? 0.58459 0.48685 0.52106 0.00496  0.04294  -0.00614 34  ASP A OD2 
69  N N   . GLY A 35  ? 0.56791 0.44549 0.46979 0.02218  0.05158  -0.00067 35  GLY A N   
70  C CA  . GLY A 35  ? 0.62323 0.49316 0.52152 0.02509  0.05112  -0.00015 35  GLY A CA  
71  C C   . GLY A 35  ? 0.63205 0.50477 0.53483 0.02370  0.04484  -0.00303 35  GLY A C   
72  O O   . GLY A 35  ? 0.69106 0.55900 0.58734 0.02755  0.04291  -0.00351 35  GLY A O   
73  N N   . ASP A 36  ? 0.61250 0.49252 0.52569 0.01868  0.04161  -0.00496 36  ASP A N   
74  C CA  . ASP A 36  ? 0.60371 0.48772 0.52098 0.01755  0.03536  -0.00788 36  ASP A CA  
75  C C   . ASP A 36  ? 0.66153 0.55787 0.57218 0.02065  0.03033  -0.01007 36  ASP A C   
76  O O   . ASP A 36  ? 0.61300 0.51375 0.52542 0.02097  0.02514  -0.01230 36  ASP A O   
77  C CB  . ASP A 36  ? 0.57567 0.46218 0.50812 0.01050  0.03430  -0.00855 36  ASP A CB  
78  C CG  . ASP A 36  ? 0.86102 0.73662 0.80184 0.00698  0.03878  -0.00559 36  ASP A CG  
79  O OD1 . ASP A 36  ? 0.94136 0.80646 0.87925 0.00885  0.03922  -0.00441 36  ASP A OD1 
80  O OD2 . ASP A 36  ? 0.89910 0.77666 0.84943 0.00248  0.04181  -0.00406 36  ASP A OD2 
81  N N   . GLY A 37  ? 0.52885 0.43094 0.43192 0.02306  0.03149  -0.00914 37  GLY A N   
82  C CA  . GLY A 37  ? 0.46058 0.37553 0.35894 0.02528  0.02641  -0.01025 37  GLY A CA  
83  C C   . GLY A 37  ? 0.45101 0.37711 0.35791 0.02032  0.02348  -0.01129 37  GLY A C   
84  O O   . GLY A 37  ? 0.45101 0.38900 0.35605 0.02148  0.01855  -0.01179 37  GLY A O   
85  N N   . ASN A 38  ? 0.47259 0.39565 0.38908 0.01494  0.02631  -0.01124 38  ASN A N   
86  C CA  . ASN A 38  ? 0.44424 0.37693 0.36893 0.01014  0.02368  -0.01225 38  ASN A CA  
87  C C   . ASN A 38  ? 0.45092 0.38669 0.36871 0.01096  0.02456  -0.01115 38  ASN A C   
88  O O   . ASN A 38  ? 0.46645 0.39392 0.37710 0.01334  0.02948  -0.00953 38  ASN A O   
89  C CB  . ASN A 38  ? 0.45443 0.38255 0.39209 0.00439  0.02634  -0.01241 38  ASN A CB  
90  C CG  . ASN A 38  ? 0.54877 0.47390 0.49346 0.00300  0.02427  -0.01359 38  ASN A CG  
91  O OD1 . ASN A 38  ? 0.54605 0.47844 0.49088 0.00401  0.01888  -0.01543 38  ASN A OD1 
92  N ND2 . ASN A 38  ? 0.62914 0.54341 0.57902 0.00108  0.02833  -0.01221 38  ASN A ND2 
93  N N   . ILE A 39  ? 0.42172 0.36921 0.34141 0.00908  0.01946  -0.01189 39  ILE A N   
94  C CA  . ILE A 39  ? 0.38583 0.33675 0.29792 0.00989  0.01842  -0.01091 39  ILE A CA  
95  C C   . ILE A 39  ? 0.42681 0.37204 0.34232 0.00647  0.02218  -0.01098 39  ILE A C   
96  O O   . ILE A 39  ? 0.44321 0.39102 0.36972 0.00162  0.02153  -0.01208 39  ILE A O   
97  C CB  . ILE A 39  ? 0.40878 0.37444 0.32228 0.00885  0.01097  -0.01103 39  ILE A CB  
98  C CG1 . ILE A 39  ? 0.40345 0.37491 0.31164 0.01371  0.00790  -0.01023 39  ILE A CG1 
99  C CG2 . ILE A 39  ? 0.42478 0.39336 0.33171 0.00844  0.00885  -0.00996 39  ILE A CG2 
100 C CD1 . ILE A 39  ? 0.46404 0.45138 0.37645 0.01270  0.00077  -0.00974 39  ILE A CD1 
101 N N   . LEU A 40  ? 0.42215 0.35983 0.32760 0.00940  0.02604  -0.00968 40  LEU A N   
102 C CA  . LEU A 40  ? 0.41867 0.35017 0.32408 0.00777  0.02987  -0.00947 40  LEU A CA  
103 C C   . LEU A 40  ? 0.48701 0.42387 0.38693 0.00689  0.02503  -0.00999 40  LEU A C   
104 O O   . LEU A 40  ? 0.46662 0.40411 0.37192 0.00324  0.02439  -0.01094 40  LEU A O   
105 C CB  . LEU A 40  ? 0.44992 0.36929 0.34673 0.01211  0.03709  -0.00753 40  LEU A CB  
106 C CG  . LEU A 40  ? 0.48739 0.39980 0.39028 0.01245  0.04209  -0.00635 40  LEU A CG  
107 C CD1 . LEU A 40  ? 0.50985 0.41112 0.40444 0.01686  0.04910  -0.00378 40  LEU A CD1 
108 C CD2 . LEU A 40  ? 0.57947 0.49176 0.49690 0.00723  0.04364  -0.00665 40  LEU A CD2 
109 N N   A GLN A 41  ? 0.47490 0.41545 0.36430 0.01010  0.02132  -0.00914 41  GLN A N   
110 N N   B GLN A 41  ? 0.46397 0.40473 0.35355 0.01004  0.02122  -0.00916 41  GLN A N   
111 C CA  A GLN A 41  ? 0.45995 0.40428 0.34209 0.00969  0.01617  -0.00900 41  GLN A CA  
112 C CA  B GLN A 41  ? 0.46631 0.41165 0.34946 0.00930  0.01568  -0.00907 41  GLN A CA  
113 C C   A GLN A 41  ? 0.49585 0.44876 0.37130 0.01243  0.01086  -0.00740 41  GLN A C   
114 C C   B GLN A 41  ? 0.49616 0.44916 0.37167 0.01241  0.01081  -0.00740 41  GLN A C   
115 O O   A GLN A 41  ? 0.44397 0.39775 0.31839 0.01563  0.01239  -0.00661 41  GLN A O   
116 O O   B GLN A 41  ? 0.46317 0.41635 0.33693 0.01584  0.01264  -0.00655 41  GLN A O   
117 C CB  A GLN A 41  ? 0.46053 0.39308 0.33215 0.01217  0.02066  -0.00871 41  GLN A CB  
118 C CB  B GLN A 41  ? 0.47535 0.40952 0.34888 0.01113  0.01959  -0.00898 41  GLN A CB  
119 C CG  A GLN A 41  ? 0.45335 0.37902 0.33140 0.00970  0.02532  -0.00974 41  GLN A CG  
120 C CG  B GLN A 41  ? 0.59574 0.52341 0.45486 0.01685  0.02224  -0.00736 41  GLN A CG  
121 C CD  A GLN A 41  ? 0.52888 0.44300 0.39615 0.01293  0.02999  -0.00934 41  GLN A CD  
122 C CD  B GLN A 41  ? 0.56200 0.47724 0.41261 0.01926  0.02772  -0.00730 41  GLN A CD  
123 O OE1 A GLN A 41  ? 0.41809 0.32909 0.28657 0.01109  0.03017  -0.01037 41  GLN A OE1 
124 O OE1 B GLN A 41  ? 0.82030 0.73222 0.67472 0.01681  0.02877  -0.00847 41  GLN A OE1 
125 N NE2 A GLN A 41  ? 0.51445 0.42182 0.37089 0.01816  0.03407  -0.00779 41  GLN A NE2 
126 N NE2 B GLN A 41  ? 0.59223 0.50052 0.43112 0.02450  0.03149  -0.00580 41  GLN A NE2 
127 N N   . TYR A 42  ? 0.43488 0.39410 0.30577 0.01126  0.00434  -0.00662 42  TYR A N   
128 C CA  . TYR A 42  ? 0.50358 0.47186 0.36828 0.01392  -0.00077 -0.00416 42  TYR A CA  
129 C C   . TYR A 42  ? 0.54234 0.51321 0.39952 0.01274  -0.00699 -0.00285 42  TYR A C   
130 O O   . TYR A 42  ? 0.51743 0.48549 0.37629 0.00901  -0.00906 -0.00423 42  TYR A O   
131 C CB  . TYR A 42  ? 0.45815 0.44043 0.33263 0.01260  -0.00537 -0.00346 42  TYR A CB  
132 C CG  . TYR A 42  ? 0.45655 0.44693 0.34275 0.00663  -0.01024 -0.00447 42  TYR A CG  
133 C CD1 . TYR A 42  ? 0.49598 0.49638 0.38231 0.00394  -0.01818 -0.00259 42  TYR A CD1 
134 C CD2 . TYR A 42  ? 0.44337 0.43156 0.34073 0.00357  -0.00719 -0.00690 42  TYR A CD2 
135 C CE1 . TYR A 42  ? 0.48239 0.49030 0.37979 -0.00162 -0.02280 -0.00329 42  TYR A CE1 
136 C CE2 . TYR A 42  ? 0.42754 0.42335 0.33581 -0.00181 -0.01151 -0.00776 42  TYR A CE2 
137 C CZ  . TYR A 42  ? 0.46382 0.46942 0.37196 -0.00426 -0.01920 -0.00600 42  TYR A CZ  
138 O OH  . TYR A 42  ? 0.46880 0.48174 0.38835 -0.00969 -0.02333 -0.00676 42  TYR A OH  
139 N N   . ASN A 43  ? 0.51500 0.49099 0.36363 0.01609  -0.01017 0.00003  43  ASN A N   
140 C CA  . ASN A 43  ? 0.57799 0.55911 0.41985 0.01497  -0.01773 0.00239  43  ASN A CA  
141 C C   . ASN A 43  ? 0.84459 0.84290 0.69118 0.01486  -0.02432 0.00600  43  ASN A C   
142 O O   . ASN A 43  ? 0.67418 0.67680 0.52056 0.01904  -0.02182 0.00738  43  ASN A O   
143 C CB  . ASN A 43  ? 0.56580 0.53785 0.39216 0.01961  -0.01551 0.00357  43  ASN A CB  
144 C CG  . ASN A 43  ? 0.63357 0.58890 0.45379 0.02089  -0.00858 0.00070  43  ASN A CG  
145 O OD1 . ASN A 43  ? 0.72983 0.68047 0.55534 0.01748  -0.00776 -0.00181 43  ASN A OD1 
146 N ND2 . ASN A 43  ? 0.60917 0.55569 0.41804 0.02621  -0.00334 0.00141  43  ASN A ND2 
147 N N   . ALA A 44  ? 0.73367 0.74165 0.58412 0.01044  -0.03282 0.00790  44  ALA A N   
148 C CA  . ALA A 44  ? 0.79737 0.82325 0.65313 0.01022  -0.03949 0.01235  44  ALA A CA  
149 C C   . ALA A 44  ? 0.88107 0.91247 0.73013 0.00888  -0.04770 0.01658  44  ALA A C   
150 O O   . ALA A 44  ? 0.95465 0.97916 0.80023 0.00519  -0.05130 0.01542  44  ALA A O   
151 C CB  . ALA A 44  ? 0.82101 0.85698 0.69161 0.00552  -0.04275 0.01171  44  ALA A CB  
152 N N   . ASP A 48  ? 1.06474 1.00004 1.14032 -0.00207 -0.14373 -0.06298 48  ASP A N   
153 C CA  . ASP A 48  ? 1.07699 1.05541 1.16163 -0.02996 -0.14765 -0.04915 48  ASP A CA  
154 C C   . ASP A 48  ? 1.06128 1.04620 1.13556 -0.04624 -0.14145 -0.03511 48  ASP A C   
155 O O   . ASP A 48  ? 1.03628 1.01305 1.10669 -0.04909 -0.15026 -0.01336 48  ASP A O   
156 C CB  . ASP A 48  ? 1.11063 1.13453 1.20836 -0.04724 -0.14125 -0.06582 48  ASP A CB  
157 N N   . ILE A 49  ? 1.02930 1.02858 1.09875 -0.05644 -0.12628 -0.04805 49  ILE A N   
158 C CA  . ILE A 49  ? 0.83943 0.85402 0.90085 -0.07601 -0.11847 -0.03766 49  ILE A CA  
159 C C   . ILE A 49  ? 0.91785 0.89564 0.96229 -0.06133 -0.10876 -0.04288 49  ILE A C   
160 O O   . ILE A 49  ? 0.83279 0.79709 0.87398 -0.04918 -0.09992 -0.06348 49  ILE A O   
161 C CB  . ILE A 49  ? 0.83573 0.90086 0.90560 -0.10258 -0.10847 -0.04798 49  ILE A CB  
162 C CG1 . ILE A 49  ? 0.83380 0.93801 0.91926 -0.12098 -0.11840 -0.03852 49  ILE A CG1 
163 C CG2 . ILE A 49  ? 0.75453 0.83029 0.81411 -0.11912 -0.09726 -0.04278 49  ILE A CG2 
164 C CD1 . ILE A 49  ? 0.70179 0.82781 0.80119 -0.12029 -0.11840 -0.05741 49  ILE A CD1 
165 N N   . THR A 50  ? 0.73055 0.69207 0.76377 -0.06237 -0.11051 -0.02435 50  THR A N   
166 C CA  . THR A 50  ? 0.64479 0.57722 0.66142 -0.05319 -0.10024 -0.02773 50  THR A CA  
167 C C   . THR A 50  ? 0.55010 0.50084 0.55941 -0.07439 -0.09471 -0.01330 50  THR A C   
168 O O   . THR A 50  ? 0.60610 0.56969 0.61785 -0.08548 -0.10359 0.00716  50  THR A O   
169 C CB  . THR A 50  ? 0.69815 0.57731 0.70418 -0.02388 -0.10677 -0.02273 50  THR A CB  
170 O OG1 . THR A 50  ? 0.71470 0.58545 0.71948 -0.02319 -0.11955 0.00142  50  THR A OG1 
171 C CG2 . THR A 50  ? 0.62021 0.47900 0.63253 -0.00153 -0.11158 -0.03790 50  THR A CG2 
172 N N   . GLY A 51  ? 0.46229 0.41410 0.46230 -0.07992 -0.07997 -0.02453 51  GLY A N   
173 C CA  . GLY A 51  ? 0.45796 0.41899 0.44792 -0.09589 -0.07317 -0.01270 51  GLY A CA  
174 C C   . GLY A 51  ? 0.54747 0.46291 0.52034 -0.07658 -0.07115 -0.00845 51  GLY A C   
175 O O   . GLY A 51  ? 0.47728 0.36496 0.44289 -0.05987 -0.06433 -0.02451 51  GLY A O   
176 N N   A ARG A 52  ? 0.45414 0.36256 0.42029 -0.07923 -0.07719 0.01337  52  ARG A N   
177 N N   B ARG A 52  ? 0.45308 0.36061 0.41934 -0.07851 -0.07751 0.01330  52  ARG A N   
178 C CA  A ARG A 52  ? 0.47964 0.34657 0.42972 -0.06163 -0.07674 0.02039  52  ARG A CA  
179 C CA  B ARG A 52  ? 0.46098 0.32801 0.41082 -0.06179 -0.07607 0.01955  52  ARG A CA  
180 C C   A ARG A 52  ? 0.51993 0.40054 0.46104 -0.07905 -0.07265 0.03655  52  ARG A C   
181 C C   B ARG A 52  ? 0.51645 0.39778 0.45763 -0.07948 -0.07219 0.03591  52  ARG A C   
182 O O   A ARG A 52  ? 0.53772 0.45013 0.48560 -0.09825 -0.07756 0.05053  52  ARG A O   
183 O O   B ARG A 52  ? 0.54374 0.45796 0.49200 -0.09919 -0.07676 0.04926  52  ARG A O   
184 C CB  A ARG A 52  ? 0.47249 0.30784 0.42324 -0.03969 -0.09246 0.03300  52  ARG A CB  
185 C CB  B ARG A 52  ? 0.49704 0.32834 0.44618 -0.03766 -0.09080 0.03058  52  ARG A CB  
186 C CG  A ARG A 52  ? 0.49624 0.30960 0.45351 -0.01777 -0.09710 0.01786  52  ARG A CG  
187 C CG  B ARG A 52  ? 0.45646 0.30579 0.41576 -0.04559 -0.10556 0.04975  52  ARG A CG  
188 C CD  A ARG A 52  ? 0.58103 0.35962 0.52645 0.00074  -0.08715 0.00108  52  ARG A CD  
189 C CD  B ARG A 52  ? 0.61206 0.43261 0.57642 -0.02181 -0.11970 0.05198  52  ARG A CD  
190 N NE  A ARG A 52  ? 0.56541 0.32117 0.51610 0.02294  -0.09135 -0.01373 52  ARG A NE  
191 N NE  B ARG A 52  ? 0.71897 0.55201 0.69093 -0.02805 -0.13461 0.07189  52  ARG A NE  
192 C CZ  A ARG A 52  ? 0.61598 0.38708 0.57498 0.02078  -0.08547 -0.03437 52  ARG A CZ  
193 C CZ  B ARG A 52  ? 0.72621 0.59041 0.71323 -0.04103 -0.14093 0.07200  52  ARG A CZ  
194 N NH1 A ARG A 52  ? 0.48677 0.29568 0.44980 -0.00241 -0.07529 -0.04247 52  ARG A NH1 
195 N NH1 B ARG A 52  ? 0.67478 0.54689 0.66693 -0.04604 -0.15484 0.09108  52  ARG A NH1 
196 N NH2 A ARG A 52  ? 0.59482 0.34402 0.55803 0.04197  -0.08972 -0.04722 52  ARG A NH2 
197 N NH2 B ARG A 52  ? 0.48516 0.37310 0.48176 -0.04935 -0.13342 0.05310  52  ARG A NH2 
198 N N   . ASP A 53  ? 0.50077 0.35662 0.42620 -0.07201 -0.06398 0.03501  53  ASP A N   
199 C CA  . ASP A 53  ? 0.50813 0.37590 0.42367 -0.08795 -0.05845 0.04845  53  ASP A CA  
200 C C   . ASP A 53  ? 0.54055 0.36527 0.43893 -0.06879 -0.05652 0.05233  53  ASP A C   
201 O O   . ASP A 53  ? 0.55016 0.36554 0.43732 -0.06969 -0.04382 0.04238  53  ASP A O   
202 C CB  . ASP A 53  ? 0.50070 0.40255 0.41707 -0.11119 -0.04357 0.03595  53  ASP A CB  
203 C CG  . ASP A 53  ? 0.48469 0.40409 0.39236 -0.13011 -0.03764 0.04935  53  ASP A CG  
204 O OD1 . ASP A 53  ? 0.52150 0.43366 0.42450 -0.12842 -0.04611 0.06995  53  ASP A OD1 
205 O OD2 . ASP A 53  ? 0.49286 0.43393 0.39829 -0.14674 -0.02443 0.03883  53  ASP A OD2 
206 N N   . PRO A 54  ? 0.56223 0.35895 0.45812 -0.05043 -0.06932 0.06640  54  PRO A N   
207 C CA  . PRO A 54  ? 0.61417 0.36776 0.49417 -0.02970 -0.06816 0.06909  54  PRO A CA  
208 C C   . PRO A 54  ? 0.70444 0.46220 0.57057 -0.04163 -0.05931 0.07790  54  PRO A C   
209 O O   . PRO A 54  ? 0.72596 0.45508 0.57824 -0.03026 -0.05179 0.07214  54  PRO A O   
210 C CB  . PRO A 54  ? 0.68644 0.41771 0.56880 -0.01163 -0.08510 0.08493  54  PRO A CB  
211 C CG  . PRO A 54  ? 0.73604 0.50268 0.63274 -0.02815 -0.09422 0.09521  54  PRO A CG  
212 C CD  . PRO A 54  ? 0.59356 0.39475 0.50097 -0.04629 -0.08549 0.07893  54  PRO A CD  
213 N N   . LYS A 55  ? 0.64391 0.43709 0.51315 -0.06466 -0.05967 0.09123  55  LYS A N   
214 C CA  . LYS A 55  ? 0.64140 0.44268 0.49814 -0.07794 -0.05098 0.09958  55  LYS A CA  
215 C C   . LYS A 55  ? 0.79062 0.61530 0.64562 -0.09687 -0.03441 0.08379  55  LYS A C   
216 O O   . LYS A 55  ? 0.63656 0.46548 0.48005 -0.10712 -0.02543 0.08788  55  LYS A O   
217 C CB  . LYS A 55  ? 0.66060 0.48638 0.52013 -0.09220 -0.05981 0.12251  55  LYS A CB  
218 C CG  . LYS A 55  ? 0.85747 0.65356 0.71245 -0.07213 -0.07413 0.13977  55  LYS A CG  
219 C CD  . LYS A 55  ? 0.92115 0.74999 0.79317 -0.07785 -0.08350 0.14939  55  LYS A CD  
220 C CE  . LYS A 55  ? 0.97498 0.80078 0.85863 -0.05068 -0.08383 0.14455  55  LYS A CE  
221 N N   . GLN A 56  ? 0.55048 0.38939 0.41613 -0.10093 -0.03023 0.06554  56  GLN A N   
222 C CA  . GLN A 56  ? 0.54495 0.40762 0.41029 -0.11869 -0.01511 0.04914  56  GLN A CA  
223 C C   . GLN A 56  ? 0.55742 0.46044 0.42309 -0.14688 -0.01007 0.05998  56  GLN A C   
224 O O   . GLN A 56  ? 0.61518 0.52291 0.47024 -0.15760 0.00195  0.05696  56  GLN A O   
225 C CB  . GLN A 56  ? 0.69496 0.52579 0.54533 -0.10689 -0.00365 0.03503  56  GLN A CB  
226 C CG  . GLN A 56  ? 0.64199 0.44479 0.49456 -0.08563 -0.00401 0.01624  56  GLN A CG  
227 C CD  . GLN A 56  ? 0.70147 0.47488 0.53859 -0.07630 0.00787  0.00220  56  GLN A CD  
228 O OE1 . GLN A 56  ? 0.84897 0.58179 0.67580 -0.05457 0.00492  0.00400  56  GLN A OE1 
229 N NE2 . GLN A 56  ? 0.75513 0.54896 0.59013 -0.09306 0.02131  -0.01159 56  GLN A NE2 
230 N N   . VAL A 57  ? 0.45204 0.37706 0.49918 -0.03578 0.01720  0.03028  57  VAL A N   
231 C CA  . VAL A 57  ? 0.42083 0.36030 0.48017 -0.03655 0.00642  0.02441  57  VAL A CA  
232 C C   . VAL A 57  ? 0.41853 0.36985 0.45703 -0.03514 -0.00533 0.01586  57  VAL A C   
233 O O   . VAL A 57  ? 0.41835 0.38178 0.46486 -0.03669 -0.01610 0.01011  57  VAL A O   
234 C CB  . VAL A 57  ? 0.38345 0.32519 0.45068 -0.03725 0.01225  0.03311  57  VAL A CB  
235 C CG1 . VAL A 57  ? 0.43716 0.36891 0.53042 -0.03923 0.02322  0.04003  57  VAL A CG1 
236 C CG2 . VAL A 57  ? 0.42453 0.36250 0.46135 -0.03586 0.01987  0.04003  57  VAL A CG2 
237 N N   . ILE A 58  ? 0.41053 0.35961 0.42223 -0.03285 -0.00385 0.01536  58  ILE A N   
238 C CA  . ILE A 58  ? 0.41786 0.37840 0.40992 -0.03188 -0.01419 0.00707  58  ILE A CA  
239 C C   . ILE A 58  ? 0.39496 0.36074 0.40035 -0.03300 -0.02517 -0.00570 58  ILE A C   
240 O O   . ILE A 58  ? 0.43251 0.39054 0.45092 -0.03263 -0.02330 -0.00890 58  ILE A O   
241 C CB  . ILE A 58  ? 0.41117 0.36947 0.37309 -0.02957 -0.00981 0.00989  58  ILE A CB  
242 C CG1 . ILE A 58  ? 0.44656 0.40080 0.39092 -0.03058 -0.00033 0.02123  58  ILE A CG1 
243 C CG2 . ILE A 58  ? 0.43684 0.40662 0.38102 -0.02859 -0.02023 -0.00035 58  ILE A CG2 
244 C CD1 . ILE A 58  ? 0.47422 0.42617 0.38687 -0.03015 0.00467  0.02590  58  ILE A CD1 
245 N N   . GLY A 59  ? 0.39805 0.37580 0.39940 -0.03506 -0.03636 -0.01298 59  GLY A N   
246 C CA  . GLY A 59  ? 0.42761 0.40999 0.43958 -0.03825 -0.04705 -0.02540 59  GLY A CA  
247 C C   . GLY A 59  ? 0.43353 0.41891 0.47469 -0.04307 -0.05180 -0.02557 59  GLY A C   
248 O O   . GLY A 59  ? 0.50120 0.49273 0.54888 -0.04791 -0.06264 -0.03545 59  GLY A O   
249 N N   . LYS A 60  ? 0.41179 0.39307 0.47051 -0.04267 -0.04375 -0.01486 60  LYS A N   
250 C CA  . LYS A 60  ? 0.38166 0.36800 0.47036 -0.04728 -0.04816 -0.01389 60  LYS A CA  
251 C C   . LYS A 60  ? 0.38219 0.38274 0.47125 -0.04873 -0.05594 -0.01025 60  LYS A C   
252 O O   . LYS A 60  ? 0.41165 0.41452 0.47937 -0.04541 -0.05388 -0.00576 60  LYS A O   
253 C CB  . LYS A 60  ? 0.37832 0.35459 0.48790 -0.04636 -0.03547 -0.00383 60  LYS A CB  
254 C CG  . LYS A 60  ? 0.43697 0.39821 0.54818 -0.04522 -0.02772 -0.00589 60  LYS A CG  
255 C CD  . LYS A 60  ? 0.57754 0.52881 0.71104 -0.04598 -0.01621 0.00314  60  LYS A CD  
256 C CE  . LYS A 60  ? 0.66235 0.59794 0.79674 -0.04508 -0.00915 0.00160  60  LYS A CE  
257 N NZ  . LYS A 60  ? 0.83172 0.76749 0.95517 -0.04450 -0.01712 -0.01021 60  LYS A NZ  
258 N N   . ASN A 61  ? 0.39229 0.40243 0.50608 -0.05409 -0.06503 -0.01156 61  ASN A N   
259 C CA  . ASN A 61  ? 0.36884 0.39376 0.48617 -0.05559 -0.07385 -0.00709 61  ASN A CA  
260 C C   . ASN A 61  ? 0.35491 0.37952 0.49021 -0.05196 -0.06335 0.00741  61  ASN A C   
261 O O   . ASN A 61  ? 0.38108 0.40214 0.54373 -0.05306 -0.05700 0.01193  61  ASN A O   
262 C CB  . ASN A 61  ? 0.39697 0.43444 0.53188 -0.06389 -0.08973 -0.01376 61  ASN A CB  
263 C CG  . ASN A 61  ? 0.42398 0.47727 0.55715 -0.06554 -0.10096 -0.00958 61  ASN A CG  
264 O OD1 . ASN A 61  ? 0.40752 0.46896 0.56333 -0.06465 -0.10029 0.00150  61  ASN A OD1 
265 N ND2 . ASN A 61  ? 0.47128 0.52869 0.57721 -0.06758 -0.11070 -0.01785 61  ASN A ND2 
266 N N   . PHE A 62  ? 0.35753 0.38454 0.47652 -0.04777 -0.06034 0.01443  62  PHE A N   
267 C CA  . PHE A 62  ? 0.34365 0.36736 0.47638 -0.04381 -0.04758 0.02807  62  PHE A CA  
268 C C   . PHE A 62  ? 0.38761 0.42395 0.55896 -0.04643 -0.05296 0.03394  62  PHE A C   
269 O O   . PHE A 62  ? 0.35691 0.38851 0.55318 -0.04531 -0.04168 0.04192  62  PHE A O   
270 C CB  . PHE A 62  ? 0.36627 0.39013 0.47297 -0.03961 -0.04438 0.03360  62  PHE A CB  
271 C CG  . PHE A 62  ? 0.35291 0.37317 0.47286 -0.03565 -0.03115 0.04740  62  PHE A CG  
272 C CD1 . PHE A 62  ? 0.38319 0.38668 0.50029 -0.03343 -0.01253 0.05355  62  PHE A CD1 
273 C CD2 . PHE A 62  ? 0.40206 0.43521 0.53757 -0.03453 -0.03714 0.05443  62  PHE A CD2 
274 C CE1 . PHE A 62  ? 0.40533 0.40349 0.53379 -0.03026 0.00147  0.06570  62  PHE A CE1 
275 C CE2 . PHE A 62  ? 0.42361 0.45252 0.57303 -0.03013 -0.02331 0.06743  62  PHE A CE2 
276 C CZ  . PHE A 62  ? 0.42481 0.43536 0.56993 -0.02812 -0.00326 0.07248  62  PHE A CZ  
277 N N   . PHE A 63  ? 0.34951 0.40237 0.52663 -0.05071 -0.07043 0.03017  63  PHE A N   
278 C CA  . PHE A 63  ? 0.34825 0.41662 0.56164 -0.05334 -0.07740 0.03774  63  PHE A CA  
279 C C   . PHE A 63  ? 0.39069 0.46111 0.63371 -0.05968 -0.08045 0.03382  63  PHE A C   
280 O O   . PHE A 63  ? 0.40134 0.47810 0.67896 -0.06011 -0.07688 0.04270  63  PHE A O   
281 C CB  . PHE A 63  ? 0.36268 0.44817 0.56919 -0.05679 -0.09605 0.03605  63  PHE A CB  
282 C CG  . PHE A 63  ? 0.40689 0.49039 0.58485 -0.05091 -0.09323 0.04037  63  PHE A CG  
283 C CD1 . PHE A 63  ? 0.43050 0.50952 0.57000 -0.05169 -0.09822 0.03023  63  PHE A CD1 
284 C CD2 . PHE A 63  ? 0.45556 0.54056 0.64491 -0.04462 -0.08427 0.05448  63  PHE A CD2 
285 C CE1 . PHE A 63  ? 0.39179 0.46846 0.50362 -0.04703 -0.09528 0.03393  63  PHE A CE1 
286 C CE2 . PHE A 63  ? 0.39910 0.48013 0.56031 -0.03964 -0.08057 0.05827  63  PHE A CE2 
287 C CZ  . PHE A 63  ? 0.38112 0.45831 0.50283 -0.04120 -0.08660 0.04788  63  PHE A CZ  
288 N N   . LYS A 64  ? 0.39056 0.45515 0.62115 -0.06466 -0.08604 0.02072  64  LYS A N   
289 C CA  . LYS A 64  ? 0.41628 0.48302 0.67225 -0.07230 -0.09103 0.01552  64  LYS A CA  
290 C C   . LYS A 64  ? 0.42724 0.47592 0.68887 -0.07048 -0.07576 0.01445  64  LYS A C   
291 O O   . LYS A 64  ? 0.45312 0.50288 0.74338 -0.07541 -0.07509 0.01494  64  LYS A O   
292 C CB  . LYS A 64  ? 0.45332 0.52444 0.69410 -0.08058 -0.10734 0.00129  64  LYS A CB  
293 C CG  . LYS A 64  ? 0.57339 0.66298 0.81026 -0.08466 -0.12427 0.00246  64  LYS A CG  
294 C CD  . LYS A 64  ? 0.64137 0.73015 0.84999 -0.09130 -0.13669 -0.01245 64  LYS A CD  
295 N N   . ASP A 65  ? 0.45386 0.48646 0.68937 -0.06412 -0.06372 0.01378  65  ASP A N   
296 C CA  . ASP A 65  ? 0.44428 0.45870 0.68113 -0.06254 -0.04989 0.01315  65  ASP A CA  
297 C C   . ASP A 65  ? 0.53894 0.54338 0.77788 -0.05654 -0.03204 0.02546  65  ASP A C   
298 O O   . ASP A 65  ? 0.53169 0.52890 0.79286 -0.05752 -0.02179 0.03043  65  ASP A O   
299 C CB  . ASP A 65  ? 0.47795 0.48033 0.68297 -0.06073 -0.04944 0.00320  65  ASP A CB  
300 C CG  . ASP A 65  ? 0.58001 0.58850 0.77840 -0.06672 -0.06462 -0.01036 65  ASP A CG  
301 O OD1 . ASP A 65  ? 0.62891 0.64349 0.85042 -0.07413 -0.07232 -0.01407 65  ASP A OD1 
302 O OD2 . ASP A 65  ? 0.54255 0.54892 0.71192 -0.06467 -0.06807 -0.01754 65  ASP A OD2 
303 N N   . VAL A 66  ? 0.41430 0.41684 0.62846 -0.05115 -0.02745 0.03008  66  VAL A N   
304 C CA  . VAL A 66  ? 0.40897 0.39717 0.61486 -0.04653 -0.00904 0.03980  66  VAL A CA  
305 C C   . VAL A 66  ? 0.48780 0.48130 0.71851 -0.04493 -0.00148 0.05172  66  VAL A C   
306 O O   . VAL A 66  ? 0.49353 0.47559 0.73699 -0.04430 0.01415  0.05903  66  VAL A O   
307 C CB  . VAL A 66  ? 0.41250 0.39505 0.57824 -0.04262 -0.00685 0.03893  66  VAL A CB  
308 C CG1 . VAL A 66  ? 0.50307 0.47053 0.65705 -0.03963 0.01181  0.04909  66  VAL A CG1 
309 C CG2 . VAL A 66  ? 0.42810 0.40514 0.57426 -0.04355 -0.01225 0.02818  66  VAL A CG2 
310 N N   . ALA A 67  ? 0.36351 0.37379 0.60155 -0.04424 -0.01175 0.05435  67  ALA A N   
311 C CA  . ALA A 67  ? 0.40692 0.42396 0.67015 -0.04152 -0.00503 0.06661  67  ALA A CA  
312 C C   . ALA A 67  ? 0.39131 0.43103 0.68614 -0.04527 -0.02181 0.06676  67  ALA A C   
313 O O   . ALA A 67  ? 0.33753 0.39128 0.63217 -0.04371 -0.03145 0.07042  67  ALA A O   
314 C CB  . ALA A 67  ? 0.42772 0.44132 0.66585 -0.03589 0.00139  0.07301  67  ALA A CB  
315 N N   . PRO A 68  ? 0.34160 0.38529 0.66420 -0.05091 -0.02562 0.06355  68  PRO A N   
316 C CA  . PRO A 68  ? 0.30782 0.37368 0.65727 -0.05697 -0.04403 0.06221  68  PRO A CA  
317 C C   . PRO A 68  ? 0.33667 0.41982 0.71535 -0.05419 -0.04547 0.07554  68  PRO A C   
318 O O   . PRO A 68  ? 0.38137 0.48523 0.77549 -0.05883 -0.06338 0.07586  68  PRO A O   
319 C CB  . PRO A 68  ? 0.35628 0.41871 0.72949 -0.06351 -0.04270 0.05756  68  PRO A CB  
320 C CG  . PRO A 68  ? 0.39865 0.43720 0.74998 -0.06108 -0.02794 0.05334  68  PRO A CG  
321 C CD  . PRO A 68  ? 0.42051 0.44782 0.74761 -0.05314 -0.01433 0.06019  68  PRO A CD  
322 N N   . GLY A 69  ? 0.32874 0.40393 0.71590 -0.04718 -0.02710 0.08695  69  GLY A N   
323 C CA  . GLY A 69  ? 0.34291 0.43385 0.75765 -0.04300 -0.02723 0.10044  69  GLY A CA  
324 C C   . GLY A 69  ? 0.32851 0.42946 0.72294 -0.04003 -0.03932 0.10212  69  GLY A C   
325 O O   . GLY A 69  ? 0.36683 0.48564 0.78607 -0.03794 -0.04583 0.11253  69  GLY A O   
326 N N   . THR A 70  ? 0.36188 0.45226 0.71285 -0.03989 -0.04259 0.09259  70  THR A N   
327 C CA  . THR A 70  ? 0.33439 0.43191 0.66051 -0.03784 -0.05372 0.09253  70  THR A CA  
328 C C   . THR A 70  ? 0.39660 0.51199 0.72174 -0.04596 -0.07877 0.08414  70  THR A C   
329 O O   . THR A 70  ? 0.35313 0.47618 0.65881 -0.04575 -0.09044 0.08366  70  THR A O   
330 C CB  . THR A 70  ? 0.30527 0.38281 0.58425 -0.03429 -0.04400 0.08665  70  THR A CB  
331 O OG1 . THR A 70  ? 0.31562 0.38622 0.57283 -0.03950 -0.04996 0.07239  70  THR A OG1 
332 C CG2 . THR A 70  ? 0.39196 0.44960 0.66934 -0.02867 -0.01874 0.09420  70  THR A CG2 
333 N N   . ASP A 71  ? 0.33987 0.46070 0.68376 -0.05394 -0.08675 0.07727  71  ASP A N   
334 C CA  . ASP A 71  ? 0.38192 0.51723 0.72329 -0.06379 -0.10952 0.06806  71  ASP A CA  
335 C C   . ASP A 71  ? 0.42357 0.58391 0.80196 -0.06693 -0.12271 0.07935  71  ASP A C   
336 O O   . ASP A 71  ? 0.40150 0.57357 0.81291 -0.07392 -0.12906 0.08058  71  ASP A O   
337 C CB  . ASP A 71  ? 0.39220 0.52000 0.73538 -0.07152 -0.11087 0.05564  71  ASP A CB  
338 C CG  . ASP A 71  ? 0.58446 0.72258 0.91781 -0.08272 -0.13237 0.04394  71  ASP A CG  
339 O OD1 . ASP A 71  ? 0.65400 0.80426 0.97513 -0.08470 -0.14651 0.04476  71  ASP A OD1 
340 O OD2 . ASP A 71  ? 0.64497 0.77778 0.98187 -0.09015 -0.13458 0.03383  71  ASP A OD2 
341 N N   . SER A 72  ? 0.36831 0.53731 0.74110 -0.06188 -0.12712 0.08833  72  SER A N   
342 C CA  . SER A 72  ? 0.41270 0.60624 0.82022 -0.06327 -0.13957 0.10163  72  SER A CA  
343 C C   . SER A 72  ? 0.35625 0.55528 0.74041 -0.05975 -0.14861 0.10592  72  SER A C   
344 O O   . SER A 72  ? 0.37639 0.55852 0.72269 -0.05413 -0.13974 0.10109  72  SER A O   
345 C CB  . SER A 72  ? 0.50125 0.69709 0.94989 -0.05542 -0.12276 0.11710  72  SER A CB  
346 O OG  . SER A 72  ? 0.68768 0.86724 1.12009 -0.04371 -0.10342 0.12352  72  SER A OG  
347 N N   . PRO A 73  ? 0.40582 0.62842 0.81063 -0.06370 -0.16691 0.11506  73  PRO A N   
348 C CA  . PRO A 73  ? 0.37316 0.60077 0.75489 -0.06094 -0.17666 0.11952  73  PRO A CA  
349 C C   . PRO A 73  ? 0.38032 0.59433 0.75188 -0.04684 -0.15716 0.12932  73  PRO A C   
350 O O   . PRO A 73  ? 0.46226 0.67032 0.79926 -0.04416 -0.15986 0.12767  73  PRO A O   
351 C CB  . PRO A 73  ? 0.36968 0.62660 0.78689 -0.06703 -0.19754 0.13167  73  PRO A CB  
352 C CG  . PRO A 73  ? 0.46108 0.72788 0.90695 -0.07757 -0.20426 0.12713  73  PRO A CG  
353 C CD  . PRO A 73  ? 0.45351 0.69950 0.90058 -0.07274 -0.18154 0.12063  73  PRO A CD  
354 N N   . GLU A 74  ? 0.47060 0.67784 0.86935 -0.03852 -0.13658 0.13882  74  GLU A N   
355 C CA  . GLU A 74  ? 0.51273 0.70579 0.90403 -0.02603 -0.11628 0.14888  74  GLU A CA  
356 C C   . GLU A 74  ? 0.52089 0.68639 0.86472 -0.02309 -0.10058 0.13761  74  GLU A C   
357 O O   . GLU A 74  ? 0.49012 0.64152 0.81864 -0.01449 -0.08450 0.14410  74  GLU A O   
358 C CB  . GLU A 74  ? 0.55248 0.74652 0.98912 -0.01927 -0.09834 0.16229  74  GLU A CB  
359 C CG  B GLU A 74  ? 0.31369 0.53674 0.80212 -0.02006 -0.11145 0.17733  74  GLU A CG  
360 C CD  B GLU A 74  ? 0.40237 0.64189 0.91934 -0.03136 -0.12523 0.17214  74  GLU A CD  
361 O OE1 B GLU A 74  ? 0.34231 0.57013 0.83786 -0.03851 -0.12544 0.15623  74  GLU A OE1 
362 O OE2 B GLU A 74  ? 0.36551 0.62987 0.92712 -0.03324 -0.13569 0.18452  74  GLU A OE2 
363 N N   . PHE A 75  ? 0.43248 0.58985 0.75294 -0.03020 -0.10446 0.12149  75  PHE A N   
364 C CA  . PHE A 75  ? 0.40211 0.53520 0.68140 -0.02768 -0.08968 0.11195  75  PHE A CA  
365 C C   . PHE A 75  ? 0.41880 0.55181 0.66371 -0.03562 -0.10527 0.09546  75  PHE A C   
366 O O   . PHE A 75  ? 0.40856 0.53892 0.61901 -0.03515 -0.11066 0.09180  75  PHE A O   
367 C CB  . PHE A 75  ? 0.40630 0.52525 0.70068 -0.02616 -0.07045 0.11153  75  PHE A CB  
368 C CG  . PHE A 75  ? 0.43268 0.52633 0.69247 -0.02176 -0.05037 0.10821  75  PHE A CG  
369 C CD1 . PHE A 75  ? 0.38575 0.46486 0.65861 -0.01678 -0.02745 0.11611  75  PHE A CD1 
370 C CD2 . PHE A 75  ? 0.39669 0.48113 0.61117 -0.02363 -0.05418 0.09713  75  PHE A CD2 
371 C CE1 . PHE A 75  ? 0.38690 0.44255 0.62679 -0.01458 -0.00947 0.11346  75  PHE A CE1 
372 C CE2 . PHE A 75  ? 0.39324 0.45586 0.57653 -0.02066 -0.03636 0.09501  75  PHE A CE2 
373 C CZ  . PHE A 75  ? 0.41673 0.46482 0.61206 -0.01660 -0.01439 0.10332  75  PHE A CZ  
374 N N   . TYR A 76  ? 0.34590 0.59839 0.57874 -0.03171 -0.12922 0.06184  76  TYR A N   
375 C CA  . TYR A 76  ? 0.42582 0.67429 0.61874 -0.06295 -0.11311 0.05695  76  TYR A CA  
376 C C   . TYR A 76  ? 0.44416 0.71026 0.59477 -0.06380 -0.13215 0.08432  76  TYR A C   
377 O O   . TYR A 76  ? 0.43995 0.67446 0.55460 -0.07743 -0.12343 0.09901  76  TYR A O   
378 C CB  . TYR A 76  ? 0.39653 0.68985 0.59682 -0.08840 -0.09937 0.01900  76  TYR A CB  
379 C CG  . TYR A 76  ? 0.40798 0.69544 0.57341 -0.12229 -0.07887 0.00803  76  TYR A CG  
380 C CD1 . TYR A 76  ? 0.51095 0.74147 0.65278 -0.13024 -0.06433 0.02299  76  TYR A CD1 
381 C CD2 . TYR A 76  ? 0.54695 0.88644 0.70361 -0.14645 -0.07405 -0.01771 76  TYR A CD2 
382 C CE1 . TYR A 76  ? 0.59087 0.81629 0.70202 -0.16117 -0.04545 0.01234  76  TYR A CE1 
383 C CE2 . TYR A 76  ? 0.72981 1.06455 0.85555 -0.17754 -0.05523 -0.02843 76  TYR A CE2 
384 C CZ  . TYR A 76  ? 0.60421 0.88186 0.70747 -0.18475 -0.04099 -0.01342 76  TYR A CZ  
385 O OH  . TYR A 76  ? 0.93010 1.20318 1.00356 -0.21578 -0.02203 -0.02472 76  TYR A OH  
386 N N   . GLY A 77  ? 0.43632 0.75212 0.59078 -0.04919 -0.15851 0.09181  77  GLY A N   
387 C CA  . GLY A 77  ? 0.48839 0.82201 0.60350 -0.04861 -0.17878 0.11887  77  GLY A CA  
388 C C   . GLY A 77  ? 0.50306 0.78128 0.59982 -0.03316 -0.18525 0.15577  77  GLY A C   
389 O O   . GLY A 77  ? 0.55336 0.81892 0.60751 -0.04608 -0.18521 0.17400  77  GLY A O   
390 N N   A LYS A 78  ? 0.48492 0.72941 0.61362 -0.00556 -0.19074 0.16707  78  LYS A N   
391 N N   B LYS A 78  ? 0.48452 0.72904 0.61338 -0.00552 -0.19072 0.16700  78  LYS A N   
392 C CA  A LYS A 78  ? 0.53427 0.72376 0.64821 0.01021  -0.19650 0.20188  78  LYS A CA  
393 C CA  B LYS A 78  ? 0.53377 0.72286 0.64862 0.01053  -0.19636 0.20161  78  LYS A CA  
394 C C   A LYS A 78  ? 0.53807 0.67294 0.63092 -0.01016 -0.16874 0.20082  78  LYS A C   
395 C C   B LYS A 78  ? 0.53761 0.67274 0.63056 -0.01016 -0.16878 0.20073  78  LYS A C   
396 O O   A LYS A 78  ? 0.59749 0.69790 0.65741 -0.01110 -0.17071 0.22803  78  LYS A O   
397 O O   B LYS A 78  ? 0.59867 0.69953 0.65867 -0.01100 -0.17091 0.22803  78  LYS A O   
398 C CB  A LYS A 78  ? 0.58693 0.75396 0.74276 0.04409  -0.20772 0.21168  78  LYS A CB  
399 C CB  B LYS A 78  ? 0.57752 0.74243 0.73541 0.04338  -0.20559 0.20960  78  LYS A CB  
400 C CG  A LYS A 78  ? 0.61092 0.82540 0.78450 0.06804  -0.23886 0.22037  78  LYS A CG  
401 C CG  B LYS A 78  ? 0.64105 0.85234 0.82154 0.06817  -0.23527 0.21577  78  LYS A CG  
402 C CD  A LYS A 78  ? 0.68724 0.86883 0.89092 0.09813  -0.23615 0.21527  78  LYS A CD  
403 C CD  B LYS A 78  ? 0.63963 0.81667 0.85361 0.09595  -0.22998 0.20857  78  LYS A CD  
404 C CE  A LYS A 78  ? 0.69096 0.90967 0.89920 0.11917  -0.25491 0.20970  78  LYS A CE  
405 C CE  B LYS A 78  ? 0.71006 0.92366 0.93467 0.11750  -0.24560 0.19836  78  LYS A CE  
406 N NZ  A LYS A 78  ? 0.73901 0.92815 0.96243 0.14454  -0.24547 0.19733  78  LYS A NZ  
407 N NZ  B LYS A 78  ? 0.55324 0.76171 0.81150 0.12968  -0.23116 0.17074  78  LYS A NZ  
408 N N   . PHE A 79  ? 0.47387 0.60011 0.58524 -0.02692 -0.14287 0.16958  79  PHE A N   
409 C CA  . PHE A 79  ? 0.48474 0.56151 0.57763 -0.04781 -0.11579 0.16575  79  PHE A CA  
410 C C   . PHE A 79  ? 0.51932 0.61004 0.56268 -0.07457 -0.11211 0.17073  79  PHE A C   
411 O O   . PHE A 79  ? 0.55647 0.60576 0.56934 -0.07986 -0.10668 0.19207  79  PHE A O   
412 C CB  . PHE A 79  ? 0.39124 0.46520 0.51394 -0.06223 -0.09077 0.12862  79  PHE A CB  
413 C CG  . PHE A 79  ? 0.40997 0.43737 0.51632 -0.08589 -0.06197 0.12021  79  PHE A CG  
414 C CD1 . PHE A 79  ? 0.50093 0.46303 0.61591 -0.07528 -0.05119 0.13326  79  PHE A CD1 
415 C CD2 . PHE A 79  ? 0.54703 0.59590 0.63030 -0.11856 -0.04580 0.09895  79  PHE A CD2 
416 C CE1 . PHE A 79  ? 0.59715 0.51605 0.69841 -0.09682 -0.02481 0.12505  79  PHE A CE1 
417 C CE2 . PHE A 79  ? 0.55592 0.56121 0.62548 -0.14026 -0.01924 0.09072  79  PHE A CE2 
418 C CZ  . PHE A 79  ? 0.50863 0.44909 0.58725 -0.12914 -0.00909 0.10401  79  PHE A CZ  
419 N N   . LYS A 80  ? 0.50823 0.65823 0.54269 -0.09149 -0.11561 0.15157  80  LYS A N   
420 C CA  . LYS A 80  ? 0.53303 0.69975 0.52118 -0.11867 -0.11111 0.15339  80  LYS A CA  
421 C C   . LYS A 80  ? 0.59271 0.75201 0.54548 -0.10777 -0.13270 0.19214  80  LYS A C   
422 O O   . LYS A 80  ? 0.64354 0.78049 0.55679 -0.12494 -0.12442 0.20475  80  LYS A O   
423 C CB  . LYS A 80  ? 0.60169 0.83682 0.58987 -0.13587 -0.11367 0.12634  80  LYS A CB  
424 C CG  . LYS A 80  ? 0.61375 0.85458 0.62666 -0.15530 -0.08809 0.08668  80  LYS A CG  
425 C CD  . LYS A 80  ? 0.60257 0.91131 0.61304 -0.17360 -0.09051 0.06048  80  LYS A CD  
426 C CE  . LYS A 80  ? 0.63686 0.99195 0.67931 -0.15146 -0.11272 0.05603  80  LYS A CE  
427 N N   . GLU A 81  ? 0.65217 0.82881 0.61924 -0.07913 -0.16049 0.21144  81  GLU A N   
428 C CA  . GLU A 81  ? 0.65338 0.82097 0.59012 -0.06576 -0.18327 0.24996  81  GLU A CA  
429 C C   . GLU A 81  ? 0.85184 0.94901 0.77492 -0.06109 -0.17312 0.27365  81  GLU A C   
430 O O   . GLU A 81  ? 0.80764 0.88847 0.68845 -0.07097 -0.17523 0.29596  81  GLU A O   
431 C CB  . GLU A 81  ? 0.70030 0.89122 0.66486 -0.03267 -0.21287 0.26400  81  GLU A CB  
432 C CG  . GLU A 81  ? 0.98305 1.23444 0.93024 -0.03179 -0.23876 0.27099  81  GLU A CG  
433 C CD  . GLU A 81  ? 1.15807 1.42920 1.13823 0.00193  -0.26655 0.28272  81  GLU A CD  
434 O OE1 . GLU A 81  ? 1.02463 1.33535 1.03965 0.00713  -0.26916 0.25808  81  GLU A OE1 
435 O OE2 . GLU A 81  ? 1.42515 1.67053 1.39752 0.02342  -0.28525 0.31616  81  GLU A OE2 
436 N N   . GLY A 82  ? 0.71385 0.76872 0.67242 -0.04588 -0.16236 0.26938  82  GLY A N   
437 C CA  . GLY A 82  ? 0.79070 0.77787 0.74014 -0.03866 -0.15387 0.29231  82  GLY A CA  
438 C C   . GLY A 82  ? 0.80874 0.76555 0.72876 -0.06925 -0.12600 0.28341  82  GLY A C   
439 O O   . GLY A 82  ? 0.88660 0.80464 0.77592 -0.07192 -0.12327 0.30635  82  GLY A O   
440 N N   . VAL A 83  ? 0.69608 0.67022 0.62641 -0.09232 -0.10420 0.24793  83  VAL A N   
441 C CA  . VAL A 83  ? 0.78032 0.73321 0.68239 -0.12382 -0.07819 0.23642  83  VAL A CA  
442 C C   . VAL A 83  ? 0.87881 0.85478 0.73000 -0.14084 -0.08690 0.25228  83  VAL A C   
443 O O   . VAL A 83  ? 0.84032 0.77945 0.65859 -0.15295 -0.07705 0.26768  83  VAL A O   
444 C CB  . VAL A 83  ? 0.70922 0.68488 0.63261 -0.14529 -0.05633 0.19444  83  VAL A CB  
445 C CG1 . VAL A 83  ? 0.82197 0.78230 0.71444 -0.17906 -0.03133 0.18201  83  VAL A CG1 
446 C CG2 . VAL A 83  ? 0.61731 0.56244 0.58818 -0.13034 -0.04536 0.17988  83  VAL A CG2 
447 N N   . ALA A 84  ? 0.84083 0.87822 0.68477 -0.14188 -0.10585 0.24899  84  ALA A N   
448 C CA  . ALA A 84  ? 1.01810 1.08257 0.81358 -0.15998 -0.11404 0.26138  84  ALA A CA  
449 C C   . ALA A 84  ? 1.01531 1.04987 0.78234 -0.14442 -0.13225 0.30363  84  ALA A C   
450 O O   . ALA A 84  ? 1.00710 1.03233 0.72998 -0.16235 -0.12881 0.31759  84  ALA A O   
451 C CB  . ALA A 84  ? 0.91222 1.04947 0.70915 -0.16262 -0.13158 0.24850  84  ALA A CB  
452 N N   . SER A 85  ? 0.89183 0.91128 0.68345 -0.11141 -0.15182 0.32431  85  SER A N   
453 C CA  . SER A 85  ? 1.03570 1.02547 0.81102 -0.09155 -0.16391 0.35183  85  SER A CA  
454 C C   . SER A 85  ? 1.14124 1.06647 0.91728 -0.08851 -0.13666 0.34423  85  SER A C   
455 O O   . SER A 85  ? 1.20908 1.11116 0.96610 -0.07771 -0.13694 0.35488  85  SER A O   
456 C CB  . SER A 85  ? 0.95546 0.94932 0.76483 -0.05409 -0.18569 0.36062  85  SER A CB  
457 O OG  . SER A 85  ? 1.02891 0.97795 0.87603 -0.03495 -0.17094 0.34941  85  SER A OG  
458 N N   . GLY A 86  ? 0.99416 0.97811 1.10356 -0.01995 0.03971  0.40596  86  GLY A N   
459 C CA  . GLY A 86  ? 1.09171 1.07289 1.21433 -0.02717 0.03794  0.41153  86  GLY A CA  
460 C C   . GLY A 86  ? 1.11018 1.06371 1.24297 -0.02822 0.02689  0.41155  86  GLY A C   
461 O O   . GLY A 86  ? 1.22567 1.17614 1.37080 -0.03416 0.02501  0.41539  86  GLY A O   
462 N N   . ASN A 87  ? 0.98235 0.91503 1.11098 -0.02193 0.01875  0.40691  87  ASN A N   
463 C CA  . ASN A 87  ? 0.99409 0.89782 1.13344 -0.02069 0.00613  0.40531  87  ASN A CA  
464 C C   . ASN A 87  ? 1.02636 0.92717 1.16027 -0.01176 0.00754  0.38707  87  ASN A C   
465 O O   . ASN A 87  ? 1.17587 1.05940 1.30212 -0.00409 -0.00088 0.38586  87  ASN A O   
466 C CB  . ASN A 87  ? 1.04357 0.91498 1.18388 -0.02085 -0.01112 0.42118  87  ASN A CB  
467 C CG  . ASN A 87  ? 1.31272 1.15367 1.46834 -0.01899 -0.02621 0.42007  87  ASN A CG  
468 O OD1 . ASN A 87  ? 1.38244 1.22429 1.54602 -0.01592 -0.02425 0.40554  87  ASN A OD1 
469 N ND2 . ASN A 87  ? 1.24511 1.05817 1.40496 -0.02069 -0.04200 0.43511  87  ASN A ND2 
470 N N   . LEU A 88  ? 0.75434 0.67027 0.89092 -0.01237 0.01725  0.37282  88  LEU A N   
471 C CA  . LEU A 88  ? 0.69561 0.60686 0.82659 -0.00597 0.01868  0.35549  88  LEU A CA  
472 C C   . LEU A 88  ? 0.76230 0.64727 0.90835 -0.00539 0.00689  0.35222  88  LEU A C   
473 O O   . LEU A 88  ? 0.71000 0.59830 0.86797 -0.01151 0.00867  0.35230  88  LEU A O   
474 C CB  . LEU A 88  ? 0.63700 0.57686 0.75923 -0.00698 0.03520  0.34088  88  LEU A CB  
475 C CG  . LEU A 88  ? 0.70093 0.63696 0.81407 -0.00290 0.03854  0.32254  88  LEU A CG  
476 C CD1 . LEU A 88  ? 0.83500 0.76760 0.93411 0.00430  0.03734  0.31874  88  LEU A CD1 
477 C CD2 . LEU A 88  ? 0.64967 0.60899 0.75428 -0.00542 0.05255  0.30912  88  LEU A CD2 
478 N N   . ASN A 89  ? 0.69834 0.55698 0.84493 0.00363  -0.00628 0.34830  89  ASN A N   
479 C CA  . ASN A 89  ? 0.78884 0.62751 0.96204 0.00756  -0.01956 0.34572  89  ASN A CA  
480 C C   . ASN A 89  ? 0.66467 0.49759 0.86146 0.02126  -0.03214 0.34628  89  ASN A C   
481 O O   . ASN A 89  ? 0.70957 0.52195 0.91879 0.02930  -0.05065 0.35463  89  ASN A O   
482 C CB  . ASN A 89  ? 0.77987 0.59516 0.96343 0.00384  -0.03299 0.35700  89  ASN A CB  
483 C CG  . ASN A 89  ? 0.84609 0.64632 1.06853 0.00689  -0.04824 0.35551  89  ASN A CG  
484 O OD1 . ASN A 89  ? 0.80571 0.61271 1.04843 0.01134  -0.04821 0.34504  89  ASN A OD1 
485 N ND2 . ASN A 89  ? 1.15846 0.93747 1.39208 0.00411  -0.06160 0.36509  89  ASN A ND2 
486 N N   . THR A 90  ? 0.67389 0.52418 0.87619 0.02500  -0.02285 0.33633  90  THR A N   
487 C CA  . THR A 90  ? 0.84777 0.69659 1.07289 0.04017  -0.03319 0.33433  90  THR A CA  
488 C C   . THR A 90  ? 0.64095 0.49287 0.89857 0.04445  -0.03363 0.32229  90  THR A C   
489 O O   . THR A 90  ? 0.61198 0.47701 0.85838 0.03378  -0.01634 0.31649  90  THR A O   
490 C CB  . THR A 90  ? 0.87825 0.74822 1.07414 0.04269  -0.01899 0.33503  90  THR A CB  
491 O OG1 . THR A 90  ? 1.01354 0.88115 1.23358 0.06095  -0.03242 0.33378  90  THR A OG1 
492 C CG2 . THR A 90  ? 0.72077 0.61845 0.89248 0.03342  0.00671  0.32480  90  THR A CG2 
493 N N   . MET A 91  ? 0.76884 0.60763 1.06844 0.06148  -0.05563 0.31414  91  MET A N   
494 C CA  . MET A 91  ? 0.65397 0.49308 0.99442 0.06879  -0.06036 0.29574  91  MET A CA  
495 C C   . MET A 91  ? 0.60376 0.45599 0.96894 0.09045  -0.06939 0.27593  91  MET A C   
496 O O   . MET A 91  ? 0.72934 0.57202 1.10809 0.10603  -0.09070 0.27775  91  MET A O   
497 C CB  . MET A 91  ? 0.83567 0.64995 1.21412 0.07118  -0.08539 0.28591  91  MET A CB  
498 C CG  . MET A 91  ? 0.85682 0.67043 1.26578 0.06815  -0.08391 0.26771  91  MET A CG  
499 S SD  . MET A 91  ? 1.31997 1.10652 1.76539 0.06842  -0.11217 0.25840  91  MET A SD  
500 C CE  . MET A 91  ? 0.82912 0.60579 1.23211 0.05562  -0.10927 0.29002  91  MET A CE  
501 N N   . PHE A 92  ? 0.58252 0.47007 0.93288 0.08520  -0.04919 0.23794  92  PHE A N   
502 C CA  . PHE A 92  ? 0.62099 0.54013 0.97487 0.09801  -0.05136 0.19470  92  PHE A CA  
503 C C   . PHE A 92  ? 0.52519 0.47460 0.87630 0.08928  -0.03584 0.14826  92  PHE A C   
504 O O   . PHE A 92  ? 0.51118 0.45773 0.84913 0.07289  -0.02045 0.15345  92  PHE A O   
505 C CB  . PHE A 92  ? 0.54010 0.47812 0.85515 0.09942  -0.03512 0.20933  92  PHE A CB  
506 C CG  . PHE A 92  ? 0.51412 0.46474 0.78050 0.08021  -0.00122 0.23073  92  PHE A CG  
507 C CD1 . PHE A 92  ? 0.48726 0.47224 0.72637 0.07048  0.02333  0.19842  92  PHE A CD1 
508 C CD2 . PHE A 92  ? 0.58898 0.51715 0.83658 0.07135  0.00542  0.28181  92  PHE A CD2 
509 C CE1 . PHE A 92  ? 0.56911 0.56322 0.76230 0.05336  0.05269  0.21713  92  PHE A CE1 
510 C CE2 . PHE A 92  ? 0.56881 0.50961 0.77311 0.05481  0.03562  0.29925  92  PHE A CE2 
511 C CZ  . PHE A 92  ? 0.60193 0.57428 0.77910 0.04661  0.05830  0.26695  92  PHE A CZ  
512 N N   . GLU A 93  ? 0.56423 0.54293 0.92808 0.10009  -0.04088 0.10175  93  GLU A N   
513 C CA  . GLU A 93  ? 0.50421 0.51651 0.86174 0.09074  -0.02511 0.05405  93  GLU A CA  
514 C C   . GLU A 93  ? 0.60364 0.64977 0.91134 0.08110  0.00485  0.04693  93  GLU A C   
515 O O   . GLU A 93  ? 0.53619 0.58859 0.82807 0.08917  0.00669  0.06172  93  GLU A O   
516 C CB  . GLU A 93  ? 0.65952 0.68738 1.06305 0.10665  -0.04804 0.00249  93  GLU A CB  
517 C CG  . GLU A 93  ? 0.84167 0.83611 1.29522 0.11554  -0.07814 0.00511  93  GLU A CG  
518 C CD  . GLU A 93  ? 0.91134 0.92378 1.41138 0.13051  -0.09999 -0.05022 93  GLU A CD  
519 O OE1 . GLU A 93  ? 0.88961 0.93597 1.38996 0.13985  -0.09893 -0.08506 93  GLU A OE1 
520 O OE2 . GLU A 93  ? 1.00741 1.00121 1.54470 0.13288  -0.11829 -0.05991 93  GLU A OE2 
521 N N   . TRP A 94  ? 0.49780 0.56382 0.77915 0.06298  0.02789  0.02515  94  TRP A N   
522 C CA  . TRP A 94  ? 0.46051 0.55356 0.68932 0.05002  0.05772  0.02175  94  TRP A CA  
523 C C   . TRP A 94  ? 0.49222 0.61880 0.71249 0.03865  0.07049  -0.03153 94  TRP A C   
524 O O   . TRP A 94  ? 0.47036 0.59217 0.70821 0.03148  0.06612  -0.05089 94  TRP A O   
525 C CB  . TRP A 94  ? 0.61896 0.69298 0.80841 0.03352  0.07730  0.06523  94  TRP A CB  
526 C CG  . TRP A 94  ? 0.53495 0.62982 0.67086 0.02340  0.10435  0.07152  94  TRP A CG  
527 C CD1 . TRP A 94  ? 0.54904 0.65807 0.64223 0.00387  0.12911  0.05927  94  TRP A CD1 
528 C CD2 . TRP A 94  ? 0.54709 0.64910 0.66477 0.03196  0.10862  0.09241  94  TRP A CD2 
529 N NE1 . TRP A 94  ? 0.66984 0.79423 0.71981 -0.00009 0.14849  0.07084  94  TRP A NE1 
530 C CE2 . TRP A 94  ? 0.63577 0.75754 0.70050 0.01705  0.13700  0.09094  94  TRP A CE2 
531 C CE3 . TRP A 94  ? 0.62118 0.71330 0.76090 0.05045  0.09033  0.11236  94  TRP A CE3 
532 C CZ2 . TRP A 94  ? 0.56917 0.70308 0.60436 0.02046  0.14842  0.10801  94  TRP A CZ2 
533 C CZ3 . TRP A 94  ? 0.72671 0.83106 0.83617 0.05354  0.10173  0.12954  94  TRP A CZ3 
534 C CH2 . TRP A 94  ? 0.66736 0.79345 0.72591 0.03880  0.13101  0.12690  94  TRP A CH2 
535 N N   . MET A 95  ? 0.41782 0.57876 0.61025 0.03597  0.08644  -0.05554 95  MET A N   
536 C CA  . MET A 95  ? 0.41924 0.61590 0.60064 0.02374  0.09949  -0.10835 95  MET A CA  
537 C C   . MET A 95  ? 0.51599 0.71998 0.63528 -0.00049 0.13081  -0.10037 95  MET A C   
538 O O   . MET A 95  ? 0.66878 0.87360 0.75164 -0.00237 0.14509  -0.07352 95  MET A O   
539 C CB  . MET A 95  ? 0.41099 0.64368 0.60607 0.03692  0.09461  -0.14582 95  MET A CB  
540 C CG  . MET A 95  ? 0.52747 0.75563 0.78543 0.06097  0.06165  -0.16357 95  MET A CG  
541 S SD  . MET A 95  ? 0.70236 0.93589 1.00047 0.05624  0.04966  -0.20897 95  MET A SD  
542 C CE  . MET A 95  ? 0.72393 1.00953 1.05079 0.06815  0.04216  -0.27714 95  MET A CE  
543 N N   . ILE A 96  ? 0.57306 0.78108 0.67992 -0.01891 0.14032  -0.12384 96  ILE A N   
544 C CA  . ILE A 96  ? 0.76585 0.97936 0.81236 -0.04330 0.16792  -0.12198 96  ILE A CA  
545 C C   . ILE A 96  ? 0.66498 0.91951 0.69503 -0.05533 0.18044  -0.17673 96  ILE A C   
546 O O   . ILE A 96  ? 0.70311 0.96466 0.74916 -0.06320 0.17395  -0.21117 96  ILE A O   
547 C CB  . ILE A 96  ? 0.71590 0.90077 0.75347 -0.05772 0.16990  -0.10570 96  ILE A CB  
548 C CG1 . ILE A 96  ? 0.59452 0.74154 0.65429 -0.04568 0.15614  -0.05434 96  ILE A CG1 
549 C CG2 . ILE A 96  ? 0.75489 0.93595 0.72827 -0.07960 0.19069  -0.09863 96  ILE A CG2 
550 C CD1 . ILE A 96  ? 0.72427 0.84343 0.78330 -0.05728 0.15506  -0.03899 96  ILE A CD1 
551 N N   . PRO A 97  ? 1.10108 0.83035 0.96121 -0.15808 -0.02814 -0.01442 97  PRO A N   
552 C CA  . PRO A 97  ? 0.90356 0.69332 0.80203 -0.13443 -0.03768 0.02952  97  PRO A CA  
553 C C   . PRO A 97  ? 0.87487 0.73046 0.82871 -0.09084 -0.01248 0.04685  97  PRO A C   
554 O O   . PRO A 97  ? 0.86228 0.69329 0.82388 -0.09708 0.01796  0.03506  97  PRO A O   
555 C CB  . PRO A 97  ? 1.08493 0.80842 0.96291 -0.18518 -0.03739 0.04702  97  PRO A CB  
556 C CG  . PRO A 97  ? 1.07629 0.71065 0.89561 -0.23434 -0.04309 0.01182  97  PRO A CG  
557 C CD  . PRO A 97  ? 1.03270 0.66470 0.84921 -0.21927 -0.02400 -0.02494 97  PRO A CD  
558 N N   . THR A 98  ? 0.80156 0.74251 0.79407 -0.04549 -0.02560 0.07424  98  THR A N   
559 C CA  . THR A 98  ? 0.88647 0.89770 0.93410 -0.00103 -0.00490 0.09497  98  THR A CA  
560 C C   . THR A 98  ? 0.77183 0.83617 0.85228 0.01643  -0.01789 0.14026  98  THR A C   
561 O O   . THR A 98  ? 0.67276 0.72699 0.73458 -0.00064 -0.04471 0.15386  98  THR A O   
562 C CB  . THR A 98  ? 0.73003 0.80735 0.79833 0.04960  -0.00428 0.07733  98  THR A CB  
563 O OG1 . THR A 98  ? 0.71708 0.86370 0.80053 0.08408  -0.03298 0.09504  98  THR A OG1 
564 C CG2 . THR A 98  ? 0.72425 0.75155 0.75138 0.03193  -0.00354 0.03122  98  THR A CG2 
565 N N   . SER A 99  ? 0.69752 0.81981 0.82800 0.05136  0.00155  0.16389  99  SER A N   
566 C CA  . SER A 99  ? 0.68386 0.86602 0.85059 0.07446  -0.00942 0.20718  99  SER A CA  
567 C C   . SER A 99  ? 0.77901 1.02718 0.95272 0.10975  -0.04086 0.21430  99  SER A C   
568 O O   . SER A 99  ? 0.82816 1.11398 1.01999 0.11995  -0.05778 0.24786  99  SER A O   
569 C CB  . SER A 99  ? 0.61776 0.85331 0.83784 0.10894  0.01842  0.22842  99  SER A CB  
570 O OG  . SER A 99  ? 0.59522 0.77218 0.81179 0.07695  0.04777  0.22489  99  SER A OG  
571 N N   . ARG A 100 ? 0.87335 1.13609 1.03311 0.12835  -0.04901 0.18352  100 ARG A N   
572 C CA  . ARG A 100 ? 0.77880 1.10601 0.94572 0.16421  -0.07759 0.18747  100 ARG A CA  
573 C C   . ARG A 100 ? 1.00060 1.28195 1.11637 0.13708  -0.10412 0.16073  100 ARG A C   
574 O O   . ARG A 100 ? 0.90743 1.23385 1.02275 0.16599  -0.12463 0.15186  100 ARG A O   
575 C CB  . ARG A 100 ? 0.85340 1.25455 1.05518 0.21897  -0.06688 0.17851  100 ARG A CB  
576 C CG  . ARG A 100 ? 0.76562 1.22516 1.02196 0.25276  -0.04434 0.20796  100 ARG A CG  
577 N N   . GLY A 101 ? 0.88687 1.07973 0.95948 0.08224  -0.10429 0.14764  101 GLY A N   
578 C CA  . GLY A 101 ? 0.76346 0.90837 0.78626 0.05338  -0.12913 0.12310  101 GLY A CA  
579 C C   . GLY A 101 ? 0.75067 0.83192 0.73736 0.02873  -0.11488 0.07916  101 GLY A C   
580 O O   . GLY A 101 ? 0.65737 0.74666 0.66107 0.04465  -0.08805 0.06454  101 GLY A O   
581 N N   . PRO A 102 ? 0.65576 0.67227 0.59184 -0.01081 -0.13263 0.05720  102 PRO A N   
582 C CA  . PRO A 102 ? 0.69672 0.64351 0.59470 -0.04056 -0.11893 0.01575  102 PRO A CA  
583 C C   . PRO A 102 ? 0.66112 0.64329 0.55909 -0.00669 -0.12078 -0.01486 102 PRO A C   
584 O O   . PRO A 102 ? 0.82068 0.86131 0.72805 0.02655  -0.14367 -0.01112 102 PRO A O   
585 C CB  . PRO A 102 ? 0.77064 0.64332 0.61593 -0.09178 -0.14154 0.00659  102 PRO A CB  
586 C CG  . PRO A 102 ? 0.77610 0.69817 0.63105 -0.07435 -0.17339 0.03356  102 PRO A CG  
587 C CD  . PRO A 102 ? 0.77694 0.77255 0.68757 -0.03617 -0.16377 0.07166  102 PRO A CD  
588 N N   . THR A 103 ? 0.54697 0.72714 0.77407 -0.11692 -0.13391 -0.04393 103 THR A N   
589 C CA  . THR A 103 ? 0.59989 0.78199 0.84791 -0.12252 -0.12153 -0.04952 103 THR A CA  
590 C C   . THR A 103 ? 0.56263 0.71701 0.81254 -0.10708 -0.11206 -0.03823 103 THR A C   
591 O O   . THR A 103 ? 0.55231 0.69066 0.78337 -0.09615 -0.11592 -0.02352 103 THR A O   
592 C CB  . THR A 103 ? 0.60501 0.80083 0.84850 -0.13442 -0.12479 -0.04868 103 THR A CB  
593 O OG1 . THR A 103 ? 0.85864 1.08095 1.10046 -0.14999 -0.13366 -0.05897 103 THR A OG1 
594 C CG2 . THR A 103 ? 0.72826 0.92496 0.99306 -0.13953 -0.11182 -0.05357 103 THR A CG2 
595 N N   . LYS A 104 ? 0.58381 0.73278 0.85623 -0.10629 -0.10014 -0.04503 104 LYS A N   
596 C CA  . LYS A 104 ? 0.51205 0.63509 0.78797 -0.09281 -0.09074 -0.03468 104 LYS A CA  
597 C C   . LYS A 104 ? 0.53514 0.65832 0.81970 -0.09797 -0.08246 -0.03170 104 LYS A C   
598 O O   . LYS A 104 ? 0.53188 0.67144 0.83446 -0.11127 -0.07778 -0.04347 104 LYS A O   
599 C CB  . LYS A 104 ? 0.63343 0.74768 0.92868 -0.08826 -0.08319 -0.04273 104 LYS A CB  
600 C CG  . LYS A 104 ? 0.69411 0.77962 0.99069 -0.07365 -0.07486 -0.03065 104 LYS A CG  
601 C CD  . LYS A 104 ? 0.63150 0.70791 0.94817 -0.06997 -0.06834 -0.03937 104 LYS A CD  
602 N N   . VAL A 105 ? 0.49214 0.59786 0.76406 -0.08734 -0.08066 -0.01623 105 VAL A N   
603 C CA  . VAL A 105 ? 0.45728 0.56140 0.73698 -0.09040 -0.07209 -0.01199 105 VAL A CA  
604 C C   . VAL A 105 ? 0.47894 0.55827 0.76261 -0.07730 -0.06230 -0.00128 105 VAL A C   
605 O O   . VAL A 105 ? 0.44624 0.50830 0.72070 -0.06422 -0.06403 0.00586  105 VAL A O   
606 C CB  . VAL A 105 ? 0.47262 0.58366 0.73388 -0.09224 -0.07921 -0.00406 105 VAL A CB  
607 C CG1 . VAL A 105 ? 0.57943 0.71494 0.83806 -0.10680 -0.08879 -0.01472 105 VAL A CG1 
608 C CG2 . VAL A 105 ? 0.44131 0.53556 0.67737 -0.07645 -0.08644 0.01113  105 VAL A CG2 
609 N N   . LYS A 106 ? 0.44164 0.51967 0.73973 -0.08151 -0.05192 -0.00033 106 LYS A N   
610 C CA  . LYS A 106 ? 0.46911 0.52532 0.77047 -0.07091 -0.04235 0.01129  106 LYS A CA  
611 C C   . LYS A 106 ? 0.40683 0.46100 0.69302 -0.06653 -0.04234 0.02458  106 LYS A C   
612 O O   . LYS A 106 ? 0.47559 0.54542 0.76462 -0.07663 -0.04220 0.02115  106 LYS A O   
613 C CB  . LYS A 106 ? 0.55953 0.61535 0.88855 -0.07882 -0.03059 0.00353  106 LYS A CB  
614 C CG  . LYS A 106 ? 0.59470 0.62749 0.92841 -0.06908 -0.02074 0.01562  106 LYS A CG  
615 N N   . VAL A 107 ? 0.42221 0.45776 0.69236 -0.05129 -0.04277 0.03922  107 VAL A N   
616 C CA  . VAL A 107 ? 0.42049 0.45343 0.67477 -0.04472 -0.04323 0.05228  107 VAL A CA  
617 C C   . VAL A 107 ? 0.40945 0.42659 0.67206 -0.03834 -0.03077 0.06234  107 VAL A C   
618 O O   . VAL A 107 ? 0.44434 0.44390 0.71131 -0.03060 -0.02646 0.06598  107 VAL A O   
619 C CB  . VAL A 107 ? 0.39602 0.42165 0.62294 -0.03176 -0.05483 0.06167  107 VAL A CB  
620 C CG1 . VAL A 107 ? 0.40289 0.42580 0.61393 -0.02369 -0.05533 0.07468  107 VAL A CG1 
621 C CG2 . VAL A 107 ? 0.41880 0.46003 0.63734 -0.03910 -0.06776 0.05234  107 VAL A CG2 
622 N N   . HIS A 108 ? 0.40904 0.43278 0.67422 -0.04206 -0.02516 0.06671  108 HIS A N   
623 C CA  . HIS A 108 ? 0.42274 0.43354 0.69226 -0.03589 -0.01411 0.07844  108 HIS A CA  
624 C C   . HIS A 108 ? 0.42244 0.43695 0.67281 -0.02873 -0.01697 0.08959  108 HIS A C   
625 O O   . HIS A 108 ? 0.41208 0.44380 0.66196 -0.03678 -0.01959 0.08516  108 HIS A O   
626 C CB  . HIS A 108 ? 0.53108 0.54783 0.82688 -0.04889 -0.00278 0.07170  108 HIS A CB  
627 C CG  . HIS A 108 ? 0.63531 0.63831 0.93740 -0.04397 0.00875  0.08365  108 HIS A CG  
628 N ND1 . HIS A 108 ? 0.75526 0.76460 1.07586 -0.05409 0.01880  0.08218  108 HIS A ND1 
629 C CD2 . HIS A 108 ? 0.66338 0.64706 0.95535 -0.03041 0.01161  0.09767  108 HIS A CD2 
630 C CE1 . HIS A 108 ? 0.67977 0.67453 1.00136 -0.04741 0.02734  0.09510  108 HIS A CE1 
631 N NE2 . HIS A 108 ? 0.56818 0.54727 0.87247 -0.03304 0.02325  0.10469  108 HIS A NE2 
632 N N   . MET A 109 ? 0.43594 0.43488 0.67010 -0.01334 -0.01727 0.10343  109 MET A N   
633 C CA  . MET A 109 ? 0.43591 0.43731 0.65267 -0.00471 -0.01891 0.11467  109 MET A CA  
634 C C   . MET A 109 ? 0.44962 0.44292 0.67446 -0.00157 -0.00559 0.12525  109 MET A C   
635 O O   . MET A 109 ? 0.50497 0.48113 0.73551 0.00345  0.00077  0.13072  109 MET A O   
636 C CB  . MET A 109 ? 0.47828 0.46994 0.66911 0.01087  -0.02984 0.12286  109 MET A CB  
637 C CG  . MET A 109 ? 0.52695 0.52742 0.70772 0.00759  -0.04401 0.11390  109 MET A CG  
638 S SD  . MET A 109 ? 0.55903 0.55034 0.70761 0.02572  -0.05804 0.12452  109 MET A SD  
639 C CE  . MET A 109 ? 0.53939 0.50611 0.68689 0.03825  -0.05369 0.13190  109 MET A CE  
640 N N   . LYS A 110 ? 0.44751 0.45341 0.67310 -0.00495 -0.00161 0.12803  110 LYS A N   
641 C CA  . LYS A 110 ? 0.46568 0.46773 0.70159 -0.00508 0.01172  0.13694  110 LYS A CA  
642 C C   . LYS A 110 ? 0.48182 0.49558 0.70488 -0.00003 0.01135  0.14441  110 LYS A C   
643 O O   . LYS A 110 ? 0.47271 0.50276 0.69080 -0.00457 0.00408  0.13760  110 LYS A O   
644 C CB  . LYS A 110 ? 0.59753 0.60676 0.86105 -0.02183 0.02095  0.12726  110 LYS A CB  
645 C CG  . LYS A 110 ? 0.68910 0.69312 0.96582 -0.02381 0.03487  0.13620  110 LYS A CG  
646 N N   . LYS A 111 ? 0.54838 0.55434 0.76581 0.00947  0.01872  0.15825  111 LYS A N   
647 C CA  . LYS A 111 ? 0.49262 0.51173 0.70053 0.01370  0.01996  0.16477  111 LYS A CA  
648 C C   . LYS A 111 ? 0.54683 0.58259 0.77470 -0.00154 0.02810  0.15819  111 LYS A C   
649 O O   . LYS A 111 ? 0.55227 0.58423 0.80155 -0.01214 0.03772  0.15530  111 LYS A O   
650 C CB  . LYS A 111 ? 0.53592 0.54429 0.73454 0.02648  0.02706  0.18109  111 LYS A CB  
651 C CG  . LYS A 111 ? 0.64435 0.66750 0.83135 0.03278  0.02769  0.18785  111 LYS A CG  
652 C CD  . LYS A 111 ? 0.77501 0.78862 0.95063 0.04633  0.03377  0.20405  111 LYS A CD  
653 C CE  . LYS A 111 ? 0.81983 0.85104 0.98484 0.05243  0.03448  0.20950  111 LYS A CE  
654 N N   . ALA A 112 ? 0.43454 0.57766 0.54895 -0.16742 -0.00030 0.11313  112 ALA A N   
655 C CA  . ALA A 112 ? 0.40376 0.55766 0.53251 -0.17164 -0.00022 0.09810  112 ALA A CA  
656 C C   . ALA A 112 ? 0.53942 0.70328 0.68942 -0.19802 -0.00701 0.12142  112 ALA A C   
657 O O   . ALA A 112 ? 0.56300 0.74233 0.70482 -0.21260 -0.00563 0.14695  112 ALA A O   
658 C CB  . ALA A 112 ? 0.45596 0.64463 0.55698 -0.16215 0.01420  0.08076  112 ALA A CB  
659 N N   . LEU A 113 ? 0.63714 0.79177 0.81472 -0.20446 -0.01493 0.11289  113 LEU A N   
660 C CA  . LEU A 113 ? 0.69824 0.86029 0.89915 -0.23035 -0.02304 0.13552  113 LEU A CA  
661 C C   . LEU A 113 ? 0.73525 0.94376 0.92091 -0.24234 -0.01148 0.14292  113 LEU A C   
662 O O   . LEU A 113 ? 0.61384 0.83735 0.80781 -0.26474 -0.01429 0.16924  113 LEU A O   
663 C CB  . LEU A 113 ? 0.73573 0.87318 0.97155 -0.23399 -0.03631 0.12471  113 LEU A CB  
664 C CG  . LEU A 113 ? 0.85844 0.94995 1.11765 -0.23038 -0.05179 0.12727  113 LEU A CG  
665 C CD1 . LEU A 113 ? 0.81116 0.88127 1.10513 -0.23621 -0.06585 0.11823  113 LEU A CD1 
666 C CD2 . LEU A 113 ? 0.84933 0.93307 1.11303 -0.24646 -0.05892 0.16035  113 LEU A CD2 
667 N N   . SER A 114 ? 0.64471 0.87706 0.80823 -0.22794 0.00132  0.12050  114 SER A N   
668 C CA  . SER A 114 ? 0.79969 1.07775 0.94807 -0.23659 0.01296  0.12410  114 SER A CA  
669 C C   . SER A 114 ? 0.71180 1.01029 0.82146 -0.21986 0.02694  0.11517  114 SER A C   
670 O O   . SER A 114 ? 0.74462 1.03156 0.84122 -0.19810 0.03041  0.09090  114 SER A O   
671 C CB  . SER A 114 ? 0.78093 1.07126 0.94314 -0.23668 0.01367  0.10388  114 SER A CB  
672 O OG  . SER A 114 ? 0.77093 1.04318 0.96940 -0.25303 -0.00021 0.11267  114 SER A OG  
673 N N   . GLY A 115 ? 0.68678 1.01549 0.77798 -0.23005 0.03444  0.13490  115 GLY A N   
674 C CA  . GLY A 115 ? 0.74857 1.09899 0.80276 -0.21547 0.04689  0.12774  115 GLY A CA  
675 C C   . GLY A 115 ? 0.83452 1.16119 0.87325 -0.20578 0.04469  0.13614  115 GLY A C   
676 O O   . GLY A 115 ? 0.92284 1.21490 0.97941 -0.20892 0.03372  0.14645  115 GLY A O   
677 N N   . ASP A 116 ? 0.66478 1.01069 0.66974 -0.19340 0.05483  0.13133  116 ASP A N   
678 C CA  . ASP A 116 ? 0.59851 0.92417 0.58470 -0.18207 0.05294  0.13819  116 ASP A CA  
679 C C   . ASP A 116 ? 0.70615 1.01391 0.68277 -0.15876 0.05488  0.11266  116 ASP A C   
680 O O   . ASP A 116 ? 0.79414 1.11519 0.74438 -0.14188 0.06207  0.09602  116 ASP A O   
681 C CB  . ASP A 116 ? 0.70710 1.04031 0.66603 -0.16981 0.05299  0.13798  116 ASP A CB  
682 C CG  . ASP A 116 ? 0.88947 1.19972 0.83642 -0.16169 0.04821  0.14782  116 ASP A CG  
683 O OD1 . ASP A 116 ? 1.07695 1.36550 1.03842 -0.17092 0.04291  0.16342  116 ASP A OD1 
684 O OD2 . ASP A 116 ? 1.06037 1.37162 0.98765 -0.14625 0.04848  0.13932  116 ASP A OD2 
685 N N   . SER A 117 ? 0.55424 0.82491 0.55366 -0.15419 0.04546  0.10671  117 SER A N   
686 C CA  . SER A 117 ? 0.43489 0.68333 0.42693 -0.13141 0.04568  0.08419  117 SER A CA  
687 C C   . SER A 117 ? 0.42124 0.62833 0.43917 -0.13129 0.03382  0.08923  117 SER A C   
688 O O   . SER A 117 ? 0.48446 0.68026 0.52682 -0.14856 0.02493  0.10769  117 SER A O   
689 C CB  . SER A 117 ? 0.46125 0.71881 0.45295 -0.12000 0.05041  0.05460  117 SER A CB  
690 O OG  . SER A 117 ? 0.51861 0.76232 0.54225 -0.12862 0.04286  0.05001  117 SER A OG  
691 N N   . TYR A 118 ? 0.41345 0.59848 0.42613 -0.11166 0.03341  0.07285  118 TYR A N   
692 C CA  . TYR A 118 ? 0.40299 0.54974 0.43697 -0.10829 0.02309  0.07657  118 TYR A CA  
693 C C   . TYR A 118 ? 0.55532 0.68413 0.59607 -0.08978 0.02286  0.04786  118 TYR A C   
694 O O   . TYR A 118 ? 0.47057 0.61313 0.48994 -0.07511 0.03150  0.02795  118 TYR A O   
695 C CB  . TYR A 118 ? 0.39167 0.52890 0.40997 -0.10381 0.02246  0.09267  118 TYR A CB  
696 C CG  . TYR A 118 ? 0.43161 0.58995 0.43789 -0.12088 0.02398  0.11952  118 TYR A CG  
697 C CD1 . TYR A 118 ? 0.46570 0.61202 0.49274 -0.13999 0.01433  0.14502  118 TYR A CD1 
698 C CD2 . TYR A 118 ? 0.49404 0.68533 0.46855 -0.11849 0.03463  0.11917  118 TYR A CD2 
699 C CE1 . TYR A 118 ? 0.57323 0.74032 0.58850 -0.15648 0.01596  0.17007  118 TYR A CE1 
700 C CE2 . TYR A 118 ? 0.55831 0.77093 0.52110 -0.13408 0.03649  0.14308  118 TYR A CE2 
701 C CZ  . TYR A 118 ? 0.71003 0.91080 0.69280 -0.15323 0.02749  0.16873  118 TYR A CZ  
702 O OH  . TYR A 118 ? 0.71515 0.93398 0.68615 -0.16560 0.02813  0.18897  118 TYR A OH  
703 N N   . TRP A 119 ? 0.37713 0.47573 0.44761 -0.09064 0.01255  0.04547  119 TRP A N   
704 C CA  . TRP A 119 ? 0.38206 0.46140 0.46079 -0.07316 0.01149  0.01879  119 TRP A CA  
705 C C   . TRP A 119 ? 0.44933 0.49798 0.53591 -0.06212 0.00582  0.02074  119 TRP A C   
706 O O   . TRP A 119 ? 0.43025 0.46124 0.53400 -0.07226 -0.00333 0.04133  119 TRP A O   
707 C CB  . TRP A 119 ? 0.40239 0.47177 0.51016 -0.08044 0.00397  0.00895  119 TRP A CB  
708 C CG  . TRP A 119 ? 0.38400 0.48185 0.48415 -0.08547 0.01041  -0.00155 119 TRP A CG  
709 C CD1 . TRP A 119 ? 0.40236 0.52252 0.50723 -0.10516 0.01042  0.01388  119 TRP A CD1 
710 C CD2 . TRP A 119 ? 0.43819 0.54647 0.52485 -0.07075 0.01771  -0.02953 119 TRP A CD2 
711 N NE1 . TRP A 119 ? 0.43362 0.57781 0.52985 -0.10321 0.01736  -0.00337 119 TRP A NE1 
712 C CE2 . TRP A 119 ? 0.42685 0.56335 0.51154 -0.08218 0.02153  -0.03017 119 TRP A CE2 
713 C CE3 . TRP A 119 ? 0.41484 0.51179 0.49104 -0.04927 0.02121  -0.05379 119 TRP A CE3 
714 C CZ2 . TRP A 119 ? 0.39472 0.54715 0.46750 -0.07254 0.02811  -0.05459 119 TRP A CZ2 
715 C CZ3 . TRP A 119 ? 0.40375 0.51637 0.46710 -0.04028 0.02773  -0.07745 119 TRP A CZ3 
716 C CH2 . TRP A 119 ? 0.38819 0.52735 0.45044 -0.05183 0.03067  -0.07789 119 TRP A CH2 
717 N N   . VAL A 120 ? 0.36848 0.41202 0.44202 -0.04153 0.01127  -0.00012 120 VAL A N   
718 C CA  . VAL A 120 ? 0.36129 0.37702 0.44389 -0.02801 0.00699  -0.00424 120 VAL A CA  
719 C C   . VAL A 120 ? 0.39215 0.39255 0.49075 -0.01639 0.00479  -0.03073 120 VAL A C   
720 O O   . VAL A 120 ? 0.42263 0.43674 0.50601 -0.00628 0.01244  -0.05229 120 VAL A O   
721 C CB  . VAL A 120 ? 0.38052 0.40437 0.43376 -0.01347 0.01535  -0.00590 120 VAL A CB  
722 C CG1 . VAL A 120 ? 0.45679 0.45360 0.52089 0.00036  0.01124  -0.00974 120 VAL A CG1 
723 C CG2 . VAL A 120 ? 0.46802 0.50855 0.50314 -0.02480 0.01744  0.01913  120 VAL A CG2 
724 N N   . PHE A 121 ? 0.37781 0.34980 0.50706 -0.01807 -0.00633 -0.02934 121 PHE A N   
725 C CA  . PHE A 121 ? 0.39379 0.34752 0.54041 -0.00632 -0.01000 -0.05391 121 PHE A CA  
726 C C   . PHE A 121 ? 0.51629 0.44904 0.66658 0.01070  -0.01094 -0.05993 121 PHE A C   
727 O O   . PHE A 121 ? 0.53312 0.45192 0.69325 0.00689  -0.01690 -0.04107 121 PHE A O   
728 C CB  . PHE A 121 ? 0.47401 0.40878 0.65531 -0.01971 -0.02359 -0.04900 121 PHE A CB  
729 C CG  . PHE A 121 ? 0.46002 0.41390 0.64347 -0.03900 -0.02451 -0.03996 121 PHE A CG  
730 C CD1 . PHE A 121 ? 0.49204 0.45612 0.67547 -0.05819 -0.02694 -0.01128 121 PHE A CD1 
731 C CD2 . PHE A 121 ? 0.53803 0.49932 0.72483 -0.03837 -0.02351 -0.05961 121 PHE A CD2 
732 C CE1 . PHE A 121 ? 0.45268 0.43621 0.63919 -0.07640 -0.02743 -0.00218 121 PHE A CE1 
733 C CE2 . PHE A 121 ? 0.45891 0.43883 0.64979 -0.05662 -0.02458 -0.05070 121 PHE A CE2 
734 C CZ  . PHE A 121 ? 0.43408 0.42585 0.62512 -0.07568 -0.02623 -0.02181 121 PHE A CZ  
735 N N   . VAL A 122 ? 0.52480 0.45607 0.66731 0.02919  -0.00514 -0.08581 122 VAL A N   
736 C CA  . VAL A 122 ? 0.58249 0.49634 0.72893 0.04682  -0.00490 -0.09476 122 VAL A CA  
737 C C   . VAL A 122 ? 0.59783 0.49430 0.76360 0.05748  -0.00916 -0.11986 122 VAL A C   
738 O O   . VAL A 122 ? 0.61401 0.52075 0.77102 0.06143  -0.00470 -0.13954 122 VAL A O   
739 C CB  . VAL A 122 ? 0.50182 0.43313 0.61566 0.06091  0.00759  -0.10176 122 VAL A CB  
740 C CG1 . VAL A 122 ? 0.67133 0.58587 0.79137 0.07868  0.00793  -0.11096 122 VAL A CG1 
741 C CG2 . VAL A 122 ? 0.52580 0.47411 0.61905 0.05134  0.01123  -0.07802 122 VAL A CG2 
742 N N   . LYS A 123 ? 0.58845 0.45856 0.78033 0.06249  -0.01818 -0.11960 123 LYS A N   
743 C CA  . LYS A 123 ? 0.61082 0.46230 0.82233 0.07394  -0.02326 -0.14312 123 LYS A CA  
744 C C   . LYS A 123 ? 0.67734 0.52600 0.87999 0.08321  -0.02174 -0.13622 123 LYS A C   
745 O O   . LYS A 123 ? 0.71538 0.55184 0.93098 0.08236  -0.02602 -0.12140 123 LYS A O   
746 C CB  . LYS A 123 ? 0.68843 0.52049 0.93261 0.06035  -0.03832 -0.13819 123 LYS A CB  
747 N N   . ARG A 124 ? 0.86853 0.72727 1.04937 0.09040  -0.01578 -0.14478 124 ARG A N   
748 C CA  . ARG A 124 ? 0.82596 0.68111 0.99987 0.09783  -0.01368 -0.13996 124 ARG A CA  
749 C C   . ARG A 124 ? 0.97820 0.81126 1.18712 0.09597  -0.02710 -0.13875 124 ARG A C   
750 O O   . ARG A 124 ? 0.78895 0.61294 1.01750 0.09177  -0.03583 -0.14679 124 ARG A O   
751 C CB  . ARG A 124 ? 0.88509 0.75301 1.02966 0.10318  -0.00423 -0.14657 124 ARG A CB  
752 N N   . VAL A 125 ? 0.80595 0.63054 1.02237 0.09844  -0.02941 -0.12759 125 VAL A N   
753 C CA  . VAL A 125 ? 0.84439 0.64926 1.09195 0.09620  -0.04242 -0.12410 125 VAL A CA  
754 C C   . VAL A 125 ? 1.04992 0.85666 1.29184 0.10434  -0.04051 -0.13677 125 VAL A C   
755 O O   . VAL A 125 ? 1.02291 0.84145 1.23894 0.11240  -0.02922 -0.13869 125 VAL A O   
756 C CB  . VAL A 125 ? 0.80995 0.60669 1.06580 0.09536  -0.04549 -0.10668 125 VAL A CB  
757 C CG1 . VAL A 125 ? 0.99990 0.78172 1.27914 0.09618  -0.05588 -0.10518 125 VAL A CG1 
758 C CG2 . VAL A 125 ? 0.84991 0.63762 1.12092 0.08362  -0.05233 -0.09001 125 VAL A CG2 
759 N N   . LYS A 126 ? 1.11686 0.91095 1.38333 0.10145  -0.05200 -0.14389 126 LYS A N   
760 C CA  . LYS A 126 ? 1.10914 0.90321 1.37372 0.10889  -0.05184 -0.15663 126 LYS A CA  
761 C C   . LYS A 126 ? 1.20192 1.01411 1.43268 0.11433  -0.03817 -0.16619 126 LYS A C   
762 O O   . LYS A 126 ? 1.21125 1.03156 1.43228 0.11021  -0.03548 -0.17038 126 LYS A O   
763 C CB  . LYS A 126 ? 1.06788 0.85634 1.33762 0.11550  -0.05251 -0.15252 126 LYS A CB  
764 C CG  . LYS A 126 ? 0.94429 0.71383 1.24838 0.10953  -0.06775 -0.14221 126 LYS A CG  
# 
